data_3HUJ
#
_entry.id   3HUJ
#
_cell.length_a   112.112
_cell.length_b   82.360
_cell.length_c   117.184
_cell.angle_alpha   90.00
_cell.angle_beta   101.26
_cell.angle_gamma   90.00
#
_symmetry.space_group_name_H-M   'P 1 2 1'
#
loop_
_entity.id
_entity.type
_entity.pdbx_description
1 polymer 'T-cell surface glycoprotein CD1d'
2 polymer Beta-2-microglobulin
3 polymer 'NKT15 T cell receptor alpha-chain'
4 polymer 'NKT15 T cell receptor beta-chain'
5 branched beta-D-mannopyranose-(1-4)-2-acetamido-2-deoxy-beta-D-glucopyranose
6 branched beta-D-mannopyranose-(1-3)-2-acetamido-2-deoxy-alpha-D-glucopyranose-(1-4)-2-acetamido-2-deoxy-beta-D-glucopyranose
7 non-polymer 2-acetamido-2-deoxy-beta-D-glucopyranose
8 non-polymer N-{(1S,2R,3S)-1-[(ALPHA-D-GALACTOPYRANOSYLOXY)METHYL]-2,3-DIHYDROXYHEPTADECYL}HEXACOSANAMIDE
9 non-polymer 'MAGNESIUM ION'
10 water water
#
loop_
_entity_poly.entity_id
_entity_poly.type
_entity_poly.pdbx_seq_one_letter_code
_entity_poly.pdbx_strand_id
1 'polypeptide(L)'
;SPGVPQRLFPLRCLQISSFANSSWTRTDGLAWLGELQTHSWSNDSDTVRSLKPWSQGTFSDQQWETLQHIFRVYRSSFTR
DVKEFAKMLRLSYPLELQVSAGCEVHPGNASNNFFHVAFQGKDILSFQGTSWEPTQEAPLWVNLAIQVLNQDKWTRETVQ
WLLNGTCPQFVSGLLESGKSELKKQVKPKAWLSRGPSPGPGRLLLVCHVSGFYPKPVWVKWMRGEQEQQGTQPGDILPNA
DETWYLRATLDVVAGEAAGLSCRVKHSSLEGQDIVLYWHHHHHH
;
A,C
2 'polypeptide(L)'
;IQRTPKIQVYSRHPAENGKSNFLNCYVSGFHPSDIEVDLLKNGERIEKVEHSDLSFSKDWSFYLLYYTEFTPTEKDEYAC
RVNHVTLSQPKIVKWDRDM
;
B,D
3 'polypeptide(L)'
;MKNQVEQSPQSLIILEGKNCTLQCNYTVSPFSNLRWYKQDTGRGPVSLTIMTFSENTKSNGRYTATLDADTKQSSLHITA
SQLSDSASYICVVSDRGSTLGRLYFGRGTQLTVWPDIQNPDPAVYQLRDSKSSDKSVCLFTDFDSQTNVSQSKDSDVYIT
DKCVLDMRSMDFKSNSAVAWSNKSDFACANAFNNSIIPEDTFFPSPESS
;
E,G
4 'polypeptide(L)'
;MEADIYQTPRYLVIGTGKKITLECSQTMGHDKMYWYQQDPGMELHLIHYSYGVNSTEKGDLSSESTVSRIRTEHFPLTLE
SARPSHTSQYLCASSGLRDRGLYEQYFGPGTRLTVTEDLKNVFPPEVAVFEPSEAEISHTQKATLVCLATGFYPDHVELS
WWVNGKEVHSGVCTDPQPLKEQPALNDSRYALSSRLRVSATFWQNPRNHFRCQVQFYGLSENDEWTQDRAKPVTQIVSAE
AWGRAD
;
F,H
#
loop_
_chem_comp.id
_chem_comp.type
_chem_comp.name
_chem_comp.formula
AGH D-saccharide N-{(1S,2R,3S)-1-[(ALPHA-D-GALACTOPYRANOSYLOXY)METHYL]-2,3-DIHYDROXYHEPTADECYL}HEXACOSANAMIDE 'C50 H99 N O9'
BMA D-saccharide, beta linking beta-D-mannopyranose 'C6 H12 O6'
MG non-polymer 'MAGNESIUM ION' 'Mg 2'
NAG D-saccharide, beta linking 2-acetamido-2-deoxy-beta-D-glucopyranose 'C8 H15 N O6'
NDG D-saccharide, alpha linking 2-acetamido-2-deoxy-alpha-D-glucopyranose 'C8 H15 N O6'
#
# COMPACT_ATOMS: atom_id res chain seq x y z
N ARG A 7 33.57 5.41 -31.51
CA ARG A 7 34.64 4.81 -30.66
C ARG A 7 34.51 5.19 -29.18
N LEU A 8 33.32 5.60 -28.75
CA LEU A 8 33.09 6.01 -27.35
C LEU A 8 31.77 5.51 -26.78
N PHE A 9 31.73 5.35 -25.45
CA PHE A 9 30.61 4.69 -24.78
C PHE A 9 30.19 5.37 -23.47
N PRO A 10 29.37 6.44 -23.57
CA PRO A 10 28.89 7.12 -22.35
C PRO A 10 28.01 6.23 -21.49
N LEU A 11 28.15 6.36 -20.18
CA LEU A 11 27.19 5.77 -19.25
C LEU A 11 26.13 6.81 -18.95
N ARG A 12 24.87 6.48 -19.23
CA ARG A 12 23.76 7.39 -19.01
C ARG A 12 22.79 6.81 -18.00
N CYS A 13 22.74 7.41 -16.81
CA CYS A 13 21.80 7.01 -15.78
C CYS A 13 20.58 7.91 -15.89
N LEU A 14 19.43 7.29 -16.10
CA LEU A 14 18.23 8.01 -16.51
C LEU A 14 17.14 7.80 -15.47
N GLN A 15 16.48 8.89 -15.11
CA GLN A 15 15.48 8.83 -14.05
C GLN A 15 14.23 9.50 -14.56
N ILE A 16 13.09 8.81 -14.39
CA ILE A 16 11.77 9.38 -14.66
C ILE A 16 11.01 9.39 -13.35
N SER A 17 10.55 10.58 -12.93
CA SER A 17 9.74 10.71 -11.73
C SER A 17 8.45 11.50 -12.00
N SER A 18 7.32 10.90 -11.60
CA SER A 18 5.99 11.43 -11.87
C SER A 18 5.17 11.69 -10.64
N PHE A 19 4.64 12.91 -10.54
CA PHE A 19 3.86 13.31 -9.39
C PHE A 19 2.49 13.72 -9.93
N ALA A 20 1.51 12.86 -9.69
CA ALA A 20 0.15 13.05 -10.16
C ALA A 20 -0.56 14.03 -9.25
N ASN A 21 -0.41 13.79 -7.94
CA ASN A 21 -0.89 14.66 -6.89
C ASN A 21 0.09 14.59 -5.72
N SER A 22 -0.20 15.30 -4.63
CA SER A 22 0.68 15.31 -3.46
C SER A 22 0.86 13.92 -2.85
N SER A 23 0.06 12.95 -3.30
CA SER A 23 -0.06 11.63 -2.67
C SER A 23 0.31 10.48 -3.58
N TRP A 24 0.45 10.75 -4.87
CA TRP A 24 0.71 9.67 -5.82
C TRP A 24 1.94 9.99 -6.66
N THR A 25 2.96 9.14 -6.55
CA THR A 25 4.18 9.33 -7.34
C THR A 25 4.84 8.00 -7.68
N ARG A 26 5.77 8.06 -8.62
CA ARG A 26 6.61 6.91 -8.96
C ARG A 26 7.96 7.42 -9.44
N THR A 27 9.01 6.66 -9.15
CA THR A 27 10.32 6.95 -9.67
C THR A 27 10.93 5.68 -10.23
N ASP A 28 11.24 5.73 -11.52
CA ASP A 28 11.89 4.62 -12.18
C ASP A 28 13.16 5.10 -12.82
N GLY A 29 14.08 4.17 -13.05
CA GLY A 29 15.32 4.52 -13.69
C GLY A 29 15.96 3.41 -14.46
N LEU A 30 17.00 3.76 -15.21
CA LEU A 30 17.77 2.80 -15.98
C LEU A 30 19.14 3.37 -16.32
N ALA A 31 20.07 2.50 -16.70
CA ALA A 31 21.41 2.93 -17.12
C ALA A 31 21.81 2.30 -18.44
N TRP A 32 22.34 3.13 -19.32
CA TRP A 32 22.82 2.73 -20.64
C TRP A 32 24.31 2.92 -20.74
N LEU A 33 25.02 1.87 -21.15
CA LEU A 33 26.41 2.03 -21.54
C LEU A 33 26.44 2.05 -23.07
N GLY A 34 26.54 3.26 -23.61
CA GLY A 34 26.32 3.48 -25.03
C GLY A 34 24.87 3.16 -25.35
N GLU A 35 24.67 2.13 -26.17
CA GLU A 35 23.34 1.73 -26.62
C GLU A 35 22.70 0.64 -25.74
N LEU A 36 23.52 -0.16 -25.05
CA LEU A 36 23.02 -1.26 -24.21
C LEU A 36 22.50 -0.80 -22.85
N GLN A 37 21.36 -1.32 -22.45
CA GLN A 37 20.82 -1.05 -21.12
C GLN A 37 21.44 -2.01 -20.14
N THR A 38 22.17 -1.47 -19.17
CA THR A 38 22.90 -2.28 -18.20
C THR A 38 22.16 -2.46 -16.88
N HIS A 39 21.25 -1.54 -16.56
CA HIS A 39 20.54 -1.58 -15.29
C HIS A 39 19.10 -1.15 -15.44
N SER A 40 18.29 -1.56 -14.47
CA SER A 40 16.90 -1.19 -14.40
C SER A 40 16.58 -0.91 -12.94
N TRP A 41 15.62 -0.04 -12.69
CA TRP A 41 15.34 0.34 -11.32
C TRP A 41 13.90 0.78 -11.23
N SER A 42 13.05 -0.10 -10.72
CA SER A 42 11.64 0.20 -10.70
C SER A 42 11.20 0.76 -9.35
N ASN A 43 10.16 1.57 -9.38
CA ASN A 43 9.59 2.19 -8.18
C ASN A 43 9.29 1.20 -7.07
N ASP A 44 8.91 -0.02 -7.46
CA ASP A 44 8.45 -1.00 -6.50
C ASP A 44 9.54 -1.96 -6.06
N SER A 45 10.77 -1.71 -6.51
CA SER A 45 11.91 -2.55 -6.15
C SER A 45 12.77 -1.91 -5.05
N ASP A 46 13.33 -2.76 -4.22
CA ASP A 46 14.21 -2.36 -3.12
C ASP A 46 15.57 -1.92 -3.64
N THR A 47 16.11 -2.68 -4.61
CA THR A 47 17.41 -2.38 -5.21
C THR A 47 17.33 -2.04 -6.71
N VAL A 48 18.40 -1.45 -7.23
CA VAL A 48 18.64 -1.37 -8.67
C VAL A 48 18.93 -2.78 -9.19
N ARG A 49 18.46 -3.07 -10.40
CA ARG A 49 18.66 -4.39 -11.02
C ARG A 49 19.80 -4.42 -12.05
N SER A 50 20.58 -5.50 -11.99
CA SER A 50 21.67 -5.76 -12.95
C SER A 50 21.15 -6.59 -14.13
N LEU A 51 21.12 -5.99 -15.32
CA LEU A 51 20.52 -6.60 -16.49
C LEU A 51 21.45 -7.48 -17.32
N LYS A 52 22.76 -7.32 -17.12
CA LYS A 52 23.76 -8.12 -17.81
C LYS A 52 24.59 -8.83 -16.75
N PRO A 53 25.19 -9.99 -17.09
CA PRO A 53 26.08 -10.67 -16.13
C PRO A 53 27.27 -9.79 -15.73
N TRP A 54 27.61 -8.83 -16.59
CA TRP A 54 28.74 -7.97 -16.37
C TRP A 54 28.33 -6.57 -15.92
N SER A 55 27.09 -6.44 -15.42
CA SER A 55 26.52 -5.13 -15.01
C SER A 55 27.24 -4.43 -13.85
N GLN A 56 28.04 -5.17 -13.09
CA GLN A 56 28.70 -4.63 -11.90
C GLN A 56 30.11 -4.09 -12.18
N GLY A 57 30.69 -4.47 -13.32
CA GLY A 57 32.03 -4.04 -13.68
C GLY A 57 33.07 -4.71 -12.82
N THR A 58 34.08 -3.94 -12.40
CA THR A 58 35.10 -4.41 -11.47
C THR A 58 34.74 -4.10 -10.02
N PHE A 59 33.62 -3.42 -9.81
CA PHE A 59 33.16 -3.04 -8.46
C PHE A 59 32.81 -4.26 -7.60
N SER A 60 33.28 -4.22 -6.36
CA SER A 60 33.02 -5.26 -5.36
C SER A 60 31.57 -5.21 -4.88
N ASP A 61 31.13 -6.31 -4.26
CA ASP A 61 29.81 -6.37 -3.62
C ASP A 61 29.57 -5.24 -2.64
N GLN A 62 30.55 -4.94 -1.79
CA GLN A 62 30.40 -3.86 -0.81
C GLN A 62 30.32 -2.49 -1.47
N GLN A 63 31.13 -2.27 -2.52
CA GLN A 63 31.11 -1.01 -3.25
C GLN A 63 29.81 -0.84 -4.01
N TRP A 64 29.28 -1.94 -4.54
CA TRP A 64 27.98 -1.91 -5.21
C TRP A 64 26.86 -1.64 -4.21
N GLU A 65 26.94 -2.30 -3.05
CA GLU A 65 25.96 -2.07 -1.98
C GLU A 65 25.98 -0.63 -1.46
N THR A 66 27.17 -0.02 -1.45
CA THR A 66 27.29 1.37 -1.05
C THR A 66 26.42 2.25 -1.95
N LEU A 67 26.62 2.13 -3.26
CA LEU A 67 25.78 2.78 -4.25
C LEU A 67 24.29 2.43 -4.10
N GLN A 68 24.01 1.18 -3.78
CA GLN A 68 22.65 0.71 -3.57
C GLN A 68 21.95 1.51 -2.48
N HIS A 69 22.63 1.69 -1.36
CA HIS A 69 22.11 2.47 -0.24
C HIS A 69 21.95 3.94 -0.62
N ILE A 70 22.96 4.51 -1.28
CA ILE A 70 22.86 5.87 -1.81
C ILE A 70 21.61 6.07 -2.69
N PHE A 71 21.47 5.24 -3.74
CA PHE A 71 20.29 5.30 -4.60
C PHE A 71 18.99 5.15 -3.80
N ARG A 72 19.01 4.29 -2.79
CA ARG A 72 17.84 4.07 -1.95
C ARG A 72 17.42 5.33 -1.21
N VAL A 73 18.38 6.01 -0.57
CA VAL A 73 18.12 7.24 0.16
C VAL A 73 17.78 8.38 -0.80
N TYR A 74 18.47 8.42 -1.94
CA TYR A 74 18.24 9.45 -2.93
C TYR A 74 16.80 9.47 -3.39
N ARG A 75 16.26 8.29 -3.69
CA ARG A 75 14.92 8.18 -4.26
C ARG A 75 13.84 8.74 -3.36
N SER A 76 13.85 8.31 -2.10
CA SER A 76 12.84 8.77 -1.13
C SER A 76 13.01 10.25 -0.80
N SER A 77 14.25 10.71 -0.75
CA SER A 77 14.52 12.11 -0.41
C SER A 77 14.17 13.07 -1.54
N PHE A 78 14.56 12.67 -2.77
CA PHE A 78 14.14 13.39 -3.99
C PHE A 78 12.61 13.58 -4.03
N THR A 79 11.88 12.48 -3.86
CA THR A 79 10.42 12.48 -3.93
C THR A 79 9.86 13.53 -2.98
N ARG A 80 10.34 13.51 -1.74
CA ARG A 80 9.87 14.47 -0.75
C ARG A 80 10.32 15.90 -1.04
N ASP A 81 11.56 16.08 -1.50
CA ASP A 81 12.03 17.44 -1.84
C ASP A 81 11.20 18.09 -2.95
N VAL A 82 10.90 17.33 -4.00
CA VAL A 82 9.99 17.83 -5.05
C VAL A 82 8.61 18.20 -4.49
N LYS A 83 8.04 17.36 -3.64
CA LYS A 83 6.75 17.67 -3.03
C LYS A 83 6.79 18.99 -2.27
N GLU A 84 7.86 19.21 -1.49
CA GLU A 84 7.98 20.41 -0.68
C GLU A 84 8.30 21.65 -1.54
N PHE A 85 9.12 21.46 -2.57
CA PHE A 85 9.31 22.51 -3.58
C PHE A 85 7.98 22.95 -4.22
N ALA A 86 7.12 21.98 -4.53
CA ALA A 86 5.78 22.24 -5.06
C ALA A 86 4.93 23.16 -4.17
N LYS A 87 4.95 22.91 -2.85
CA LYS A 87 4.28 23.82 -1.91
C LYS A 87 4.91 25.20 -1.96
N MET A 88 6.26 25.23 -1.97
CA MET A 88 7.02 26.48 -1.89
C MET A 88 6.79 27.33 -3.14
N LEU A 89 6.93 26.71 -4.30
CA LEU A 89 6.90 27.42 -5.58
C LEU A 89 5.49 27.49 -6.21
N ARG A 90 4.49 27.04 -5.46
CA ARG A 90 3.09 27.08 -5.90
C ARG A 90 2.90 26.49 -7.31
N LEU A 91 3.53 25.34 -7.55
CA LEU A 91 3.39 24.62 -8.81
C LEU A 91 2.26 23.62 -8.71
N SER A 92 1.44 23.56 -9.75
CA SER A 92 0.31 22.65 -9.82
C SER A 92 0.74 21.28 -10.29
N TYR A 93 0.18 20.25 -9.66
CA TYR A 93 0.28 18.89 -10.16
C TYR A 93 -0.58 18.75 -11.42
N PRO A 94 -0.25 17.78 -12.31
CA PRO A 94 0.85 16.80 -12.22
C PRO A 94 2.23 17.37 -12.54
N LEU A 95 3.27 16.72 -12.01
CA LEU A 95 4.65 17.16 -12.21
C LEU A 95 5.49 16.09 -12.86
N GLU A 96 6.33 16.51 -13.79
CA GLU A 96 7.23 15.60 -14.51
C GLU A 96 8.69 16.00 -14.36
N LEU A 97 9.46 15.14 -13.70
CA LEU A 97 10.87 15.40 -13.48
C LEU A 97 11.75 14.31 -14.04
N GLN A 98 12.78 14.70 -14.75
CA GLN A 98 13.69 13.73 -15.32
C GLN A 98 15.11 14.13 -14.98
N VAL A 99 15.95 13.12 -14.86
CA VAL A 99 17.37 13.33 -14.64
C VAL A 99 18.19 12.55 -15.64
N SER A 100 19.17 13.20 -16.25
CA SER A 100 20.18 12.54 -17.03
C SER A 100 21.50 12.79 -16.33
N ALA A 101 22.08 11.73 -15.76
CA ALA A 101 23.38 11.85 -15.07
C ALA A 101 24.35 10.76 -15.51
N GLY A 102 25.64 11.00 -15.34
CA GLY A 102 26.64 10.03 -15.74
C GLY A 102 27.91 10.66 -16.27
N CYS A 103 28.73 9.84 -16.92
CA CYS A 103 30.01 10.30 -17.45
C CYS A 103 30.41 9.56 -18.72
N GLU A 104 31.54 9.96 -19.29
CA GLU A 104 32.22 9.15 -20.29
C GLU A 104 33.74 9.26 -20.14
N VAL A 105 34.39 8.11 -20.10
CA VAL A 105 35.84 8.01 -20.00
C VAL A 105 36.45 8.19 -21.39
N HIS A 106 37.29 9.22 -21.52
CA HIS A 106 37.98 9.50 -22.78
C HIS A 106 39.36 8.85 -22.84
N PRO A 107 39.89 8.66 -24.07
CA PRO A 107 41.25 8.14 -24.24
C PRO A 107 42.28 8.94 -23.44
N GLY A 108 43.37 8.27 -23.07
CA GLY A 108 44.39 8.88 -22.22
C GLY A 108 43.97 8.93 -20.77
N ASN A 109 43.29 10.02 -20.39
CA ASN A 109 43.05 10.33 -18.98
C ASN A 109 41.67 10.93 -18.69
N ALA A 110 41.30 11.97 -19.43
CA ALA A 110 40.14 12.80 -19.11
C ALA A 110 38.79 12.06 -19.13
N SER A 111 37.81 12.68 -18.50
CA SER A 111 36.42 12.23 -18.53
C SER A 111 35.51 13.42 -18.27
N ASN A 112 34.48 13.58 -19.10
CA ASN A 112 33.45 14.56 -18.80
C ASN A 112 32.25 13.90 -18.16
N ASN A 113 31.55 14.65 -17.33
CA ASN A 113 30.40 14.13 -16.62
C ASN A 113 29.29 15.17 -16.68
N PHE A 114 28.08 14.77 -16.27
CA PHE A 114 26.90 15.60 -16.44
C PHE A 114 25.82 15.21 -15.44
N PHE A 115 25.04 16.19 -15.01
CA PHE A 115 23.87 15.94 -14.18
C PHE A 115 22.86 17.01 -14.55
N HIS A 116 21.96 16.66 -15.47
CA HIS A 116 20.95 17.59 -15.98
C HIS A 116 19.58 17.18 -15.47
N VAL A 117 18.77 18.17 -15.10
CA VAL A 117 17.39 17.88 -14.72
C VAL A 117 16.36 18.70 -15.49
N ALA A 118 15.23 18.06 -15.77
CA ALA A 118 14.20 18.64 -16.61
C ALA A 118 12.87 18.64 -15.89
N PHE A 119 12.05 19.65 -16.16
CA PHE A 119 10.75 19.78 -15.54
C PHE A 119 9.71 20.00 -16.63
N GLN A 120 8.69 19.15 -16.65
CA GLN A 120 7.67 19.16 -17.72
C GLN A 120 8.33 19.15 -19.11
N GLY A 121 9.45 18.44 -19.24
CA GLY A 121 10.10 18.25 -20.54
C GLY A 121 11.25 19.17 -20.90
N LYS A 122 11.42 20.25 -20.13
CA LYS A 122 12.44 21.28 -20.39
C LYS A 122 13.56 21.30 -19.33
N ASP A 123 14.78 21.61 -19.77
CA ASP A 123 15.91 21.76 -18.86
C ASP A 123 15.65 22.92 -17.89
N ILE A 124 15.91 22.68 -16.60
CA ILE A 124 15.78 23.75 -15.60
C ILE A 124 17.10 24.09 -14.88
N LEU A 125 17.90 23.07 -14.58
CA LEU A 125 19.16 23.26 -13.88
C LEU A 125 20.10 22.10 -14.16
N SER A 126 21.37 22.28 -13.80
CA SER A 126 22.35 21.18 -13.81
C SER A 126 23.40 21.30 -12.67
N PHE A 127 24.25 20.29 -12.52
CA PHE A 127 25.34 20.34 -11.57
C PHE A 127 26.61 20.72 -12.30
N GLN A 128 27.13 21.91 -11.97
CA GLN A 128 28.35 22.44 -12.56
C GLN A 128 29.47 22.55 -11.52
N GLY A 129 30.46 21.67 -11.64
CA GLY A 129 31.62 21.69 -10.77
C GLY A 129 31.30 21.26 -9.35
N THR A 130 30.79 22.20 -8.55
CA THR A 130 30.58 22.01 -7.12
C THR A 130 29.13 22.25 -6.72
N SER A 131 28.35 22.85 -7.63
CA SER A 131 27.08 23.45 -7.26
C SER A 131 25.99 23.39 -8.33
N TRP A 132 24.73 23.55 -7.91
CA TRP A 132 23.59 23.51 -8.81
C TRP A 132 23.43 24.82 -9.57
N GLU A 133 23.28 24.73 -10.88
CA GLU A 133 23.17 25.93 -11.72
C GLU A 133 21.94 25.89 -12.61
N PRO A 134 21.14 26.97 -12.58
CA PRO A 134 19.96 27.04 -13.44
C PRO A 134 20.39 27.05 -14.90
N THR A 135 19.48 26.67 -15.79
CA THR A 135 19.75 26.79 -17.22
C THR A 135 19.37 28.18 -17.70
N GLN A 136 19.93 28.58 -18.84
CA GLN A 136 19.85 29.97 -19.32
C GLN A 136 18.42 30.51 -19.45
N GLU A 137 17.51 29.68 -19.92
CA GLU A 137 16.15 30.11 -20.20
C GLU A 137 15.15 29.51 -19.20
N ALA A 138 15.64 29.20 -18.00
CA ALA A 138 14.78 28.64 -16.97
C ALA A 138 13.97 29.76 -16.34
N PRO A 139 12.74 29.45 -15.90
CA PRO A 139 11.92 30.49 -15.27
C PRO A 139 12.57 31.01 -13.97
N LEU A 140 12.07 32.12 -13.45
CA LEU A 140 12.63 32.71 -12.24
C LEU A 140 12.47 31.84 -10.99
N TRP A 141 11.38 31.08 -10.88
CA TRP A 141 11.17 30.25 -9.69
C TRP A 141 12.31 29.27 -9.48
N VAL A 142 12.99 28.92 -10.57
CA VAL A 142 14.12 27.99 -10.53
C VAL A 142 15.26 28.54 -9.64
N ASN A 143 15.46 29.85 -9.68
CA ASN A 143 16.40 30.52 -8.77
C ASN A 143 16.13 30.14 -7.32
N LEU A 144 14.86 30.17 -6.91
CA LEU A 144 14.47 29.85 -5.54
C LEU A 144 14.86 28.43 -5.12
N ALA A 145 14.75 27.49 -6.06
CA ALA A 145 15.13 26.10 -5.81
C ALA A 145 16.64 25.94 -5.70
N ILE A 146 17.36 26.64 -6.58
CA ILE A 146 18.82 26.64 -6.58
C ILE A 146 19.36 27.15 -5.25
N GLN A 147 18.80 28.26 -4.79
CA GLN A 147 19.10 28.82 -3.47
C GLN A 147 19.11 27.73 -2.39
N VAL A 148 18.04 26.94 -2.35
CA VAL A 148 17.86 25.98 -1.27
C VAL A 148 18.68 24.72 -1.47
N LEU A 149 18.77 24.24 -2.70
CA LEU A 149 19.59 23.11 -3.04
C LEU A 149 21.04 23.38 -2.69
N ASN A 150 21.51 24.56 -3.07
CA ASN A 150 22.89 24.94 -2.82
C ASN A 150 23.24 25.18 -1.34
N GLN A 151 22.24 25.14 -0.46
CA GLN A 151 22.47 25.11 0.99
C GLN A 151 23.02 23.77 1.51
N ASP A 152 22.71 22.69 0.80
CA ASP A 152 23.03 21.34 1.27
C ASP A 152 24.44 20.93 0.87
N LYS A 153 25.35 21.06 1.82
CA LYS A 153 26.78 20.84 1.57
C LYS A 153 27.09 19.36 1.34
N TRP A 154 26.52 18.49 2.16
CA TRP A 154 26.79 17.06 2.02
C TRP A 154 26.37 16.52 0.64
N THR A 155 25.20 16.95 0.17
CA THR A 155 24.66 16.49 -1.11
C THR A 155 25.51 16.99 -2.27
N ARG A 156 25.89 18.27 -2.22
CA ARG A 156 26.77 18.84 -3.24
C ARG A 156 28.10 18.09 -3.33
N GLU A 157 28.66 17.73 -2.18
CA GLU A 157 29.88 16.93 -2.14
C GLU A 157 29.67 15.51 -2.65
N THR A 158 28.53 14.92 -2.31
CA THR A 158 28.23 13.56 -2.71
C THR A 158 28.08 13.49 -4.23
N VAL A 159 27.35 14.43 -4.81
CA VAL A 159 27.22 14.52 -6.27
C VAL A 159 28.60 14.65 -6.94
N GLN A 160 29.47 15.50 -6.40
CA GLN A 160 30.86 15.60 -6.83
C GLN A 160 31.59 14.26 -6.82
N TRP A 161 31.46 13.53 -5.72
CA TRP A 161 32.14 12.25 -5.56
C TRP A 161 31.67 11.25 -6.62
N LEU A 162 30.35 11.22 -6.85
CA LEU A 162 29.75 10.29 -7.81
C LEU A 162 30.18 10.61 -9.25
N LEU A 163 30.04 11.88 -9.63
CA LEU A 163 30.33 12.33 -10.99
C LEU A 163 31.82 12.29 -11.33
N ASN A 164 32.66 12.76 -10.42
CA ASN A 164 34.10 12.90 -10.69
C ASN A 164 34.88 11.66 -10.30
N GLY A 165 34.40 10.93 -9.30
CA GLY A 165 35.12 9.79 -8.76
C GLY A 165 34.50 8.45 -9.10
N THR A 166 33.29 8.20 -8.61
CA THR A 166 32.65 6.89 -8.78
C THR A 166 32.38 6.56 -10.25
N CYS A 167 31.64 7.42 -10.94
CA CYS A 167 31.27 7.19 -12.33
C CYS A 167 32.45 6.79 -13.23
N PRO A 168 33.48 7.65 -13.36
CA PRO A 168 34.60 7.30 -14.24
C PRO A 168 35.28 5.99 -13.87
N GLN A 169 35.40 5.72 -12.57
CA GLN A 169 35.92 4.44 -12.09
C GLN A 169 35.01 3.29 -12.55
N PHE A 170 33.70 3.48 -12.38
CA PHE A 170 32.69 2.49 -12.73
C PHE A 170 32.68 2.15 -14.22
N VAL A 171 32.56 3.18 -15.06
CA VAL A 171 32.55 3.02 -16.51
C VAL A 171 33.82 2.33 -17.03
N SER A 172 34.94 2.56 -16.34
CA SER A 172 36.20 1.88 -16.68
C SER A 172 36.11 0.39 -16.45
N GLY A 173 35.43 0.01 -15.36
CA GLY A 173 35.20 -1.40 -15.06
C GLY A 173 34.20 -2.04 -16.01
N LEU A 174 33.14 -1.30 -16.35
CA LEU A 174 32.14 -1.75 -17.33
C LEU A 174 32.76 -1.96 -18.70
N LEU A 175 33.53 -0.97 -19.16
CA LEU A 175 34.18 -1.02 -20.48
C LEU A 175 35.05 -2.26 -20.64
N GLU A 176 35.73 -2.63 -19.55
CA GLU A 176 36.55 -3.82 -19.52
C GLU A 176 35.69 -5.07 -19.43
N SER A 177 34.72 -5.05 -18.51
CA SER A 177 33.91 -6.23 -18.20
C SER A 177 32.92 -6.63 -19.31
N GLY A 178 32.50 -5.67 -20.12
CA GLY A 178 31.58 -5.94 -21.24
C GLY A 178 32.24 -5.90 -22.61
N LYS A 179 33.57 -5.93 -22.62
CA LYS A 179 34.39 -5.73 -23.83
C LYS A 179 33.80 -6.43 -25.05
N SER A 180 33.67 -7.77 -24.96
CA SER A 180 33.17 -8.59 -26.05
C SER A 180 31.78 -8.17 -26.51
N GLU A 181 30.85 -8.01 -25.57
CA GLU A 181 29.46 -7.70 -25.89
C GLU A 181 29.32 -6.31 -26.54
N LEU A 182 30.22 -5.41 -26.17
CA LEU A 182 30.19 -4.03 -26.63
C LEU A 182 30.67 -3.86 -28.08
N LYS A 183 31.65 -4.65 -28.49
CA LYS A 183 32.19 -4.58 -29.86
C LYS A 183 31.66 -5.70 -30.77
N LYS A 184 30.67 -6.44 -30.28
CA LYS A 184 30.05 -7.56 -30.98
C LYS A 184 29.43 -7.13 -32.31
N GLN A 185 29.48 -8.03 -33.30
CA GLN A 185 28.84 -7.77 -34.59
C GLN A 185 27.78 -8.82 -34.94
N VAL A 186 26.58 -8.33 -35.25
CA VAL A 186 25.50 -9.19 -35.74
C VAL A 186 25.04 -8.67 -37.10
N LYS A 187 25.08 -9.55 -38.10
CA LYS A 187 24.73 -9.22 -39.49
C LYS A 187 23.23 -8.98 -39.68
N PRO A 188 22.87 -7.95 -40.47
CA PRO A 188 21.48 -7.68 -40.81
C PRO A 188 20.89 -8.59 -41.89
N LYS A 189 19.56 -8.57 -42.01
CA LYS A 189 18.85 -9.24 -43.09
C LYS A 189 17.89 -8.24 -43.73
N ALA A 190 17.88 -8.21 -45.06
CA ALA A 190 17.09 -7.21 -45.78
C ALA A 190 16.12 -7.82 -46.78
N TRP A 191 14.92 -7.23 -46.87
CA TRP A 191 13.92 -7.63 -47.86
C TRP A 191 13.13 -6.42 -48.37
N LEU A 192 12.60 -6.54 -49.58
CA LEU A 192 11.82 -5.47 -50.20
C LEU A 192 10.33 -5.74 -50.13
N SER A 193 9.54 -4.67 -50.13
CA SER A 193 8.08 -4.78 -50.20
C SER A 193 7.46 -3.56 -50.87
N ARG A 194 6.17 -3.65 -51.13
CA ARG A 194 5.42 -2.61 -51.82
C ARG A 194 4.40 -2.01 -50.84
N GLY A 195 4.62 -0.74 -50.47
CA GLY A 195 3.72 -0.05 -49.57
C GLY A 195 2.46 0.43 -50.27
N PRO A 196 1.55 1.10 -49.52
CA PRO A 196 0.34 1.66 -50.11
C PRO A 196 0.68 2.65 -51.22
N SER A 197 -0.10 2.64 -52.30
CA SER A 197 0.18 3.47 -53.46
C SER A 197 -0.05 4.96 -53.17
N PRO A 198 1.00 5.78 -53.37
CA PRO A 198 0.87 7.22 -53.20
C PRO A 198 0.36 7.92 -54.47
N GLY A 199 0.14 7.15 -55.53
CA GLY A 199 -0.29 7.68 -56.83
C GLY A 199 -1.80 7.79 -57.00
N PRO A 200 -2.32 7.41 -58.19
CA PRO A 200 -1.60 6.87 -59.35
C PRO A 200 -0.95 7.96 -60.21
N GLY A 201 0.03 7.60 -61.04
CA GLY A 201 0.53 6.23 -61.16
C GLY A 201 1.87 6.09 -60.47
N ARG A 202 1.86 6.31 -59.15
CA ARG A 202 3.09 6.27 -58.35
C ARG A 202 3.15 5.00 -57.50
N LEU A 203 4.36 4.49 -57.32
CA LEU A 203 4.61 3.28 -56.55
C LEU A 203 5.41 3.63 -55.29
N LEU A 204 5.09 2.96 -54.17
CA LEU A 204 5.86 3.14 -52.94
C LEU A 204 6.73 1.92 -52.67
N LEU A 205 8.04 2.07 -52.81
CA LEU A 205 8.99 0.97 -52.62
C LEU A 205 9.56 0.99 -51.21
N VAL A 206 9.65 -0.17 -50.58
CA VAL A 206 10.16 -0.24 -49.21
C VAL A 206 11.31 -1.24 -49.04
N CYS A 207 12.44 -0.74 -48.56
CA CYS A 207 13.57 -1.57 -48.19
C CYS A 207 13.66 -1.76 -46.66
N HIS A 208 13.38 -2.97 -46.19
CA HIS A 208 13.46 -3.31 -44.77
C HIS A 208 14.82 -3.92 -44.43
N VAL A 209 15.46 -3.40 -43.38
CA VAL A 209 16.68 -4.00 -42.83
C VAL A 209 16.50 -4.23 -41.33
N SER A 210 16.63 -5.48 -40.90
CA SER A 210 16.42 -5.86 -39.51
C SER A 210 17.45 -6.89 -39.06
N GLY A 211 17.85 -6.78 -37.79
CA GLY A 211 18.72 -7.77 -37.15
C GLY A 211 20.17 -7.39 -36.99
N PHE A 212 20.48 -6.11 -37.18
CA PHE A 212 21.87 -5.65 -37.12
C PHE A 212 22.27 -5.08 -35.76
N TYR A 213 23.55 -5.24 -35.44
CA TYR A 213 24.16 -4.75 -34.22
C TYR A 213 25.64 -4.49 -34.52
N PRO A 214 26.17 -3.31 -34.12
CA PRO A 214 25.52 -2.24 -33.36
C PRO A 214 24.74 -1.24 -34.22
N LYS A 215 24.28 -0.16 -33.58
CA LYS A 215 23.30 0.76 -34.18
C LYS A 215 23.67 1.46 -35.51
N PRO A 216 24.92 1.94 -35.66
CA PRO A 216 25.25 2.74 -36.85
C PRO A 216 25.19 1.97 -38.17
N VAL A 217 24.50 2.54 -39.15
CA VAL A 217 24.15 1.84 -40.38
C VAL A 217 23.95 2.84 -41.55
N TRP A 218 24.03 2.33 -42.78
CA TRP A 218 23.80 3.14 -43.98
C TRP A 218 22.88 2.40 -44.95
N VAL A 219 21.78 3.03 -45.32
CA VAL A 219 20.76 2.43 -46.18
C VAL A 219 20.26 3.48 -47.18
N LYS A 220 20.27 3.15 -48.47
CA LYS A 220 19.76 4.06 -49.50
C LYS A 220 19.33 3.38 -50.79
N TRP A 221 18.28 3.92 -51.40
CA TRP A 221 17.82 3.49 -52.72
C TRP A 221 18.70 4.07 -53.80
N MET A 222 18.97 3.27 -54.83
CA MET A 222 19.93 3.62 -55.86
C MET A 222 19.53 3.12 -57.23
N ARG A 223 19.91 3.88 -58.27
CA ARG A 223 19.86 3.39 -59.64
C ARG A 223 21.30 3.20 -60.10
N GLY A 224 21.76 1.95 -60.05
CA GLY A 224 23.16 1.64 -60.31
C GLY A 224 24.04 2.14 -59.19
N GLU A 225 25.00 2.99 -59.52
CA GLU A 225 25.93 3.56 -58.55
C GLU A 225 25.51 4.94 -58.06
N GLN A 226 24.36 5.42 -58.52
CA GLN A 226 23.85 6.74 -58.16
C GLN A 226 22.81 6.68 -57.04
N GLU A 227 22.94 7.55 -56.05
CA GLU A 227 22.00 7.65 -54.94
C GLU A 227 20.71 8.29 -55.40
N GLN A 228 19.59 7.87 -54.80
CA GLN A 228 18.31 8.50 -55.08
C GLN A 228 17.99 9.53 -54.00
N GLN A 229 18.36 10.77 -54.27
CA GLN A 229 17.98 11.89 -53.41
C GLN A 229 16.46 12.00 -53.43
N GLY A 230 15.85 11.85 -52.26
CA GLY A 230 14.41 11.67 -52.14
C GLY A 230 14.07 10.41 -51.36
N THR A 231 15.06 9.52 -51.24
CA THR A 231 14.96 8.35 -50.37
C THR A 231 14.85 8.83 -48.94
N GLN A 232 13.72 8.53 -48.31
CA GLN A 232 13.49 8.87 -46.92
C GLN A 232 13.79 7.66 -46.02
N PRO A 233 14.93 7.70 -45.29
CA PRO A 233 15.20 6.67 -44.29
C PRO A 233 14.32 6.92 -43.07
N GLY A 234 14.05 5.87 -42.30
CA GLY A 234 13.23 6.03 -41.10
C GLY A 234 14.07 6.25 -39.86
N ASP A 235 13.42 6.21 -38.70
CA ASP A 235 14.13 6.10 -37.43
C ASP A 235 14.68 4.69 -37.36
N ILE A 236 15.86 4.54 -36.76
CA ILE A 236 16.41 3.21 -36.49
C ILE A 236 15.65 2.66 -35.28
N LEU A 237 14.89 1.60 -35.50
CA LEU A 237 13.93 1.08 -34.51
C LEU A 237 14.46 -0.11 -33.73
N PRO A 238 14.18 -0.17 -32.41
CA PRO A 238 14.63 -1.29 -31.58
C PRO A 238 13.85 -2.60 -31.74
N ASN A 239 14.59 -3.70 -31.82
CA ASN A 239 14.01 -5.02 -31.67
C ASN A 239 14.18 -5.43 -30.21
N ALA A 240 13.38 -6.40 -29.79
CA ALA A 240 13.42 -6.91 -28.41
C ALA A 240 14.73 -7.57 -28.02
N ASP A 241 15.47 -8.09 -28.99
CA ASP A 241 16.72 -8.80 -28.72
C ASP A 241 17.94 -7.87 -28.86
N GLU A 242 17.67 -6.56 -28.73
CA GLU A 242 18.70 -5.53 -28.75
C GLU A 242 19.41 -5.38 -30.12
N THR A 243 18.84 -5.97 -31.17
CA THR A 243 19.23 -5.64 -32.55
C THR A 243 18.33 -4.50 -33.04
N TRP A 244 18.62 -3.99 -34.24
CA TRP A 244 17.93 -2.82 -34.76
C TRP A 244 17.21 -3.08 -36.10
N TYR A 245 16.25 -2.23 -36.42
CA TYR A 245 15.44 -2.33 -37.65
C TYR A 245 15.35 -0.98 -38.36
N LEU A 246 15.25 -1.01 -39.69
CA LEU A 246 15.13 0.22 -40.48
C LEU A 246 14.25 0.10 -41.73
N ARG A 247 13.54 1.17 -42.04
CA ARG A 247 12.60 1.22 -43.18
C ARG A 247 12.89 2.43 -44.10
N ALA A 248 13.60 2.19 -45.20
CA ALA A 248 13.87 3.22 -46.20
C ALA A 248 12.84 3.17 -47.32
N THR A 249 12.15 4.28 -47.55
CA THR A 249 11.11 4.37 -48.57
C THR A 249 11.56 5.16 -49.80
N LEU A 250 10.89 4.93 -50.92
CA LEU A 250 11.02 5.76 -52.12
C LEU A 250 9.70 5.80 -52.89
N ASP A 251 9.17 7.00 -53.08
CA ASP A 251 7.98 7.20 -53.91
C ASP A 251 8.39 7.59 -55.32
N VAL A 252 8.28 6.62 -56.23
CA VAL A 252 8.67 6.82 -57.63
C VAL A 252 7.48 6.61 -58.59
N VAL A 253 7.48 7.40 -59.66
CA VAL A 253 6.47 7.32 -60.72
C VAL A 253 6.56 6.00 -61.49
N ALA A 254 5.47 5.66 -62.19
CA ALA A 254 5.37 4.43 -62.99
C ALA A 254 5.43 3.18 -62.08
N GLY A 255 6.04 2.06 -62.46
CA GLY A 255 6.78 1.85 -63.71
C GLY A 255 8.28 1.90 -63.46
N GLU A 256 8.99 2.53 -64.39
CA GLU A 256 10.42 2.78 -64.23
C GLU A 256 10.65 3.84 -63.14
N ALA A 257 11.59 3.59 -62.23
CA ALA A 257 12.44 2.41 -62.21
C ALA A 257 11.98 1.43 -61.11
N ALA A 258 12.07 0.10 -61.31
CA ALA A 258 12.56 -0.63 -62.50
C ALA A 258 14.03 -0.39 -62.89
N GLY A 259 14.90 -1.24 -62.36
CA GLY A 259 16.35 -1.03 -62.47
C GLY A 259 16.85 -0.27 -61.27
N LEU A 260 16.07 -0.34 -60.19
CA LEU A 260 16.32 0.39 -58.95
C LEU A 260 16.77 -0.57 -57.85
N SER A 261 17.67 -0.12 -56.98
CA SER A 261 18.32 -1.01 -56.03
C SER A 261 18.52 -0.40 -54.63
N CYS A 262 18.07 -1.11 -53.60
CA CYS A 262 18.36 -0.73 -52.22
C CYS A 262 19.72 -1.24 -51.76
N ARG A 263 20.53 -0.35 -51.20
CA ARG A 263 21.88 -0.70 -50.76
C ARG A 263 22.04 -0.54 -49.24
N VAL A 264 22.51 -1.61 -48.60
CA VAL A 264 22.70 -1.63 -47.15
C VAL A 264 24.18 -1.75 -46.81
N LYS A 265 24.65 -0.83 -45.96
CA LYS A 265 26.02 -0.84 -45.48
C LYS A 265 26.06 -0.91 -43.94
N HIS A 266 26.66 -1.98 -43.43
CA HIS A 266 26.87 -2.15 -41.99
C HIS A 266 28.28 -2.68 -41.74
N SER A 267 28.69 -2.72 -40.48
CA SER A 267 30.03 -3.14 -40.09
C SER A 267 30.16 -4.66 -39.86
N SER A 268 29.19 -5.43 -40.33
CA SER A 268 29.04 -6.83 -39.90
C SER A 268 29.99 -7.91 -40.45
N LEU A 269 30.07 -8.18 -41.77
CA LEU A 269 29.61 -7.37 -42.94
C LEU A 269 30.73 -6.40 -43.31
N GLU A 270 31.86 -6.97 -43.74
CA GLU A 270 33.06 -6.19 -44.02
C GLU A 270 33.04 -5.58 -45.40
N GLY A 271 32.21 -4.55 -45.56
CA GLY A 271 32.07 -3.85 -46.84
C GLY A 271 31.41 -4.67 -47.93
N GLN A 272 30.99 -5.89 -47.60
CA GLN A 272 30.26 -6.74 -48.53
C GLN A 272 28.76 -6.42 -48.41
N ASP A 273 28.39 -5.27 -48.99
CA ASP A 273 27.05 -4.71 -48.88
C ASP A 273 25.96 -5.69 -49.32
N ILE A 274 24.79 -5.58 -48.69
CA ILE A 274 23.63 -6.33 -49.12
C ILE A 274 22.86 -5.52 -50.16
N VAL A 275 22.81 -6.05 -51.37
CA VAL A 275 22.13 -5.38 -52.47
C VAL A 275 20.85 -6.14 -52.83
N LEU A 276 19.77 -5.38 -53.01
CA LEU A 276 18.48 -5.95 -53.40
C LEU A 276 17.87 -5.14 -54.54
N TYR A 277 17.49 -5.84 -55.60
CA TYR A 277 16.97 -5.19 -56.81
C TYR A 277 15.47 -5.30 -56.90
N TRP A 278 14.83 -4.23 -57.34
CA TRP A 278 13.40 -4.24 -57.62
C TRP A 278 13.16 -4.74 -59.05
N HIS A 279 12.29 -5.74 -59.20
CA HIS A 279 11.59 -6.36 -58.08
C HIS A 279 12.02 -7.81 -57.84
N HIS A 280 12.73 -7.99 -56.74
CA HIS A 280 13.06 -9.32 -56.21
C HIS A 280 12.67 -9.32 -54.73
N HIS A 281 11.39 -9.62 -54.48
CA HIS A 281 10.79 -9.55 -53.16
C HIS A 281 9.69 -10.59 -52.99
N ILE B 1 -0.05 17.88 -20.79
CA ILE B 1 0.08 17.57 -22.24
C ILE B 1 1.11 18.47 -22.94
N GLN B 2 2.10 17.86 -23.58
CA GLN B 2 3.07 18.64 -24.36
C GLN B 2 3.38 18.07 -25.75
N ARG B 3 3.70 16.78 -25.81
CA ARG B 3 4.17 16.17 -27.06
C ARG B 3 3.43 14.88 -27.42
N THR B 4 2.96 14.80 -28.66
CA THR B 4 2.12 13.67 -29.09
C THR B 4 2.96 12.45 -29.48
N PRO B 5 2.51 11.25 -29.06
CA PRO B 5 3.19 10.00 -29.40
C PRO B 5 3.24 9.72 -30.90
N LYS B 6 4.41 9.26 -31.33
CA LYS B 6 4.65 8.80 -32.68
C LYS B 6 4.67 7.27 -32.56
N ILE B 7 3.89 6.59 -33.40
CA ILE B 7 3.69 5.14 -33.30
C ILE B 7 4.15 4.41 -34.58
N GLN B 8 4.95 3.36 -34.42
CA GLN B 8 5.46 2.59 -35.55
C GLN B 8 5.36 1.10 -35.27
N VAL B 9 4.74 0.37 -36.19
CA VAL B 9 4.40 -1.04 -36.01
C VAL B 9 5.08 -1.86 -37.07
N TYR B 10 5.83 -2.87 -36.66
CA TYR B 10 6.73 -3.61 -37.56
C TYR B 10 7.03 -4.99 -36.98
N SER B 11 7.57 -5.87 -37.82
CA SER B 11 7.90 -7.25 -37.42
C SER B 11 9.41 -7.46 -37.41
N ARG B 12 9.86 -8.35 -36.53
CA ARG B 12 11.28 -8.63 -36.36
C ARG B 12 11.85 -9.22 -37.64
N HIS B 13 11.15 -10.22 -38.16
CA HIS B 13 11.54 -10.93 -39.38
C HIS B 13 10.53 -10.63 -40.49
N PRO B 14 10.95 -10.81 -41.78
CA PRO B 14 9.98 -10.72 -42.86
C PRO B 14 8.82 -11.67 -42.60
N ALA B 15 7.60 -11.17 -42.78
CA ALA B 15 6.39 -11.93 -42.45
C ALA B 15 6.10 -13.07 -43.42
N GLU B 16 5.93 -14.27 -42.86
CA GLU B 16 5.51 -15.46 -43.61
C GLU B 16 4.40 -16.18 -42.85
N ASN B 17 3.24 -16.31 -43.48
CA ASN B 17 2.07 -16.92 -42.84
C ASN B 17 2.39 -18.31 -42.32
N GLY B 18 2.04 -18.56 -41.06
CA GLY B 18 2.31 -19.84 -40.42
C GLY B 18 3.65 -19.90 -39.69
N LYS B 19 4.53 -18.94 -39.96
CA LYS B 19 5.85 -18.95 -39.34
C LYS B 19 5.98 -17.94 -38.20
N SER B 20 6.39 -18.43 -37.04
CA SER B 20 6.54 -17.65 -35.82
C SER B 20 7.47 -16.45 -35.98
N ASN B 21 7.09 -15.34 -35.37
CA ASN B 21 7.74 -14.05 -35.53
C ASN B 21 7.48 -13.19 -34.28
N PHE B 22 7.91 -11.93 -34.31
CA PHE B 22 7.64 -10.98 -33.23
C PHE B 22 6.95 -9.72 -33.77
N LEU B 23 5.91 -9.29 -33.08
CA LEU B 23 5.26 -8.05 -33.44
C LEU B 23 5.76 -6.93 -32.52
N ASN B 24 6.34 -5.90 -33.12
CA ASN B 24 6.87 -4.75 -32.37
C ASN B 24 6.04 -3.49 -32.57
N CYS B 25 5.76 -2.80 -31.45
CA CYS B 25 5.25 -1.43 -31.51
C CYS B 25 6.20 -0.52 -30.76
N TYR B 26 6.59 0.57 -31.41
CA TYR B 26 7.53 1.54 -30.87
C TYR B 26 6.86 2.90 -30.78
N VAL B 27 6.59 3.32 -29.55
CA VAL B 27 5.93 4.59 -29.28
C VAL B 27 6.97 5.59 -28.76
N SER B 28 7.05 6.77 -29.38
CA SER B 28 8.13 7.71 -29.09
C SER B 28 7.75 9.18 -29.35
N GLY B 29 8.64 10.10 -28.93
CA GLY B 29 8.40 11.53 -29.08
C GLY B 29 7.33 12.08 -28.16
N PHE B 30 6.95 11.32 -27.13
CA PHE B 30 5.86 11.77 -26.26
C PHE B 30 6.30 12.38 -24.94
N HIS B 31 5.41 13.20 -24.39
CA HIS B 31 5.59 13.81 -23.08
C HIS B 31 4.22 14.30 -22.62
N PRO B 32 3.84 13.99 -21.36
CA PRO B 32 4.57 13.27 -20.31
C PRO B 32 4.56 11.74 -20.42
N SER B 33 5.04 11.06 -19.39
CA SER B 33 5.35 9.63 -19.46
C SER B 33 4.12 8.74 -19.32
N ASP B 34 3.05 9.31 -18.78
CA ASP B 34 1.82 8.57 -18.59
C ASP B 34 1.21 8.24 -19.95
N ILE B 35 1.19 6.95 -20.26
CA ILE B 35 0.73 6.46 -21.55
C ILE B 35 0.17 5.03 -21.41
N GLU B 36 -0.70 4.64 -22.34
CA GLU B 36 -1.19 3.28 -22.40
C GLU B 36 -1.00 2.73 -23.80
N VAL B 37 -0.32 1.59 -23.90
CA VAL B 37 0.01 0.95 -25.17
C VAL B 37 -0.46 -0.50 -25.14
N ASP B 38 -1.24 -0.88 -26.16
CA ASP B 38 -1.82 -2.21 -26.27
C ASP B 38 -1.60 -2.80 -27.66
N LEU B 39 -1.20 -4.06 -27.71
CA LEU B 39 -1.11 -4.78 -28.97
C LEU B 39 -2.41 -5.54 -29.23
N LEU B 40 -3.00 -5.27 -30.40
CA LEU B 40 -4.28 -5.83 -30.80
C LEU B 40 -4.15 -6.97 -31.79
N LYS B 41 -4.99 -7.98 -31.61
CA LYS B 41 -5.20 -9.02 -32.61
C LYS B 41 -6.69 -9.06 -32.90
N ASN B 42 -7.03 -8.74 -34.15
CA ASN B 42 -8.43 -8.60 -34.59
C ASN B 42 -9.21 -7.57 -33.77
N GLY B 43 -8.47 -6.57 -33.28
CA GLY B 43 -9.04 -5.46 -32.52
C GLY B 43 -9.12 -5.72 -31.04
N GLU B 44 -8.71 -6.92 -30.62
CA GLU B 44 -8.71 -7.22 -29.19
C GLU B 44 -7.31 -7.28 -28.60
N ARG B 45 -7.20 -6.77 -27.37
CA ARG B 45 -5.93 -6.66 -26.65
C ARG B 45 -5.26 -8.02 -26.45
N ILE B 46 -3.99 -8.10 -26.84
CA ILE B 46 -3.15 -9.26 -26.53
C ILE B 46 -2.64 -9.10 -25.10
N GLU B 47 -2.78 -10.15 -24.29
CA GLU B 47 -2.38 -10.07 -22.88
C GLU B 47 -0.91 -10.46 -22.62
N LYS B 48 -0.40 -11.40 -23.41
CA LYS B 48 1.00 -11.86 -23.34
C LYS B 48 1.98 -10.89 -23.99
N VAL B 49 2.07 -9.65 -23.48
CA VAL B 49 2.95 -8.66 -24.08
C VAL B 49 4.04 -8.17 -23.13
N GLU B 50 5.27 -8.17 -23.62
CA GLU B 50 6.40 -7.65 -22.86
C GLU B 50 6.71 -6.25 -23.38
N HIS B 51 7.36 -5.44 -22.53
CA HIS B 51 7.78 -4.11 -22.94
C HIS B 51 9.13 -3.77 -22.32
N SER B 52 9.89 -2.93 -23.02
CA SER B 52 11.14 -2.38 -22.52
C SER B 52 10.81 -1.40 -21.42
N ASP B 53 11.83 -1.05 -20.63
CA ASP B 53 11.66 0.01 -19.66
C ASP B 53 11.50 1.34 -20.38
N LEU B 54 10.46 2.06 -19.98
CA LEU B 54 10.26 3.45 -20.36
C LEU B 54 11.61 4.15 -20.31
N SER B 55 11.97 4.80 -21.40
CA SER B 55 13.20 5.56 -21.45
C SER B 55 12.94 6.89 -22.15
N PHE B 56 13.98 7.70 -22.30
CA PHE B 56 13.83 8.97 -22.99
C PHE B 56 15.04 9.33 -23.85
N SER B 57 14.82 10.22 -24.82
CA SER B 57 15.84 10.62 -25.77
C SER B 57 16.48 11.94 -25.36
N LYS B 58 17.39 12.46 -26.20
CA LYS B 58 18.16 13.66 -25.85
C LYS B 58 17.30 14.91 -25.60
N ASP B 59 16.14 14.95 -26.23
CA ASP B 59 15.24 16.09 -26.12
C ASP B 59 14.24 15.89 -24.96
N TRP B 60 14.47 14.86 -24.14
CA TRP B 60 13.65 14.51 -22.97
C TRP B 60 12.31 13.85 -23.30
N SER B 61 12.01 13.63 -24.57
CA SER B 61 10.78 12.95 -24.94
C SER B 61 10.94 11.46 -24.69
N PHE B 62 9.83 10.82 -24.35
CA PHE B 62 9.82 9.43 -23.93
C PHE B 62 9.62 8.45 -25.08
N TYR B 63 10.15 7.23 -24.89
CA TYR B 63 9.92 6.14 -25.83
C TYR B 63 9.81 4.77 -25.18
N LEU B 64 8.98 3.92 -25.79
CA LEU B 64 8.66 2.57 -25.34
C LEU B 64 8.58 1.59 -26.50
N LEU B 65 9.14 0.40 -26.31
CA LEU B 65 8.94 -0.71 -27.24
C LEU B 65 8.05 -1.76 -26.59
N TYR B 66 6.91 -2.03 -27.22
CA TYR B 66 6.05 -3.13 -26.84
C TYR B 66 6.20 -4.25 -27.85
N TYR B 67 6.24 -5.49 -27.36
CA TYR B 67 6.45 -6.62 -28.24
C TYR B 67 5.79 -7.92 -27.79
N THR B 68 5.45 -8.74 -28.77
CA THR B 68 4.93 -10.07 -28.51
C THR B 68 5.38 -11.06 -29.57
N GLU B 69 5.52 -12.32 -29.16
CA GLU B 69 5.69 -13.44 -30.08
C GLU B 69 4.35 -13.64 -30.77
N PHE B 70 4.37 -13.94 -32.07
CA PHE B 70 3.13 -14.19 -32.82
C PHE B 70 3.35 -14.94 -34.12
N THR B 71 2.31 -15.65 -34.55
CA THR B 71 2.31 -16.32 -35.84
C THR B 71 1.31 -15.61 -36.77
N PRO B 72 1.81 -14.92 -37.81
CA PRO B 72 0.90 -14.22 -38.72
C PRO B 72 0.18 -15.13 -39.73
N THR B 73 -1.09 -14.83 -39.97
CA THR B 73 -1.86 -15.52 -40.99
C THR B 73 -2.42 -14.52 -42.00
N GLU B 74 -3.26 -15.00 -42.91
CA GLU B 74 -3.85 -14.18 -43.94
C GLU B 74 -4.91 -13.24 -43.37
N LYS B 75 -5.75 -13.76 -42.49
CA LYS B 75 -6.93 -13.02 -42.04
C LYS B 75 -6.82 -12.40 -40.64
N ASP B 76 -5.74 -12.71 -39.92
CA ASP B 76 -5.49 -12.10 -38.62
C ASP B 76 -4.94 -10.69 -38.82
N GLU B 77 -5.69 -9.70 -38.34
CA GLU B 77 -5.27 -8.30 -38.36
C GLU B 77 -4.57 -7.92 -37.04
N TYR B 78 -3.46 -7.21 -37.15
CA TYR B 78 -2.68 -6.82 -35.98
C TYR B 78 -2.47 -5.31 -35.92
N ALA B 79 -2.58 -4.76 -34.70
CA ALA B 79 -2.50 -3.32 -34.51
C ALA B 79 -1.90 -2.92 -33.14
N CYS B 80 -1.68 -1.62 -32.98
CA CYS B 80 -1.13 -1.06 -31.76
C CYS B 80 -1.96 0.14 -31.35
N ARG B 81 -2.47 0.10 -30.12
CA ARG B 81 -3.39 1.12 -29.63
C ARG B 81 -2.78 1.90 -28.48
N VAL B 82 -2.73 3.21 -28.65
CA VAL B 82 -2.11 4.11 -27.70
C VAL B 82 -3.11 5.16 -27.26
N ASN B 83 -3.30 5.26 -25.95
CA ASN B 83 -4.01 6.39 -25.38
C ASN B 83 -3.03 7.26 -24.60
N HIS B 84 -3.27 8.56 -24.64
CA HIS B 84 -2.35 9.55 -24.10
C HIS B 84 -3.05 10.91 -24.03
N VAL B 85 -2.64 11.72 -23.06
CA VAL B 85 -3.21 13.05 -22.80
C VAL B 85 -3.33 13.96 -24.04
N THR B 86 -2.39 13.82 -24.97
CA THR B 86 -2.37 14.62 -26.21
C THR B 86 -3.42 14.17 -27.23
N LEU B 87 -3.95 12.96 -27.04
CA LEU B 87 -4.91 12.37 -27.97
C LEU B 87 -6.35 12.58 -27.51
N SER B 88 -7.21 12.95 -28.45
CA SER B 88 -8.65 13.11 -28.19
C SER B 88 -9.28 11.75 -27.97
N GLN B 89 -8.78 10.75 -28.69
CA GLN B 89 -9.22 9.36 -28.59
C GLN B 89 -8.01 8.45 -28.82
N PRO B 90 -8.11 7.17 -28.40
CA PRO B 90 -6.99 6.25 -28.65
C PRO B 90 -6.60 6.18 -30.13
N LYS B 91 -5.31 6.08 -30.40
CA LYS B 91 -4.82 6.01 -31.76
C LYS B 91 -4.42 4.59 -32.09
N ILE B 92 -4.96 4.09 -33.20
CA ILE B 92 -4.66 2.75 -33.68
C ILE B 92 -3.84 2.86 -34.95
N VAL B 93 -2.73 2.13 -34.97
CA VAL B 93 -1.91 2.01 -36.15
C VAL B 93 -1.83 0.53 -36.47
N LYS B 94 -2.36 0.18 -37.64
CA LYS B 94 -2.40 -1.21 -38.08
C LYS B 94 -1.03 -1.66 -38.55
N TRP B 95 -0.80 -2.96 -38.49
CA TRP B 95 0.42 -3.55 -39.03
C TRP B 95 0.24 -3.89 -40.51
N ASP B 96 1.09 -3.30 -41.36
CA ASP B 96 0.98 -3.47 -42.82
C ASP B 96 1.93 -4.54 -43.37
N ARG B 97 1.41 -5.34 -44.29
CA ARG B 97 2.18 -6.40 -44.95
C ARG B 97 3.15 -5.81 -45.99
N GLN C 6 31.70 -31.11 -1.76
CA GLN C 6 32.68 -32.02 -2.45
C GLN C 6 32.37 -32.24 -3.93
N ARG C 7 31.17 -32.73 -4.24
CA ARG C 7 30.78 -33.06 -5.62
C ARG C 7 29.26 -33.16 -5.88
N LEU C 8 28.45 -33.23 -4.83
CA LEU C 8 26.99 -33.15 -4.99
C LEU C 8 26.48 -31.75 -4.62
N PHE C 9 25.67 -31.18 -5.49
CA PHE C 9 25.19 -29.80 -5.31
C PHE C 9 23.68 -29.64 -5.53
N PRO C 10 22.88 -30.18 -4.61
CA PRO C 10 21.42 -30.10 -4.82
C PRO C 10 20.95 -28.67 -4.91
N LEU C 11 20.04 -28.40 -5.85
CA LEU C 11 19.36 -27.12 -5.90
C LEU C 11 18.12 -27.20 -5.02
N ARG C 12 18.10 -26.41 -3.96
CA ARG C 12 16.99 -26.41 -3.02
C ARG C 12 16.22 -25.09 -3.10
N CYS C 13 15.04 -25.12 -3.70
CA CYS C 13 14.21 -23.94 -3.80
C CYS C 13 13.30 -23.96 -2.60
N LEU C 14 13.54 -22.99 -1.73
CA LEU C 14 12.94 -22.96 -0.43
C LEU C 14 11.95 -21.83 -0.41
N GLN C 15 10.80 -22.07 0.19
CA GLN C 15 9.71 -21.09 0.27
C GLN C 15 9.15 -21.03 1.69
N ILE C 16 8.90 -19.81 2.16
CA ILE C 16 8.34 -19.59 3.49
C ILE C 16 7.09 -18.72 3.38
N SER C 17 5.92 -19.33 3.57
CA SER C 17 4.66 -18.60 3.51
C SER C 17 3.99 -18.57 4.86
N SER C 18 3.71 -17.36 5.33
CA SER C 18 3.17 -17.14 6.66
C SER C 18 1.81 -16.46 6.60
N PHE C 19 0.83 -17.04 7.27
CA PHE C 19 -0.54 -16.55 7.24
C PHE C 19 -0.96 -16.18 8.65
N ALA C 20 -0.82 -14.91 8.99
CA ALA C 20 -1.22 -14.43 10.30
C ALA C 20 -2.72 -14.57 10.47
N ASN C 21 -3.46 -14.18 9.41
CA ASN C 21 -4.91 -14.18 9.35
C ASN C 21 -5.30 -14.16 7.86
N SER C 22 -6.60 -14.20 7.55
CA SER C 22 -7.02 -14.30 6.15
C SER C 22 -6.76 -13.05 5.31
N SER C 23 -6.38 -11.95 5.98
CA SER C 23 -6.14 -10.68 5.29
C SER C 23 -4.70 -10.17 5.41
N TRP C 24 -3.84 -10.98 6.02
CA TRP C 24 -2.43 -10.64 6.20
C TRP C 24 -1.59 -11.88 5.94
N THR C 25 -0.74 -11.78 4.93
CA THR C 25 0.07 -12.90 4.48
C THR C 25 1.36 -12.38 3.83
N ARG C 26 2.41 -13.19 3.88
CA ARG C 26 3.61 -12.96 3.05
C ARG C 26 4.21 -14.27 2.60
N THR C 27 4.82 -14.26 1.42
CA THR C 27 5.57 -15.41 0.90
C THR C 27 6.95 -14.94 0.49
N ASP C 28 7.97 -15.58 1.07
CA ASP C 28 9.35 -15.28 0.71
C ASP C 28 10.03 -16.57 0.34
N GLY C 29 10.87 -16.51 -0.69
CA GLY C 29 11.55 -17.69 -1.17
C GLY C 29 13.00 -17.43 -1.50
N LEU C 30 13.74 -18.52 -1.75
CA LEU C 30 15.16 -18.43 -2.02
C LEU C 30 15.68 -19.74 -2.58
N ALA C 31 16.77 -19.64 -3.34
CA ALA C 31 17.36 -20.83 -3.92
C ALA C 31 18.80 -21.00 -3.50
N TRP C 32 19.13 -22.25 -3.15
CA TRP C 32 20.48 -22.65 -2.79
C TRP C 32 21.01 -23.67 -3.80
N LEU C 33 22.31 -23.64 -4.04
CA LEU C 33 22.96 -24.62 -4.89
C LEU C 33 24.17 -25.13 -4.13
N GLY C 34 24.06 -26.36 -3.61
CA GLY C 34 24.97 -26.83 -2.57
C GLY C 34 24.78 -25.94 -1.36
N GLU C 35 25.86 -25.26 -0.96
CA GLU C 35 25.82 -24.40 0.23
C GLU C 35 25.58 -22.93 -0.10
N LEU C 36 25.73 -22.56 -1.37
CA LEU C 36 25.59 -21.18 -1.81
C LEU C 36 24.15 -20.78 -2.09
N GLN C 37 23.75 -19.59 -1.64
CA GLN C 37 22.46 -19.03 -2.01
C GLN C 37 22.57 -18.29 -3.35
N THR C 38 21.82 -18.75 -4.35
CA THR C 38 21.91 -18.21 -5.73
C THR C 38 20.81 -17.19 -6.10
N HIS C 39 19.67 -17.25 -5.41
CA HIS C 39 18.51 -16.44 -5.74
C HIS C 39 17.75 -16.04 -4.49
N SER C 40 16.94 -15.00 -4.63
CA SER C 40 16.26 -14.39 -3.52
C SER C 40 14.93 -13.87 -4.05
N TRP C 41 13.86 -14.17 -3.33
CA TRP C 41 12.52 -13.82 -3.79
C TRP C 41 11.67 -13.29 -2.65
N SER C 42 11.56 -11.98 -2.60
CA SER C 42 10.91 -11.31 -1.50
C SER C 42 9.46 -11.03 -1.85
N ASN C 43 8.59 -11.10 -0.85
CA ASN C 43 7.19 -10.77 -0.98
C ASN C 43 6.93 -9.42 -1.64
N ASP C 44 7.80 -8.46 -1.39
CA ASP C 44 7.62 -7.11 -1.92
C ASP C 44 8.16 -6.97 -3.35
N SER C 45 8.66 -8.06 -3.92
CA SER C 45 9.25 -8.03 -5.26
C SER C 45 8.35 -8.68 -6.31
N ASP C 46 8.41 -8.12 -7.51
CA ASP C 46 7.68 -8.66 -8.65
C ASP C 46 8.41 -9.85 -9.25
N THR C 47 9.71 -9.96 -9.00
CA THR C 47 10.53 -11.00 -9.63
C THR C 47 11.44 -11.75 -8.64
N VAL C 48 11.95 -12.90 -9.09
CA VAL C 48 13.06 -13.56 -8.43
C VAL C 48 14.33 -12.76 -8.73
N ARG C 49 14.99 -12.29 -7.67
CA ARG C 49 16.23 -11.53 -7.83
C ARG C 49 17.42 -12.51 -7.93
N SER C 50 18.41 -12.15 -8.75
CA SER C 50 19.66 -12.90 -8.81
C SER C 50 20.67 -12.34 -7.82
N LEU C 51 21.48 -13.24 -7.25
CA LEU C 51 22.48 -12.83 -6.28
C LEU C 51 23.92 -13.02 -6.78
N LYS C 52 24.11 -13.92 -7.75
CA LYS C 52 25.41 -14.17 -8.35
C LYS C 52 25.43 -13.72 -9.82
N PRO C 53 26.59 -13.26 -10.30
CA PRO C 53 26.78 -13.00 -11.73
C PRO C 53 26.32 -14.15 -12.63
N TRP C 54 26.30 -15.36 -12.09
CA TRP C 54 26.01 -16.57 -12.87
C TRP C 54 24.71 -17.27 -12.45
N SER C 55 23.85 -16.56 -11.72
CA SER C 55 22.60 -17.13 -11.22
C SER C 55 21.63 -17.64 -12.31
N GLN C 56 21.61 -16.98 -13.46
CA GLN C 56 20.75 -17.42 -14.57
C GLN C 56 21.22 -18.72 -15.23
N GLY C 57 22.49 -19.07 -15.04
CA GLY C 57 23.04 -20.30 -15.59
C GLY C 57 23.28 -20.15 -17.08
N THR C 58 22.70 -21.08 -17.85
CA THR C 58 22.76 -21.03 -19.31
C THR C 58 21.41 -20.68 -19.91
N PHE C 59 20.41 -20.44 -19.05
CA PHE C 59 19.08 -20.06 -19.50
C PHE C 59 19.06 -18.68 -20.14
N SER C 60 18.33 -18.55 -21.24
CA SER C 60 18.18 -17.28 -21.92
C SER C 60 17.21 -16.37 -21.16
N ASP C 61 17.27 -15.07 -21.44
CA ASP C 61 16.39 -14.10 -20.83
C ASP C 61 14.93 -14.56 -20.86
N GLN C 62 14.47 -14.91 -22.06
CA GLN C 62 13.08 -15.38 -22.27
C GLN C 62 12.76 -16.67 -21.51
N GLN C 63 13.71 -17.61 -21.50
CA GLN C 63 13.55 -18.85 -20.72
C GLN C 63 13.40 -18.53 -19.24
N TRP C 64 14.24 -17.62 -18.76
CA TRP C 64 14.20 -17.17 -17.37
C TRP C 64 12.91 -16.41 -17.07
N GLU C 65 12.48 -15.59 -18.03
CA GLU C 65 11.25 -14.80 -17.90
C GLU C 65 10.00 -15.68 -17.89
N THR C 66 10.06 -16.79 -18.63
CA THR C 66 8.99 -17.79 -18.64
C THR C 66 8.84 -18.39 -17.24
N LEU C 67 9.95 -18.90 -16.73
CA LEU C 67 10.05 -19.37 -15.35
C LEU C 67 9.63 -18.31 -14.33
N GLN C 68 9.89 -17.05 -14.66
CA GLN C 68 9.53 -15.92 -13.82
C GLN C 68 8.01 -15.74 -13.76
N HIS C 69 7.38 -15.65 -14.93
CA HIS C 69 5.91 -15.60 -15.01
C HIS C 69 5.25 -16.77 -14.25
N ILE C 70 5.83 -17.96 -14.37
CA ILE C 70 5.35 -19.13 -13.62
C ILE C 70 5.38 -18.94 -12.11
N PHE C 71 6.46 -18.35 -11.59
CA PHE C 71 6.55 -18.08 -10.15
C PHE C 71 5.55 -17.03 -9.69
N ARG C 72 5.36 -16.00 -10.51
CA ARG C 72 4.45 -14.89 -10.19
C ARG C 72 3.03 -15.40 -9.90
N VAL C 73 2.44 -16.12 -10.87
CA VAL C 73 1.11 -16.68 -10.72
C VAL C 73 1.07 -17.71 -9.58
N TYR C 74 2.16 -18.47 -9.43
CA TYR C 74 2.27 -19.48 -8.39
C TYR C 74 2.15 -18.92 -6.98
N ARG C 75 2.82 -17.80 -6.73
CA ARG C 75 2.82 -17.21 -5.39
C ARG C 75 1.43 -16.71 -5.06
N SER C 76 0.85 -15.97 -6.00
CA SER C 76 -0.47 -15.38 -5.90
C SER C 76 -1.61 -16.42 -5.82
N SER C 77 -1.47 -17.55 -6.52
CA SER C 77 -2.50 -18.58 -6.50
C SER C 77 -2.37 -19.49 -5.28
N PHE C 78 -1.14 -19.78 -4.90
CA PHE C 78 -0.83 -20.50 -3.66
C PHE C 78 -1.49 -19.80 -2.47
N THR C 79 -1.31 -18.47 -2.41
CA THR C 79 -1.85 -17.63 -1.34
C THR C 79 -3.36 -17.81 -1.20
N ARG C 80 -4.06 -17.71 -2.32
CA ARG C 80 -5.51 -17.86 -2.34
C ARG C 80 -5.90 -19.31 -1.98
N ASP C 81 -5.20 -20.29 -2.54
CA ASP C 81 -5.55 -21.70 -2.36
C ASP C 81 -5.50 -22.10 -0.89
N VAL C 82 -4.35 -21.85 -0.26
CA VAL C 82 -4.16 -22.03 1.18
C VAL C 82 -5.30 -21.41 1.99
N LYS C 83 -5.66 -20.16 1.67
CA LYS C 83 -6.75 -19.47 2.35
C LYS C 83 -8.07 -20.22 2.19
N GLU C 84 -8.34 -20.73 1.00
CA GLU C 84 -9.55 -21.52 0.76
C GLU C 84 -9.50 -22.86 1.49
N PHE C 85 -8.30 -23.44 1.58
CA PHE C 85 -8.11 -24.68 2.33
C PHE C 85 -8.44 -24.48 3.80
N ALA C 86 -8.07 -23.32 4.34
CA ALA C 86 -8.36 -22.98 5.74
C ALA C 86 -9.87 -22.97 6.02
N LYS C 87 -10.63 -22.38 5.09
CA LYS C 87 -12.08 -22.38 5.17
C LYS C 87 -12.64 -23.80 5.03
N MET C 88 -12.12 -24.54 4.06
CA MET C 88 -12.56 -25.90 3.78
C MET C 88 -12.29 -26.86 4.94
N LEU C 89 -11.03 -26.90 5.37
CA LEU C 89 -10.53 -27.89 6.33
C LEU C 89 -10.56 -27.41 7.79
N ARG C 90 -11.40 -26.43 8.09
CA ARG C 90 -11.58 -25.87 9.45
C ARG C 90 -10.26 -25.75 10.22
N LEU C 91 -9.29 -25.10 9.59
CA LEU C 91 -7.98 -24.85 10.19
C LEU C 91 -7.92 -23.42 10.72
N SER C 92 -7.17 -23.22 11.80
CA SER C 92 -7.11 -21.93 12.47
C SER C 92 -5.80 -21.18 12.21
N TYR C 93 -5.92 -19.91 11.86
CA TYR C 93 -4.78 -19.01 11.79
C TYR C 93 -4.17 -18.86 13.19
N PRO C 94 -2.84 -18.65 13.28
CA PRO C 94 -1.90 -18.48 12.18
C PRO C 94 -1.47 -19.80 11.53
N LEU C 95 -1.12 -19.73 10.25
CA LEU C 95 -0.66 -20.88 9.48
C LEU C 95 0.72 -20.60 8.92
N GLU C 96 1.60 -21.59 9.05
CA GLU C 96 2.93 -21.54 8.43
C GLU C 96 3.08 -22.67 7.41
N LEU C 97 3.41 -22.30 6.17
CA LEU C 97 3.76 -23.32 5.18
C LEU C 97 5.14 -23.13 4.63
N GLN C 98 5.78 -24.25 4.34
CA GLN C 98 7.15 -24.23 3.84
C GLN C 98 7.28 -25.26 2.73
N VAL C 99 7.99 -24.88 1.68
CA VAL C 99 8.22 -25.76 0.54
C VAL C 99 9.71 -25.88 0.29
N SER C 100 10.14 -27.12 0.08
CA SER C 100 11.49 -27.42 -0.35
C SER C 100 11.37 -28.18 -1.66
N ALA C 101 11.79 -27.55 -2.76
CA ALA C 101 11.64 -28.11 -4.09
C ALA C 101 12.91 -28.00 -4.94
N GLY C 102 13.25 -29.07 -5.64
CA GLY C 102 14.39 -29.02 -6.56
C GLY C 102 14.92 -30.38 -6.95
N CYS C 103 16.21 -30.43 -7.26
CA CYS C 103 16.84 -31.65 -7.77
C CYS C 103 18.36 -31.63 -7.65
N GLU C 104 18.97 -32.81 -7.68
CA GLU C 104 20.42 -32.94 -7.88
C GLU C 104 20.77 -33.88 -9.05
N VAL C 105 21.55 -33.33 -9.98
CA VAL C 105 22.08 -34.07 -11.12
C VAL C 105 23.20 -35.01 -10.67
N HIS C 106 23.19 -36.25 -11.18
CA HIS C 106 24.23 -37.22 -10.87
C HIS C 106 25.08 -37.53 -12.13
N PRO C 107 26.07 -38.44 -12.03
CA PRO C 107 26.83 -38.87 -13.20
C PRO C 107 25.95 -39.27 -14.38
N GLY C 108 26.05 -38.53 -15.48
CA GLY C 108 25.26 -38.79 -16.69
C GLY C 108 23.89 -38.13 -16.67
N ASN C 109 22.94 -38.75 -17.39
CA ASN C 109 21.58 -38.23 -17.53
C ASN C 109 20.64 -38.72 -16.42
N ALA C 110 21.10 -38.63 -15.18
CA ALA C 110 20.34 -39.09 -14.02
C ALA C 110 20.13 -37.96 -13.00
N SER C 111 18.98 -37.99 -12.32
CA SER C 111 18.57 -36.94 -11.41
C SER C 111 17.54 -37.43 -10.38
N ASN C 112 17.80 -37.11 -9.10
CA ASN C 112 16.81 -37.26 -8.03
C ASN C 112 16.16 -35.90 -7.77
N ASN C 113 14.84 -35.83 -7.89
CA ASN C 113 14.10 -34.59 -7.62
C ASN C 113 13.17 -34.71 -6.42
N PHE C 114 12.66 -33.57 -5.92
CA PHE C 114 11.83 -33.53 -4.71
C PHE C 114 10.95 -32.29 -4.63
N PHE C 115 9.84 -32.41 -3.89
CA PHE C 115 8.92 -31.32 -3.66
C PHE C 115 8.20 -31.64 -2.36
N HIS C 116 8.74 -31.17 -1.25
CA HIS C 116 8.19 -31.47 0.07
C HIS C 116 7.52 -30.23 0.63
N VAL C 117 6.39 -30.43 1.32
CA VAL C 117 5.75 -29.32 2.01
C VAL C 117 5.39 -29.62 3.46
N ALA C 118 5.63 -28.62 4.31
CA ALA C 118 5.42 -28.75 5.75
C ALA C 118 4.35 -27.77 6.23
N PHE C 119 3.62 -28.19 7.26
CA PHE C 119 2.61 -27.34 7.89
C PHE C 119 2.93 -27.28 9.38
N GLN C 120 3.00 -26.05 9.90
CA GLN C 120 3.43 -25.77 11.28
C GLN C 120 4.72 -26.52 11.67
N GLY C 121 5.62 -26.68 10.71
CA GLY C 121 6.93 -27.29 10.96
C GLY C 121 7.05 -28.77 10.64
N LYS C 122 5.94 -29.38 10.23
CA LYS C 122 5.88 -30.83 10.03
C LYS C 122 5.44 -31.21 8.61
N ASP C 123 6.22 -32.10 8.00
CA ASP C 123 5.89 -32.68 6.70
C ASP C 123 4.42 -33.10 6.66
N ILE C 124 3.70 -32.65 5.64
CA ILE C 124 2.32 -33.10 5.40
C ILE C 124 2.24 -33.88 4.08
N LEU C 125 2.84 -33.34 3.03
CA LEU C 125 2.72 -33.93 1.71
C LEU C 125 3.96 -33.70 0.87
N SER C 126 4.05 -34.43 -0.24
CA SER C 126 5.09 -34.21 -1.24
C SER C 126 4.54 -34.46 -2.64
N PHE C 127 5.42 -34.40 -3.64
CA PHE C 127 5.04 -34.68 -5.01
C PHE C 127 5.86 -35.85 -5.54
N GLN C 128 5.19 -36.98 -5.76
CA GLN C 128 5.84 -38.19 -6.25
C GLN C 128 5.52 -38.50 -7.70
N GLY C 129 6.53 -38.38 -8.55
CA GLY C 129 6.45 -38.80 -9.95
C GLY C 129 5.45 -38.04 -10.80
N THR C 130 4.17 -38.18 -10.48
CA THR C 130 3.10 -37.63 -11.32
C THR C 130 1.94 -36.97 -10.55
N SER C 131 1.89 -37.16 -9.24
CA SER C 131 0.82 -36.58 -8.41
C SER C 131 1.20 -36.29 -6.95
N TRP C 132 0.26 -35.68 -6.22
CA TRP C 132 0.43 -35.40 -4.80
C TRP C 132 0.11 -36.61 -3.93
N GLU C 133 0.94 -36.83 -2.92
CA GLU C 133 0.72 -37.89 -1.94
C GLU C 133 0.92 -37.31 -0.54
N PRO C 134 0.16 -37.77 0.46
CA PRO C 134 0.47 -37.34 1.82
C PRO C 134 1.67 -38.11 2.36
N THR C 135 2.36 -37.54 3.34
CA THR C 135 3.51 -38.21 3.97
C THR C 135 2.98 -39.26 4.94
N GLN C 136 3.76 -40.30 5.21
CA GLN C 136 3.31 -41.45 6.02
C GLN C 136 2.56 -41.04 7.30
N GLU C 137 3.13 -40.09 8.03
CA GLU C 137 2.58 -39.61 9.30
C GLU C 137 1.34 -38.75 9.09
N ALA C 138 1.43 -37.81 8.16
CA ALA C 138 0.37 -36.84 7.81
C ALA C 138 -1.05 -37.12 8.35
N PRO C 139 -1.70 -36.09 8.94
CA PRO C 139 -3.09 -36.15 9.42
C PRO C 139 -4.11 -36.35 8.29
N LEU C 140 -5.32 -36.78 8.65
CA LEU C 140 -6.30 -37.15 7.63
C LEU C 140 -7.11 -35.99 7.03
N TRP C 141 -6.85 -34.76 7.48
CA TRP C 141 -7.40 -33.60 6.77
C TRP C 141 -6.56 -33.30 5.53
N VAL C 142 -5.31 -33.74 5.57
CA VAL C 142 -4.40 -33.63 4.44
C VAL C 142 -4.90 -34.47 3.26
N ASN C 143 -5.55 -35.60 3.57
CA ASN C 143 -6.12 -36.47 2.56
C ASN C 143 -7.09 -35.73 1.63
N LEU C 144 -7.93 -34.88 2.20
CA LEU C 144 -8.78 -33.99 1.40
C LEU C 144 -7.95 -33.08 0.52
N ALA C 145 -7.01 -32.35 1.13
CA ALA C 145 -6.14 -31.42 0.40
C ALA C 145 -5.49 -32.12 -0.80
N ILE C 146 -4.97 -33.32 -0.56
CA ILE C 146 -4.39 -34.16 -1.60
C ILE C 146 -5.38 -34.40 -2.75
N GLN C 147 -6.60 -34.82 -2.42
CA GLN C 147 -7.65 -35.10 -3.41
C GLN C 147 -7.96 -33.86 -4.25
N VAL C 148 -8.05 -32.72 -3.58
CA VAL C 148 -8.35 -31.46 -4.22
C VAL C 148 -7.24 -31.08 -5.20
N LEU C 149 -5.99 -31.09 -4.75
CA LEU C 149 -4.86 -30.73 -5.59
C LEU C 149 -4.67 -31.67 -6.78
N ASN C 150 -5.00 -32.95 -6.60
CA ASN C 150 -4.85 -33.92 -7.70
C ASN C 150 -5.86 -33.76 -8.85
N GLN C 151 -6.86 -32.89 -8.66
CA GLN C 151 -7.83 -32.54 -9.71
C GLN C 151 -7.22 -31.66 -10.80
N ASP C 152 -6.25 -30.83 -10.41
CA ASP C 152 -5.64 -29.87 -11.30
C ASP C 152 -4.54 -30.52 -12.14
N LYS C 153 -4.95 -31.19 -13.22
CA LYS C 153 -4.03 -31.91 -14.10
C LYS C 153 -2.94 -30.99 -14.65
N TRP C 154 -3.34 -29.78 -15.05
CA TRP C 154 -2.41 -28.76 -15.54
C TRP C 154 -1.31 -28.45 -14.52
N THR C 155 -1.68 -28.41 -13.23
CA THR C 155 -0.72 -28.11 -12.19
C THR C 155 0.21 -29.30 -11.91
N ARG C 156 -0.34 -30.51 -12.01
CA ARG C 156 0.47 -31.71 -11.85
C ARG C 156 1.43 -31.85 -13.03
N GLU C 157 0.97 -31.42 -14.20
CA GLU C 157 1.75 -31.49 -15.42
C GLU C 157 2.91 -30.51 -15.36
N THR C 158 2.62 -29.31 -14.85
CA THR C 158 3.61 -28.26 -14.72
C THR C 158 4.68 -28.60 -13.69
N VAL C 159 4.26 -29.07 -12.52
CA VAL C 159 5.18 -29.45 -11.44
C VAL C 159 6.09 -30.61 -11.88
N GLN C 160 5.49 -31.59 -12.56
CA GLN C 160 6.22 -32.71 -13.16
C GLN C 160 7.23 -32.22 -14.21
N TRP C 161 6.83 -31.23 -15.00
CA TRP C 161 7.69 -30.64 -16.01
C TRP C 161 8.83 -29.85 -15.36
N LEU C 162 8.49 -29.08 -14.33
CA LEU C 162 9.47 -28.32 -13.57
C LEU C 162 10.50 -29.21 -12.92
N LEU C 163 10.05 -30.25 -12.22
CA LEU C 163 10.94 -31.12 -11.46
C LEU C 163 11.79 -32.03 -12.33
N ASN C 164 11.21 -32.56 -13.41
CA ASN C 164 11.85 -33.58 -14.21
C ASN C 164 12.63 -33.03 -15.41
N GLY C 165 12.23 -31.86 -15.90
CA GLY C 165 12.83 -31.28 -17.09
C GLY C 165 13.58 -29.98 -16.81
N THR C 166 12.86 -29.00 -16.24
CA THR C 166 13.39 -27.66 -16.02
C THR C 166 14.53 -27.64 -15.00
N CYS C 167 14.27 -28.17 -13.82
CA CYS C 167 15.25 -28.18 -12.73
C CYS C 167 16.62 -28.76 -13.16
N PRO C 168 16.66 -30.02 -13.63
CA PRO C 168 17.96 -30.62 -14.00
C PRO C 168 18.70 -29.86 -15.10
N GLN C 169 17.95 -29.29 -16.03
CA GLN C 169 18.50 -28.53 -17.15
C GLN C 169 19.12 -27.23 -16.64
N PHE C 170 18.46 -26.62 -15.66
CA PHE C 170 18.92 -25.39 -15.01
C PHE C 170 20.20 -25.65 -14.24
N VAL C 171 20.14 -26.61 -13.32
CA VAL C 171 21.29 -27.02 -12.51
C VAL C 171 22.57 -27.28 -13.31
N SER C 172 22.46 -28.04 -14.40
CA SER C 172 23.61 -28.33 -15.25
C SER C 172 24.27 -27.08 -15.79
N GLY C 173 23.44 -26.11 -16.17
CA GLY C 173 23.93 -24.81 -16.59
C GLY C 173 24.52 -24.00 -15.45
N LEU C 174 23.99 -24.21 -14.24
CA LEU C 174 24.49 -23.55 -13.04
C LEU C 174 25.87 -24.06 -12.64
N LEU C 175 26.02 -25.38 -12.64
CA LEU C 175 27.32 -26.03 -12.41
C LEU C 175 28.38 -25.50 -13.36
N GLU C 176 27.95 -25.14 -14.57
CA GLU C 176 28.83 -24.67 -15.64
C GLU C 176 29.29 -23.23 -15.39
N SER C 177 28.36 -22.29 -15.37
CA SER C 177 28.69 -20.87 -15.26
C SER C 177 29.18 -20.45 -13.87
N GLY C 178 28.87 -21.26 -12.86
CA GLY C 178 29.32 -21.00 -11.49
C GLY C 178 30.44 -21.92 -11.03
N LYS C 179 31.20 -22.46 -11.98
CA LYS C 179 32.24 -23.46 -11.71
C LYS C 179 33.31 -22.97 -10.73
N SER C 180 33.89 -21.81 -11.05
CA SER C 180 34.99 -21.22 -10.28
C SER C 180 34.64 -21.01 -8.81
N GLU C 181 33.41 -20.56 -8.57
CA GLU C 181 32.96 -20.23 -7.22
C GLU C 181 32.59 -21.48 -6.41
N LEU C 182 32.25 -22.57 -7.10
CA LEU C 182 31.80 -23.79 -6.44
C LEU C 182 32.95 -24.67 -5.94
N LYS C 183 34.08 -24.64 -6.67
CA LYS C 183 35.27 -25.39 -6.27
C LYS C 183 36.34 -24.48 -5.69
N LYS C 184 35.93 -23.34 -5.12
CA LYS C 184 36.86 -22.39 -4.53
C LYS C 184 37.29 -22.87 -3.15
N GLN C 185 38.53 -22.56 -2.77
CA GLN C 185 39.08 -22.97 -1.49
C GLN C 185 39.61 -21.76 -0.70
N VAL C 186 39.17 -21.64 0.55
CA VAL C 186 39.68 -20.60 1.45
C VAL C 186 40.17 -21.24 2.75
N LYS C 187 41.45 -21.03 3.04
CA LYS C 187 42.10 -21.64 4.21
C LYS C 187 41.62 -21.01 5.51
N PRO C 188 41.30 -21.87 6.52
CA PRO C 188 40.88 -21.38 7.83
C PRO C 188 42.02 -20.79 8.65
N LYS C 189 41.67 -19.86 9.55
CA LYS C 189 42.57 -19.38 10.59
C LYS C 189 42.18 -20.03 11.91
N ALA C 190 43.16 -20.36 12.74
CA ALA C 190 42.89 -21.09 13.98
C ALA C 190 43.57 -20.48 15.21
N TRP C 191 42.81 -20.41 16.29
CA TRP C 191 43.31 -19.98 17.59
C TRP C 191 42.50 -20.65 18.70
N LEU C 192 43.13 -20.87 19.85
CA LEU C 192 42.43 -21.47 20.99
C LEU C 192 42.42 -20.55 22.21
N SER C 193 41.30 -20.56 22.94
CA SER C 193 41.09 -19.65 24.05
C SER C 193 40.50 -20.35 25.28
N ARG C 194 40.02 -19.56 26.22
CA ARG C 194 39.42 -20.05 27.46
C ARG C 194 38.08 -19.37 27.74
N GLY C 195 37.07 -20.17 28.06
CA GLY C 195 35.74 -19.67 28.42
C GLY C 195 35.30 -20.23 29.77
N PRO C 196 35.01 -19.36 30.75
CA PRO C 196 34.81 -19.67 32.18
C PRO C 196 34.37 -21.11 32.50
N SER C 197 35.27 -21.86 33.15
CA SER C 197 35.10 -23.30 33.39
C SER C 197 33.92 -23.64 34.30
N PRO C 198 33.34 -24.85 34.12
CA PRO C 198 32.32 -25.36 35.04
C PRO C 198 32.89 -26.34 36.09
N GLY C 199 33.22 -25.86 37.28
CA GLY C 199 33.12 -24.45 37.66
C GLY C 199 32.27 -24.19 38.89
N PRO C 200 32.89 -24.20 40.08
CA PRO C 200 34.31 -24.47 40.32
C PRO C 200 34.57 -25.96 40.60
N GLY C 201 35.71 -26.49 40.15
CA GLY C 201 36.71 -25.78 39.36
C GLY C 201 37.41 -26.74 38.42
N ARG C 202 37.01 -26.70 37.15
CA ARG C 202 37.48 -27.66 36.15
C ARG C 202 38.32 -26.98 35.04
N LEU C 203 38.06 -27.33 33.78
CA LEU C 203 38.73 -26.69 32.64
C LEU C 203 37.77 -26.09 31.61
N LEU C 204 38.35 -25.39 30.63
CA LEU C 204 37.61 -24.47 29.77
C LEU C 204 38.20 -24.36 28.36
N LEU C 205 38.58 -25.50 27.78
CA LEU C 205 39.30 -25.53 26.51
C LEU C 205 38.38 -25.38 25.30
N VAL C 206 38.70 -24.43 24.42
CA VAL C 206 37.94 -24.20 23.19
C VAL C 206 38.84 -23.93 21.98
N CYS C 207 38.58 -24.67 20.91
CA CYS C 207 39.36 -24.57 19.68
C CYS C 207 38.56 -23.84 18.59
N HIS C 208 39.01 -22.64 18.23
CA HIS C 208 38.32 -21.79 17.24
C HIS C 208 38.86 -22.01 15.83
N VAL C 209 37.94 -22.21 14.87
CA VAL C 209 38.30 -22.35 13.45
C VAL C 209 37.36 -21.49 12.62
N SER C 210 37.91 -20.48 11.93
CA SER C 210 37.11 -19.50 11.21
C SER C 210 37.56 -19.30 9.77
N GLY C 211 36.62 -18.90 8.92
CA GLY C 211 36.92 -18.49 7.56
C GLY C 211 37.22 -19.58 6.53
N PHE C 212 36.86 -20.82 6.86
CA PHE C 212 37.03 -21.91 5.90
C PHE C 212 35.85 -21.99 4.93
N TYR C 213 36.15 -22.33 3.69
CA TYR C 213 35.17 -22.59 2.64
C TYR C 213 35.82 -23.60 1.70
N PRO C 214 35.09 -24.67 1.30
CA PRO C 214 33.68 -24.94 1.57
C PRO C 214 33.43 -25.55 2.96
N LYS C 215 32.16 -25.88 3.22
CA LYS C 215 31.69 -26.27 4.55
C LYS C 215 32.32 -27.53 5.18
N PRO C 216 32.44 -28.64 4.41
CA PRO C 216 32.98 -29.85 5.05
C PRO C 216 34.28 -29.60 5.84
N VAL C 217 34.30 -30.05 7.08
CA VAL C 217 35.42 -29.82 7.99
C VAL C 217 35.53 -30.95 9.05
N TRP C 218 36.68 -31.01 9.74
CA TRP C 218 36.91 -31.99 10.79
C TRP C 218 37.82 -31.42 11.86
N VAL C 219 37.29 -31.32 13.08
CA VAL C 219 38.04 -30.80 14.21
C VAL C 219 37.90 -31.73 15.42
N LYS C 220 39.04 -32.18 15.94
CA LYS C 220 39.06 -33.08 17.07
C LYS C 220 40.04 -32.64 18.14
N TRP C 221 39.62 -32.76 19.40
CA TRP C 221 40.53 -32.60 20.53
C TRP C 221 41.33 -33.88 20.67
N MET C 222 42.63 -33.75 20.51
CA MET C 222 43.51 -34.90 20.36
C MET C 222 44.51 -35.05 21.49
N ARG C 223 45.15 -36.21 21.51
CA ARG C 223 46.30 -36.50 22.33
C ARG C 223 47.18 -37.46 21.53
N GLY C 224 48.16 -36.89 20.83
CA GLY C 224 49.06 -37.66 19.97
C GLY C 224 48.35 -38.25 18.77
N GLU C 225 47.92 -39.50 18.90
CA GLU C 225 47.26 -40.22 17.83
C GLU C 225 45.77 -40.45 18.08
N GLN C 226 45.39 -40.50 19.37
CA GLN C 226 44.04 -40.93 19.74
C GLN C 226 43.07 -39.78 20.05
N GLU C 227 41.86 -39.89 19.49
CA GLU C 227 40.80 -38.90 19.66
C GLU C 227 40.31 -38.88 21.10
N GLN C 228 40.88 -37.98 21.91
CA GLN C 228 40.53 -37.85 23.32
C GLN C 228 39.02 -37.68 23.48
N GLN C 229 38.40 -38.71 24.06
CA GLN C 229 36.94 -38.80 24.20
C GLN C 229 36.35 -37.64 25.02
N GLY C 230 35.34 -37.00 24.45
CA GLY C 230 34.71 -35.84 25.08
C GLY C 230 34.66 -34.64 24.15
N THR C 231 35.19 -34.81 22.95
CA THR C 231 35.17 -33.75 21.92
C THR C 231 33.73 -33.31 21.61
N GLN C 232 33.44 -32.05 21.94
CA GLN C 232 32.13 -31.47 21.75
C GLN C 232 32.21 -30.42 20.63
N PRO C 233 31.82 -30.81 19.40
CA PRO C 233 31.80 -29.83 18.32
C PRO C 233 30.68 -28.82 18.54
N GLY C 234 30.75 -27.68 17.86
CA GLY C 234 29.65 -26.73 17.88
C GLY C 234 28.84 -26.87 16.61
N ASP C 235 28.05 -25.84 16.31
CA ASP C 235 27.43 -25.71 15.01
C ASP C 235 28.46 -25.12 14.05
N ILE C 236 28.39 -25.49 12.77
CA ILE C 236 29.13 -24.75 11.76
C ILE C 236 28.36 -23.47 11.50
N LEU C 237 28.89 -22.36 12.01
CA LEU C 237 28.26 -21.06 11.92
C LEU C 237 28.65 -20.34 10.64
N PRO C 238 27.72 -19.59 10.03
CA PRO C 238 28.03 -18.82 8.83
C PRO C 238 28.60 -17.44 9.11
N ASN C 239 29.46 -16.99 8.19
CA ASN C 239 29.90 -15.61 8.15
C ASN C 239 29.22 -14.87 7.01
N ALA C 240 29.28 -13.54 7.04
CA ALA C 240 28.62 -12.71 6.04
C ALA C 240 29.25 -12.84 4.65
N ASP C 241 30.49 -13.31 4.59
CA ASP C 241 31.20 -13.43 3.31
C ASP C 241 31.13 -14.86 2.78
N GLU C 242 30.22 -15.64 3.36
CA GLU C 242 29.96 -17.04 2.95
C GLU C 242 31.11 -17.99 3.28
N THR C 243 31.90 -17.64 4.30
CA THR C 243 32.85 -18.57 4.90
C THR C 243 32.19 -19.14 6.16
N TRP C 244 32.83 -20.13 6.77
CA TRP C 244 32.27 -20.78 7.95
C TRP C 244 33.14 -20.65 9.20
N TYR C 245 32.55 -20.97 10.36
CA TYR C 245 33.20 -20.86 11.66
C TYR C 245 32.68 -21.90 12.64
N LEU C 246 33.60 -22.61 13.30
CA LEU C 246 33.21 -23.54 14.36
C LEU C 246 34.19 -23.61 15.53
N ARG C 247 33.63 -23.86 16.71
CA ARG C 247 34.41 -24.07 17.92
C ARG C 247 34.28 -25.54 18.31
N ALA C 248 35.40 -26.10 18.75
CA ALA C 248 35.40 -27.44 19.35
C ALA C 248 35.70 -27.30 20.84
N THR C 249 34.81 -27.86 21.66
CA THR C 249 34.85 -27.67 23.12
C THR C 249 35.29 -28.92 23.88
N LEU C 250 36.14 -28.73 24.89
CA LEU C 250 36.55 -29.80 25.80
C LEU C 250 36.69 -29.27 27.23
N ASP C 251 36.00 -29.92 28.16
CA ASP C 251 36.10 -29.59 29.59
C ASP C 251 36.39 -30.84 30.44
N VAL C 252 37.66 -31.05 30.75
CA VAL C 252 38.13 -32.21 31.51
C VAL C 252 38.83 -31.73 32.79
N VAL C 253 39.23 -32.68 33.64
CA VAL C 253 39.97 -32.40 34.88
C VAL C 253 41.05 -31.32 34.66
N ALA C 254 41.08 -30.33 35.55
CA ALA C 254 41.88 -29.12 35.39
C ALA C 254 43.36 -29.32 35.00
N GLY C 255 43.98 -30.35 35.58
CA GLY C 255 45.40 -30.63 35.37
C GLY C 255 45.77 -31.23 34.02
N GLU C 256 44.91 -31.03 33.02
CA GLU C 256 45.14 -31.55 31.67
C GLU C 256 45.81 -30.49 30.77
N ALA C 257 46.63 -29.64 31.37
CA ALA C 257 47.33 -28.56 30.66
C ALA C 257 48.65 -29.03 30.03
N ALA C 258 48.69 -30.31 29.67
CA ALA C 258 49.85 -30.93 29.01
C ALA C 258 49.42 -32.16 28.23
N GLY C 259 49.63 -32.12 26.91
CA GLY C 259 49.33 -33.25 26.05
C GLY C 259 48.15 -33.03 25.11
N LEU C 260 47.19 -32.22 25.56
CA LEU C 260 45.97 -31.98 24.78
C LEU C 260 46.15 -30.99 23.64
N SER C 261 45.70 -31.38 22.45
CA SER C 261 45.87 -30.61 21.23
C SER C 261 44.60 -30.60 20.37
N CYS C 262 44.57 -29.70 19.39
CA CYS C 262 43.44 -29.58 18.47
C CYS C 262 43.90 -29.78 17.03
N ARG C 263 43.38 -30.82 16.38
CA ARG C 263 43.71 -31.12 14.98
C ARG C 263 42.57 -30.69 14.05
N VAL C 264 42.93 -29.92 13.02
CA VAL C 264 41.94 -29.41 12.07
C VAL C 264 42.25 -29.89 10.65
N LYS C 265 41.31 -30.63 10.07
CA LYS C 265 41.45 -31.12 8.70
C LYS C 265 40.45 -30.41 7.79
N HIS C 266 40.97 -29.74 6.76
CA HIS C 266 40.13 -29.09 5.76
C HIS C 266 40.72 -29.25 4.36
N SER C 267 39.83 -29.25 3.36
CA SER C 267 40.21 -29.42 1.95
C SER C 267 41.12 -28.31 1.41
N SER C 268 40.96 -27.09 1.93
CA SER C 268 41.70 -25.92 1.44
C SER C 268 43.19 -26.10 1.60
N LEU C 269 43.59 -26.63 2.75
CA LEU C 269 44.96 -27.09 2.95
C LEU C 269 45.09 -28.51 2.42
N GLU C 270 45.97 -28.67 1.44
CA GLU C 270 46.11 -29.90 0.64
C GLU C 270 46.13 -31.19 1.48
N GLY C 271 46.52 -31.05 2.75
CA GLY C 271 46.54 -32.16 3.69
C GLY C 271 47.13 -31.72 5.01
N GLN C 272 48.05 -30.75 4.94
CA GLN C 272 48.77 -30.21 6.10
C GLN C 272 47.84 -29.69 7.18
N ASP C 273 47.44 -30.59 8.08
CA ASP C 273 46.48 -30.30 9.13
C ASP C 273 46.97 -29.26 10.14
N ILE C 274 46.06 -28.40 10.60
CA ILE C 274 46.39 -27.42 11.64
C ILE C 274 46.43 -28.12 13.00
N VAL C 275 47.59 -28.05 13.65
CA VAL C 275 47.79 -28.66 14.97
C VAL C 275 48.21 -27.57 15.95
N LEU C 276 47.42 -27.40 17.01
CA LEU C 276 47.70 -26.40 18.04
C LEU C 276 47.60 -27.00 19.44
N TYR C 277 48.63 -26.76 20.25
CA TYR C 277 48.74 -27.31 21.61
C TYR C 277 48.43 -26.23 22.65
N TRP C 278 47.89 -26.64 23.80
CA TRP C 278 47.32 -25.72 24.79
C TRP C 278 48.21 -24.54 25.21
N HIS C 279 47.94 -23.38 24.60
CA HIS C 279 48.68 -22.12 24.79
C HIS C 279 50.20 -22.28 24.95
N ILE D 1 3.80 -20.78 20.06
CA ILE D 1 3.97 -21.90 19.09
C ILE D 1 5.23 -22.72 19.36
N GLN D 2 5.57 -23.60 18.41
CA GLN D 2 6.50 -24.75 18.64
C GLN D 2 7.93 -24.53 19.20
N ARG D 3 8.87 -24.04 18.40
CA ARG D 3 10.32 -24.10 18.76
C ARG D 3 11.01 -22.79 19.14
N THR D 4 11.71 -22.83 20.28
CA THR D 4 12.41 -21.67 20.84
C THR D 4 13.75 -21.42 20.13
N PRO D 5 14.07 -20.14 19.84
CA PRO D 5 15.30 -19.82 19.11
C PRO D 5 16.59 -20.03 19.91
N LYS D 6 17.58 -20.62 19.25
CA LYS D 6 18.93 -20.68 19.78
C LYS D 6 19.69 -19.45 19.28
N ILE D 7 20.42 -18.79 20.18
CA ILE D 7 21.12 -17.52 19.87
C ILE D 7 22.61 -17.62 20.11
N GLN D 8 23.40 -17.33 19.07
CA GLN D 8 24.85 -17.39 19.18
C GLN D 8 25.51 -16.13 18.66
N VAL D 9 26.42 -15.57 19.46
CA VAL D 9 27.11 -14.31 19.13
C VAL D 9 28.61 -14.56 18.98
N TYR D 10 29.19 -14.00 17.93
CA TYR D 10 30.60 -14.22 17.61
C TYR D 10 31.05 -13.16 16.61
N SER D 11 32.37 -13.04 16.46
CA SER D 11 32.97 -12.10 15.53
C SER D 11 33.60 -12.83 14.36
N ARG D 12 33.66 -12.16 13.21
CA ARG D 12 34.21 -12.73 11.98
C ARG D 12 35.70 -13.09 12.16
N HIS D 13 36.45 -12.20 12.81
CA HIS D 13 37.87 -12.40 13.09
C HIS D 13 38.11 -12.38 14.60
N PRO D 14 39.25 -12.92 15.09
CA PRO D 14 39.66 -12.71 16.48
C PRO D 14 39.64 -11.22 16.88
N ALA D 15 38.91 -10.90 17.94
CA ALA D 15 38.82 -9.53 18.44
C ALA D 15 40.20 -8.93 18.69
N GLU D 16 40.38 -7.71 18.19
CA GLU D 16 41.62 -6.95 18.36
C GLU D 16 41.23 -5.48 18.46
N ASN D 17 41.27 -4.93 19.68
CA ASN D 17 40.77 -3.57 19.93
C ASN D 17 41.26 -2.55 18.92
N GLY D 18 40.32 -1.73 18.42
CA GLY D 18 40.62 -0.69 17.43
C GLY D 18 40.72 -1.16 15.99
N LYS D 19 40.52 -2.47 15.76
CA LYS D 19 40.76 -3.08 14.46
C LYS D 19 39.50 -3.72 13.86
N SER D 20 39.09 -3.19 12.71
CA SER D 20 37.81 -3.48 12.05
C SER D 20 37.46 -4.97 11.90
N ASN D 21 36.26 -5.31 12.34
CA ASN D 21 35.78 -6.69 12.38
C ASN D 21 34.29 -6.71 11.98
N PHE D 22 33.65 -7.87 12.10
CA PHE D 22 32.22 -8.02 11.89
C PHE D 22 31.59 -8.71 13.09
N LEU D 23 30.46 -8.20 13.56
CA LEU D 23 29.71 -8.84 14.62
C LEU D 23 28.55 -9.65 14.05
N ASN D 24 28.56 -10.96 14.32
CA ASN D 24 27.52 -11.85 13.81
C ASN D 24 26.55 -12.31 14.90
N CYS D 25 25.29 -12.48 14.51
CA CYS D 25 24.32 -13.15 15.37
C CYS D 25 23.50 -14.15 14.56
N TYR D 26 23.75 -15.43 14.81
CA TYR D 26 23.07 -16.52 14.13
C TYR D 26 21.98 -17.04 15.05
N VAL D 27 20.73 -16.80 14.65
CA VAL D 27 19.57 -17.21 15.40
C VAL D 27 18.90 -18.37 14.66
N SER D 28 18.84 -19.55 15.30
CA SER D 28 18.43 -20.79 14.64
C SER D 28 17.49 -21.68 15.44
N GLY D 29 17.03 -22.75 14.80
CA GLY D 29 16.22 -23.80 15.41
C GLY D 29 14.85 -23.36 15.91
N PHE D 30 14.31 -22.29 15.34
CA PHE D 30 13.06 -21.72 15.84
C PHE D 30 11.85 -21.89 14.91
N HIS D 31 10.65 -21.74 15.50
CA HIS D 31 9.37 -21.92 14.80
C HIS D 31 8.24 -21.36 15.65
N PRO D 32 7.34 -20.55 15.06
CA PRO D 32 7.25 -20.16 13.65
C PRO D 32 8.27 -19.09 13.22
N SER D 33 8.14 -18.56 12.01
CA SER D 33 9.17 -17.69 11.41
C SER D 33 9.17 -16.25 11.92
N ASP D 34 8.03 -15.77 12.40
CA ASP D 34 7.95 -14.42 12.93
C ASP D 34 8.95 -14.28 14.06
N ILE D 35 9.91 -13.37 13.88
CA ILE D 35 10.96 -13.14 14.86
C ILE D 35 11.45 -11.70 14.79
N GLU D 36 11.91 -11.18 15.92
CA GLU D 36 12.52 -9.86 16.00
C GLU D 36 13.97 -10.01 16.47
N VAL D 37 14.91 -9.55 15.66
CA VAL D 37 16.33 -9.68 15.96
C VAL D 37 17.00 -8.31 15.86
N ASP D 38 17.65 -7.89 16.94
CA ASP D 38 18.39 -6.63 16.97
C ASP D 38 19.80 -6.86 17.46
N LEU D 39 20.74 -6.08 16.93
CA LEU D 39 22.08 -6.05 17.48
C LEU D 39 22.20 -4.86 18.39
N LEU D 40 22.75 -5.08 19.59
CA LEU D 40 22.86 -4.00 20.57
C LEU D 40 24.31 -3.57 20.80
N LYS D 41 24.48 -2.25 20.89
CA LYS D 41 25.72 -1.64 21.34
C LYS D 41 25.41 -0.81 22.57
N ASN D 42 26.07 -1.14 23.69
CA ASN D 42 25.82 -0.48 24.98
C ASN D 42 24.32 -0.38 25.28
N GLY D 43 23.61 -1.50 25.06
CA GLY D 43 22.19 -1.62 25.32
C GLY D 43 21.25 -0.94 24.33
N GLU D 44 21.79 -0.35 23.27
CA GLU D 44 20.95 0.34 22.29
C GLU D 44 21.07 -0.29 20.92
N ARG D 45 19.93 -0.37 20.23
CA ARG D 45 19.84 -0.99 18.91
C ARG D 45 20.79 -0.38 17.90
N ILE D 46 21.66 -1.21 17.31
CA ILE D 46 22.45 -0.81 16.15
C ILE D 46 21.54 -0.79 14.93
N GLU D 47 21.40 0.38 14.31
CA GLU D 47 20.30 0.63 13.37
C GLU D 47 20.61 0.40 11.89
N LYS D 48 21.89 0.31 11.54
CA LYS D 48 22.25 -0.07 10.17
C LYS D 48 22.91 -1.43 10.17
N VAL D 49 22.08 -2.46 10.24
CA VAL D 49 22.58 -3.84 10.27
C VAL D 49 22.02 -4.60 9.10
N GLU D 50 22.76 -5.60 8.65
CA GLU D 50 22.34 -6.41 7.55
C GLU D 50 21.90 -7.78 8.06
N HIS D 51 21.06 -8.44 7.29
CA HIS D 51 20.73 -9.83 7.56
C HIS D 51 20.62 -10.62 6.28
N SER D 52 20.95 -11.91 6.35
CA SER D 52 20.70 -12.84 5.26
C SER D 52 19.19 -13.10 5.17
N ASP D 53 18.77 -13.64 4.04
CA ASP D 53 17.37 -14.05 3.87
C ASP D 53 17.04 -15.18 4.83
N LEU D 54 15.90 -15.04 5.50
CA LEU D 54 15.36 -16.10 6.33
C LEU D 54 15.35 -17.41 5.56
N SER D 55 15.89 -18.45 6.19
CA SER D 55 15.91 -19.78 5.57
C SER D 55 15.53 -20.83 6.61
N PHE D 56 15.67 -22.10 6.25
CA PHE D 56 15.41 -23.19 7.20
C PHE D 56 16.26 -24.43 6.94
N SER D 57 16.39 -25.27 7.96
CA SER D 57 17.21 -26.50 7.85
C SER D 57 16.37 -27.72 7.43
N LYS D 58 16.98 -28.90 7.44
CA LYS D 58 16.28 -30.13 7.05
C LYS D 58 15.05 -30.42 7.93
N ASP D 59 15.15 -30.11 9.22
CA ASP D 59 14.03 -30.36 10.15
C ASP D 59 12.99 -29.22 10.16
N TRP D 60 13.06 -28.36 9.15
CA TRP D 60 12.09 -27.26 8.89
C TRP D 60 12.21 -26.03 9.79
N SER D 61 13.01 -26.11 10.85
CA SER D 61 13.20 -24.98 11.75
C SER D 61 13.95 -23.84 11.07
N PHE D 62 13.63 -22.61 11.48
CA PHE D 62 14.15 -21.40 10.83
C PHE D 62 15.49 -20.94 11.39
N TYR D 63 16.25 -20.20 10.57
CA TYR D 63 17.49 -19.60 11.00
C TYR D 63 17.80 -18.30 10.24
N LEU D 64 18.53 -17.40 10.90
CA LEU D 64 18.84 -16.06 10.40
C LEU D 64 20.24 -15.62 10.84
N LEU D 65 21.01 -15.07 9.91
CA LEU D 65 22.25 -14.38 10.25
C LEU D 65 21.99 -12.89 10.29
N TYR D 66 22.32 -12.26 11.41
CA TYR D 66 22.32 -10.81 11.52
C TYR D 66 23.74 -10.34 11.76
N TYR D 67 24.17 -9.32 11.02
CA TYR D 67 25.57 -8.90 11.07
C TYR D 67 25.80 -7.41 10.85
N THR D 68 26.86 -6.90 11.46
CA THR D 68 27.23 -5.50 11.30
C THR D 68 28.73 -5.30 11.34
N GLU D 69 29.19 -4.30 10.61
CA GLU D 69 30.59 -3.85 10.70
C GLU D 69 30.75 -3.14 12.03
N PHE D 70 31.87 -3.40 12.73
CA PHE D 70 32.17 -2.70 13.99
C PHE D 70 33.65 -2.69 14.35
N THR D 71 34.05 -1.68 15.13
CA THR D 71 35.40 -1.57 15.61
C THR D 71 35.43 -1.72 17.14
N PRO D 72 35.78 -2.92 17.63
CA PRO D 72 35.72 -3.24 19.07
C PRO D 72 36.66 -2.38 19.91
N THR D 73 36.27 -2.17 21.17
CA THR D 73 37.06 -1.44 22.15
C THR D 73 36.94 -2.15 23.50
N GLU D 74 37.66 -1.67 24.50
N GLU D 74 37.70 -1.70 24.49
CA GLU D 74 37.61 -2.26 25.84
CA GLU D 74 37.62 -2.20 25.86
C GLU D 74 36.29 -1.98 26.58
C GLU D 74 36.22 -2.02 26.45
N LYS D 75 35.71 -0.80 26.37
CA LYS D 75 34.47 -0.42 27.05
C LYS D 75 33.21 -0.95 26.37
N ASP D 76 33.09 -0.69 25.06
CA ASP D 76 31.89 -1.02 24.30
C ASP D 76 31.45 -2.46 24.51
N GLU D 77 30.19 -2.59 24.91
CA GLU D 77 29.55 -3.88 25.07
C GLU D 77 28.68 -4.13 23.84
N TYR D 78 28.66 -5.37 23.39
CA TYR D 78 27.84 -5.78 22.26
C TYR D 78 26.99 -6.99 22.62
N ALA D 79 25.79 -7.03 22.05
CA ALA D 79 24.86 -8.10 22.32
C ALA D 79 23.99 -8.39 21.10
N CYS D 80 23.06 -9.33 21.26
CA CYS D 80 22.08 -9.67 20.25
C CYS D 80 20.76 -9.86 20.96
N ARG D 81 19.76 -9.08 20.56
CA ARG D 81 18.43 -9.13 21.18
C ARG D 81 17.43 -9.82 20.26
N VAL D 82 16.78 -10.86 20.78
CA VAL D 82 15.83 -11.64 20.00
C VAL D 82 14.50 -11.73 20.72
N ASN D 83 13.44 -11.33 20.02
CA ASN D 83 12.09 -11.54 20.48
C ASN D 83 11.37 -12.57 19.59
N HIS D 84 10.51 -13.38 20.20
CA HIS D 84 9.89 -14.52 19.54
C HIS D 84 8.73 -14.97 20.41
N VAL D 85 7.73 -15.61 19.80
CA VAL D 85 6.51 -15.96 20.55
C VAL D 85 6.77 -16.98 21.67
N THR D 86 7.82 -17.79 21.52
CA THR D 86 8.21 -18.75 22.56
C THR D 86 8.78 -18.08 23.82
N LEU D 87 9.21 -16.83 23.70
CA LEU D 87 9.86 -16.11 24.78
C LEU D 87 8.90 -15.21 25.56
N SER D 88 8.96 -15.31 26.88
CA SER D 88 8.15 -14.51 27.79
C SER D 88 8.52 -13.03 27.69
N GLN D 89 9.80 -12.80 27.37
CA GLN D 89 10.34 -11.46 27.13
C GLN D 89 11.60 -11.61 26.27
N PRO D 90 12.08 -10.52 25.65
CA PRO D 90 13.24 -10.59 24.79
C PRO D 90 14.47 -11.18 25.47
N LYS D 91 15.22 -12.01 24.75
CA LYS D 91 16.45 -12.57 25.27
C LYS D 91 17.63 -11.76 24.76
N ILE D 92 18.49 -11.36 25.70
CA ILE D 92 19.72 -10.69 25.34
C ILE D 92 20.90 -11.63 25.56
N VAL D 93 21.58 -11.99 24.48
CA VAL D 93 22.82 -12.74 24.59
C VAL D 93 23.96 -11.76 24.32
N LYS D 94 24.80 -11.57 25.34
CA LYS D 94 25.92 -10.64 25.22
C LYS D 94 27.08 -11.30 24.48
N TRP D 95 27.86 -10.48 23.79
CA TRP D 95 29.04 -10.95 23.09
C TRP D 95 30.24 -11.04 24.01
N ASP D 96 30.72 -12.26 24.22
CA ASP D 96 31.88 -12.49 25.05
C ASP D 96 33.13 -12.66 24.17
N ARG D 97 33.86 -11.57 24.02
CA ARG D 97 35.18 -11.55 23.38
C ARG D 97 35.95 -12.87 23.49
N ASP D 98 36.10 -13.34 24.72
CA ASP D 98 36.96 -14.49 25.05
C ASP D 98 36.41 -15.83 24.51
N MET D 99 35.10 -16.01 24.58
CA MET D 99 34.45 -17.21 24.04
C MET D 99 33.13 -16.87 23.35
N ASN E 3 -16.01 -5.60 -13.07
CA ASN E 3 -16.33 -6.98 -13.51
C ASN E 3 -15.22 -7.58 -14.38
N GLN E 4 -14.82 -8.81 -14.07
CA GLN E 4 -13.70 -9.45 -14.74
C GLN E 4 -14.13 -10.26 -15.96
N VAL E 5 -15.43 -10.45 -16.10
CA VAL E 5 -16.02 -11.06 -17.31
C VAL E 5 -17.06 -10.11 -17.90
N GLU E 6 -16.81 -9.70 -19.15
CA GLU E 6 -17.68 -8.78 -19.87
C GLU E 6 -18.30 -9.44 -21.09
N GLN E 7 -19.55 -9.07 -21.38
CA GLN E 7 -20.27 -9.63 -22.51
C GLN E 7 -20.83 -8.58 -23.46
N SER E 8 -20.86 -8.92 -24.73
CA SER E 8 -21.35 -8.03 -25.79
C SER E 8 -22.08 -8.81 -26.89
N PRO E 9 -23.16 -8.21 -27.43
CA PRO E 9 -23.79 -6.99 -26.89
C PRO E 9 -24.57 -7.25 -25.59
N GLN E 10 -25.20 -6.21 -25.04
CA GLN E 10 -26.03 -6.36 -23.84
C GLN E 10 -27.35 -7.06 -24.18
N SER E 11 -27.90 -6.73 -25.34
CA SER E 11 -29.05 -7.42 -25.90
C SER E 11 -29.08 -7.20 -27.41
N LEU E 12 -29.60 -8.18 -28.13
CA LEU E 12 -29.84 -7.98 -29.56
C LEU E 12 -31.12 -8.66 -30.01
N ILE E 13 -31.69 -8.12 -31.07
CA ILE E 13 -32.91 -8.62 -31.67
C ILE E 13 -32.59 -9.03 -33.11
N ILE E 14 -32.83 -10.30 -33.42
CA ILE E 14 -32.60 -10.84 -34.76
C ILE E 14 -33.81 -11.64 -35.28
N LEU E 15 -33.82 -11.92 -36.57
CA LEU E 15 -34.88 -12.73 -37.16
C LEU E 15 -34.47 -14.21 -37.22
N GLU E 16 -35.46 -15.09 -37.19
CA GLU E 16 -35.23 -16.51 -37.36
C GLU E 16 -34.49 -16.79 -38.66
N GLY E 17 -33.71 -17.87 -38.68
CA GLY E 17 -33.02 -18.31 -39.88
C GLY E 17 -31.62 -17.73 -40.02
N LYS E 18 -31.36 -16.64 -39.30
CA LYS E 18 -30.10 -15.92 -39.36
C LYS E 18 -29.04 -16.49 -38.42
N ASN E 19 -27.79 -16.08 -38.63
CA ASN E 19 -26.71 -16.37 -37.70
C ASN E 19 -26.39 -15.17 -36.82
N CYS E 20 -25.92 -15.42 -35.61
CA CYS E 20 -25.42 -14.34 -34.76
C CYS E 20 -24.19 -14.78 -34.00
N THR E 21 -23.37 -13.80 -33.62
CA THR E 21 -22.21 -14.07 -32.78
C THR E 21 -22.31 -13.26 -31.48
N LEU E 22 -22.01 -13.92 -30.36
CA LEU E 22 -22.00 -13.28 -29.06
C LEU E 22 -20.57 -13.25 -28.56
N GLN E 23 -20.19 -12.16 -27.89
CA GLN E 23 -18.80 -11.96 -27.48
C GLN E 23 -18.63 -12.04 -25.96
N CYS E 24 -17.47 -12.55 -25.54
CA CYS E 24 -17.12 -12.59 -24.13
C CYS E 24 -15.65 -12.23 -23.92
N ASN E 25 -15.43 -11.29 -23.02
CA ASN E 25 -14.09 -10.82 -22.65
C ASN E 25 -13.83 -10.95 -21.16
N TYR E 26 -12.66 -11.46 -20.80
CA TYR E 26 -12.32 -11.60 -19.38
C TYR E 26 -10.91 -11.08 -19.04
N THR E 27 -10.77 -10.58 -17.82
CA THR E 27 -9.46 -10.17 -17.30
C THR E 27 -8.93 -11.17 -16.27
N VAL E 28 -9.69 -12.25 -16.08
CA VAL E 28 -9.42 -13.26 -15.07
C VAL E 28 -8.04 -13.87 -15.24
N SER E 29 -7.29 -13.89 -14.14
CA SER E 29 -5.96 -14.50 -14.08
C SER E 29 -5.79 -15.26 -12.76
N PRO E 30 -5.26 -16.49 -12.84
CA PRO E 30 -4.97 -17.20 -14.09
C PRO E 30 -6.28 -17.69 -14.74
N PHE E 31 -6.18 -18.28 -15.93
CA PHE E 31 -7.36 -18.77 -16.63
C PHE E 31 -7.30 -20.29 -16.74
N SER E 32 -8.40 -20.94 -16.35
CA SER E 32 -8.50 -22.38 -16.43
C SER E 32 -9.48 -22.79 -17.55
N ASN E 33 -10.70 -22.27 -17.49
CA ASN E 33 -11.72 -22.60 -18.47
C ASN E 33 -12.88 -21.61 -18.51
N LEU E 34 -13.60 -21.63 -19.63
CA LEU E 34 -14.74 -20.76 -19.83
C LEU E 34 -15.93 -21.55 -20.36
N ARG E 35 -17.09 -21.27 -19.78
CA ARG E 35 -18.31 -21.96 -20.08
C ARG E 35 -19.34 -21.00 -20.68
N TRP E 36 -20.22 -21.52 -21.55
CA TRP E 36 -21.39 -20.75 -22.01
C TRP E 36 -22.65 -21.44 -21.52
N TYR E 37 -23.57 -20.65 -20.98
CA TYR E 37 -24.85 -21.16 -20.50
C TYR E 37 -26.02 -20.49 -21.21
N LYS E 38 -27.06 -21.25 -21.49
CA LYS E 38 -28.28 -20.68 -22.03
C LYS E 38 -29.34 -20.81 -20.94
N GLN E 39 -29.98 -19.68 -20.62
CA GLN E 39 -31.00 -19.66 -19.61
C GLN E 39 -32.29 -19.08 -20.16
N ASP E 40 -33.30 -19.93 -20.27
CA ASP E 40 -34.62 -19.48 -20.68
C ASP E 40 -35.32 -18.73 -19.54
N THR E 41 -36.20 -17.80 -19.91
CA THR E 41 -36.97 -17.05 -18.92
C THR E 41 -37.62 -18.01 -17.91
N GLY E 42 -37.26 -17.85 -16.65
CA GLY E 42 -37.85 -18.64 -15.57
C GLY E 42 -37.21 -20.00 -15.32
N ARG E 43 -36.14 -20.31 -16.05
CA ARG E 43 -35.44 -21.60 -15.90
C ARG E 43 -34.01 -21.40 -15.40
N GLY E 44 -33.34 -22.51 -15.10
CA GLY E 44 -31.95 -22.48 -14.71
C GLY E 44 -31.05 -22.49 -15.94
N PRO E 45 -29.85 -21.89 -15.82
CA PRO E 45 -28.86 -22.00 -16.88
C PRO E 45 -28.54 -23.46 -17.21
N VAL E 46 -28.37 -23.74 -18.50
CA VAL E 46 -27.98 -25.06 -18.97
C VAL E 46 -26.64 -24.89 -19.68
N SER E 47 -25.70 -25.80 -19.42
CA SER E 47 -24.35 -25.72 -20.00
C SER E 47 -24.34 -26.05 -21.47
N LEU E 48 -24.01 -25.06 -22.30
CA LEU E 48 -23.84 -25.32 -23.73
C LEU E 48 -22.46 -25.90 -24.01
N THR E 49 -21.40 -25.20 -23.58
CA THR E 49 -20.03 -25.66 -23.81
C THR E 49 -19.08 -25.30 -22.66
N ILE E 50 -18.02 -26.09 -22.54
CA ILE E 50 -16.89 -25.78 -21.68
C ILE E 50 -15.61 -26.07 -22.48
N MET E 51 -14.66 -25.14 -22.43
CA MET E 51 -13.37 -25.37 -23.08
C MET E 51 -12.21 -24.74 -22.32
N THR E 52 -11.02 -25.32 -22.50
CA THR E 52 -9.83 -24.85 -21.82
C THR E 52 -8.85 -24.12 -22.75
N PHE E 53 -7.77 -23.63 -22.15
CA PHE E 53 -6.66 -22.92 -22.81
C PHE E 53 -6.25 -23.51 -24.17
N SER E 54 -6.24 -24.82 -24.27
CA SER E 54 -5.68 -25.50 -25.45
C SER E 54 -6.72 -25.87 -26.51
N GLU E 55 -7.93 -25.31 -26.40
CA GLU E 55 -8.99 -25.57 -27.38
C GLU E 55 -9.44 -24.27 -28.04
N ASN E 56 -9.66 -24.31 -29.35
CA ASN E 56 -10.09 -23.13 -30.10
C ASN E 56 -11.60 -23.06 -30.28
N THR E 57 -12.22 -24.23 -30.39
CA THR E 57 -13.62 -24.35 -30.80
C THR E 57 -14.25 -25.58 -30.16
N LYS E 58 -15.55 -25.49 -29.90
CA LYS E 58 -16.32 -26.58 -29.28
C LYS E 58 -17.76 -26.47 -29.76
N SER E 59 -18.36 -27.61 -30.09
CA SER E 59 -19.73 -27.61 -30.64
C SER E 59 -20.78 -28.38 -29.83
N ASN E 60 -21.97 -27.79 -29.75
CA ASN E 60 -23.15 -28.43 -29.16
C ASN E 60 -24.36 -28.13 -30.06
N GLY E 61 -24.65 -29.06 -30.96
CA GLY E 61 -25.67 -28.85 -31.98
C GLY E 61 -25.38 -27.60 -32.79
N ARG E 62 -26.32 -26.66 -32.78
CA ARG E 62 -26.22 -25.44 -33.57
C ARG E 62 -25.35 -24.33 -32.93
N TYR E 63 -24.89 -24.58 -31.70
CA TYR E 63 -24.01 -23.66 -30.98
C TYR E 63 -22.54 -24.04 -31.14
N THR E 64 -21.73 -23.10 -31.59
CA THR E 64 -20.29 -23.29 -31.65
C THR E 64 -19.60 -22.19 -30.85
N ALA E 65 -18.86 -22.61 -29.83
CA ALA E 65 -18.07 -21.67 -29.04
C ALA E 65 -16.62 -21.70 -29.52
N THR E 66 -16.06 -20.52 -29.75
CA THR E 66 -14.64 -20.37 -30.08
C THR E 66 -13.91 -19.61 -28.98
N LEU E 67 -12.60 -19.82 -28.90
CA LEU E 67 -11.78 -19.22 -27.85
C LEU E 67 -10.44 -18.79 -28.42
N ASP E 68 -10.05 -17.56 -28.12
CA ASP E 68 -8.70 -17.12 -28.40
C ASP E 68 -8.08 -16.75 -27.06
N ALA E 69 -7.38 -17.72 -26.46
CA ALA E 69 -6.80 -17.56 -25.12
C ALA E 69 -5.81 -16.39 -25.08
N ASP E 70 -5.11 -16.18 -26.18
CA ASP E 70 -4.15 -15.10 -26.34
C ASP E 70 -4.75 -13.70 -26.27
N THR E 71 -6.07 -13.59 -26.42
CA THR E 71 -6.75 -12.29 -26.35
C THR E 71 -7.87 -12.27 -25.31
N LYS E 72 -7.96 -13.36 -24.54
CA LYS E 72 -8.97 -13.50 -23.48
C LYS E 72 -10.38 -13.19 -24.03
N GLN E 73 -10.67 -13.82 -25.17
CA GLN E 73 -11.86 -13.58 -25.96
C GLN E 73 -12.52 -14.90 -26.32
N SER E 74 -13.83 -14.97 -26.13
CA SER E 74 -14.61 -16.10 -26.58
C SER E 74 -15.84 -15.61 -27.34
N SER E 75 -16.19 -16.34 -28.39
CA SER E 75 -17.40 -16.07 -29.15
C SER E 75 -18.33 -17.26 -29.12
N LEU E 76 -19.63 -16.98 -28.91
CA LEU E 76 -20.68 -17.97 -29.17
C LEU E 76 -21.37 -17.73 -30.51
N HIS E 77 -21.15 -18.63 -31.47
CA HIS E 77 -21.86 -18.57 -32.75
C HIS E 77 -23.09 -19.46 -32.75
N ILE E 78 -24.20 -18.87 -33.21
CA ILE E 78 -25.44 -19.59 -33.35
C ILE E 78 -25.77 -19.71 -34.84
N THR E 79 -25.91 -20.96 -35.28
CA THR E 79 -26.27 -21.25 -36.67
C THR E 79 -27.78 -21.44 -36.82
N ALA E 80 -28.35 -20.71 -37.77
CA ALA E 80 -29.78 -20.82 -38.14
C ALA E 80 -30.71 -20.61 -36.95
N SER E 81 -30.81 -19.36 -36.52
CA SER E 81 -31.52 -19.02 -35.29
C SER E 81 -32.99 -19.39 -35.37
N GLN E 82 -33.54 -19.83 -34.25
CA GLN E 82 -34.97 -20.14 -34.17
C GLN E 82 -35.58 -19.51 -32.92
N LEU E 83 -36.92 -19.52 -32.84
CA LEU E 83 -37.65 -18.87 -31.73
C LEU E 83 -37.28 -19.38 -30.35
N SER E 84 -36.87 -20.64 -30.28
CA SER E 84 -36.51 -21.23 -29.01
C SER E 84 -35.14 -20.70 -28.51
N ASP E 85 -34.37 -20.05 -29.39
CA ASP E 85 -33.07 -19.49 -29.04
C ASP E 85 -33.17 -18.16 -28.31
N SER E 86 -34.37 -17.61 -28.27
CA SER E 86 -34.70 -16.49 -27.41
C SER E 86 -34.45 -16.89 -25.97
N ALA E 87 -33.31 -16.46 -25.44
CA ALA E 87 -32.91 -16.73 -24.07
C ALA E 87 -31.79 -15.76 -23.68
N SER E 88 -31.27 -15.92 -22.46
CA SER E 88 -30.15 -15.14 -21.97
C SER E 88 -28.92 -16.03 -21.92
N TYR E 89 -27.89 -15.63 -22.66
CA TYR E 89 -26.67 -16.40 -22.79
C TYR E 89 -25.58 -15.84 -21.89
N ILE E 90 -25.03 -16.71 -21.05
CA ILE E 90 -24.12 -16.27 -20.00
C ILE E 90 -22.71 -16.82 -20.18
N CYS E 91 -21.74 -15.92 -20.05
CA CYS E 91 -20.35 -16.29 -20.08
C CYS E 91 -19.83 -16.44 -18.65
N VAL E 92 -19.15 -17.56 -18.39
CA VAL E 92 -18.53 -17.79 -17.08
C VAL E 92 -17.11 -18.32 -17.21
N VAL E 93 -16.19 -17.71 -16.46
CA VAL E 93 -14.81 -18.15 -16.41
C VAL E 93 -14.46 -18.77 -15.04
N SER E 94 -13.53 -19.72 -15.05
CA SER E 94 -12.99 -20.34 -13.84
C SER E 94 -11.49 -20.12 -13.80
N ASP E 95 -10.98 -19.79 -12.61
CA ASP E 95 -9.55 -19.50 -12.43
C ASP E 95 -8.76 -20.65 -11.79
N ARG E 96 -9.37 -21.84 -11.75
CA ARG E 96 -8.68 -23.02 -11.23
C ARG E 96 -9.20 -24.27 -11.94
N GLY E 97 -8.30 -25.23 -12.16
CA GLY E 97 -8.65 -26.52 -12.75
C GLY E 97 -9.16 -27.51 -11.71
N SER E 98 -9.74 -26.98 -10.63
CA SER E 98 -10.21 -27.80 -9.52
C SER E 98 -11.36 -27.10 -8.79
N THR E 99 -11.83 -27.71 -7.71
CA THR E 99 -12.89 -27.12 -6.90
C THR E 99 -12.43 -25.93 -6.05
N LEU E 100 -11.12 -25.71 -6.01
CA LEU E 100 -10.55 -24.53 -5.36
C LEU E 100 -10.86 -23.24 -6.11
N GLY E 101 -11.41 -23.37 -7.32
CA GLY E 101 -11.65 -22.25 -8.19
C GLY E 101 -12.76 -21.30 -7.80
N ARG E 102 -12.67 -20.07 -8.30
N ARG E 102 -12.69 -20.08 -8.32
CA ARG E 102 -13.75 -19.09 -8.22
CA ARG E 102 -13.79 -19.11 -8.19
C ARG E 102 -14.41 -18.99 -9.59
C ARG E 102 -14.40 -18.88 -9.56
N LEU E 103 -15.73 -18.81 -9.62
CA LEU E 103 -16.44 -18.63 -10.87
C LEU E 103 -16.80 -17.18 -11.05
N TYR E 104 -16.55 -16.66 -12.25
CA TYR E 104 -16.86 -15.28 -12.57
C TYR E 104 -17.93 -15.25 -13.66
N PHE E 105 -19.06 -14.65 -13.35
CA PHE E 105 -20.21 -14.60 -14.25
C PHE E 105 -20.28 -13.28 -14.97
N GLY E 106 -20.47 -13.32 -16.29
CA GLY E 106 -20.88 -12.14 -17.05
C GLY E 106 -22.32 -11.80 -16.71
N ARG E 107 -22.78 -10.63 -17.11
CA ARG E 107 -24.16 -10.23 -16.82
C ARG E 107 -25.16 -10.87 -17.79
N GLY E 108 -24.64 -11.49 -18.85
CA GLY E 108 -25.47 -12.17 -19.84
C GLY E 108 -25.87 -11.28 -21.00
N THR E 109 -26.15 -11.90 -22.14
CA THR E 109 -26.60 -11.22 -23.34
C THR E 109 -28.05 -11.65 -23.58
N GLN E 110 -28.98 -10.69 -23.66
CA GLN E 110 -30.37 -11.02 -23.95
C GLN E 110 -30.62 -11.10 -25.46
N LEU E 111 -30.87 -12.31 -25.94
CA LEU E 111 -31.17 -12.54 -27.36
C LEU E 111 -32.66 -12.77 -27.57
N THR E 112 -33.26 -11.94 -28.42
CA THR E 112 -34.62 -12.14 -28.86
C THR E 112 -34.64 -12.50 -30.33
N VAL E 113 -35.31 -13.59 -30.65
CA VAL E 113 -35.44 -14.05 -32.04
C VAL E 113 -36.89 -13.89 -32.50
N TRP E 114 -37.09 -13.00 -33.46
CA TRP E 114 -38.42 -12.79 -34.03
C TRP E 114 -38.64 -13.62 -35.29
N PRO E 115 -39.92 -13.92 -35.60
CA PRO E 115 -40.21 -14.62 -36.85
C PRO E 115 -40.00 -13.72 -38.05
N ASP E 116 -39.58 -14.32 -39.16
CA ASP E 116 -39.54 -13.61 -40.43
C ASP E 116 -40.93 -13.68 -41.05
N ILE E 117 -41.67 -12.56 -40.96
CA ILE E 117 -43.00 -12.49 -41.56
C ILE E 117 -42.90 -11.89 -42.97
N GLN E 118 -42.89 -12.76 -43.96
CA GLN E 118 -42.70 -12.34 -45.35
C GLN E 118 -44.04 -11.98 -46.01
N ASN E 119 -45.15 -12.38 -45.38
CA ASN E 119 -46.49 -12.06 -45.86
C ASN E 119 -47.44 -11.57 -44.77
N PRO E 120 -47.30 -10.29 -44.36
CA PRO E 120 -48.15 -9.71 -43.31
C PRO E 120 -49.60 -9.56 -43.72
N ASP E 121 -50.50 -9.61 -42.73
CA ASP E 121 -51.92 -9.36 -42.92
C ASP E 121 -52.54 -8.73 -41.66
N PRO E 122 -52.04 -7.53 -41.27
CA PRO E 122 -52.36 -6.92 -39.97
C PRO E 122 -53.86 -6.63 -39.76
N ALA E 123 -54.43 -7.23 -38.72
CA ALA E 123 -55.84 -7.03 -38.40
C ALA E 123 -56.12 -7.06 -36.90
N VAL E 124 -57.06 -6.23 -36.46
CA VAL E 124 -57.62 -6.31 -35.10
C VAL E 124 -59.00 -6.99 -35.19
N TYR E 125 -59.29 -7.90 -34.25
CA TYR E 125 -60.58 -8.61 -34.19
C TYR E 125 -61.23 -8.53 -32.81
N GLN E 126 -62.52 -8.84 -32.74
CA GLN E 126 -63.25 -8.83 -31.47
C GLN E 126 -63.71 -10.25 -31.08
N LEU E 127 -63.31 -10.68 -29.87
CA LEU E 127 -63.56 -12.04 -29.39
C LEU E 127 -64.62 -12.08 -28.28
N ARG E 128 -65.64 -12.91 -28.47
CA ARG E 128 -66.67 -13.10 -27.45
C ARG E 128 -66.37 -14.33 -26.60
N ASP E 129 -66.82 -14.31 -25.34
CA ASP E 129 -66.57 -15.39 -24.38
C ASP E 129 -67.73 -16.39 -24.31
N SER E 130 -67.96 -16.96 -23.12
CA SER E 130 -69.13 -17.80 -22.88
C SER E 130 -70.37 -16.96 -22.59
N SER E 133 -70.74 -13.35 -20.94
CA SER E 133 -71.90 -13.61 -21.80
C SER E 133 -71.67 -13.05 -23.19
N ASP E 134 -71.26 -11.79 -23.26
CA ASP E 134 -70.87 -11.13 -24.51
C ASP E 134 -69.78 -10.07 -24.26
N LYS E 135 -68.99 -10.30 -23.22
CA LYS E 135 -67.92 -9.37 -22.83
C LYS E 135 -66.65 -9.57 -23.67
N VAL E 137 -62.53 -8.51 -25.48
CA VAL E 137 -61.15 -8.75 -25.94
C VAL E 137 -60.92 -8.37 -27.41
N CYS E 138 -59.75 -7.82 -27.69
CA CYS E 138 -59.32 -7.44 -29.05
C CYS E 138 -57.97 -8.06 -29.40
N LEU E 139 -57.94 -8.87 -30.46
CA LEU E 139 -56.72 -9.53 -30.90
C LEU E 139 -56.10 -8.84 -32.10
N PHE E 140 -54.98 -8.16 -31.87
CA PHE E 140 -54.20 -7.56 -32.96
C PHE E 140 -53.22 -8.62 -33.42
N THR E 141 -53.33 -9.01 -34.69
CA THR E 141 -52.67 -10.23 -35.18
C THR E 141 -52.08 -10.12 -36.60
N ASP E 142 -51.18 -11.07 -36.91
CA ASP E 142 -50.61 -11.29 -38.24
C ASP E 142 -49.64 -10.21 -38.74
N PHE E 143 -49.33 -9.24 -37.90
CA PHE E 143 -48.43 -8.14 -38.28
C PHE E 143 -46.96 -8.59 -38.33
N ASP E 144 -46.12 -7.82 -39.00
CA ASP E 144 -44.69 -8.14 -39.07
C ASP E 144 -43.94 -7.68 -37.81
N SER E 145 -42.63 -7.89 -37.81
CA SER E 145 -41.80 -7.67 -36.63
C SER E 145 -41.22 -6.26 -36.50
N GLN E 146 -41.61 -5.36 -37.41
CA GLN E 146 -41.21 -3.95 -37.30
C GLN E 146 -42.26 -3.17 -36.53
N THR E 147 -43.43 -3.77 -36.40
CA THR E 147 -44.53 -3.19 -35.64
C THR E 147 -44.24 -3.38 -34.15
N ASN E 148 -44.31 -2.27 -33.41
CA ASN E 148 -44.06 -2.31 -31.98
C ASN E 148 -45.32 -1.93 -31.19
N VAL E 149 -45.76 -2.85 -30.35
CA VAL E 149 -46.97 -2.69 -29.56
C VAL E 149 -46.63 -1.91 -28.30
N SER E 150 -47.32 -0.77 -28.12
CA SER E 150 -47.08 0.11 -26.97
C SER E 150 -48.09 -0.14 -25.87
N GLN E 151 -47.63 -0.03 -24.62
CA GLN E 151 -48.43 -0.39 -23.46
C GLN E 151 -48.99 0.83 -22.75
N SER E 152 -50.31 0.96 -22.76
CA SER E 152 -51.01 2.09 -22.15
C SER E 152 -50.78 2.17 -20.65
N ASP E 154 -53.21 4.30 -20.17
CA ASP E 154 -54.18 4.69 -19.17
C ASP E 154 -54.59 3.51 -18.28
N SER E 155 -55.23 3.84 -17.16
CA SER E 155 -55.54 2.91 -16.08
C SER E 155 -56.36 1.68 -16.49
N ASP E 156 -57.50 1.91 -17.15
CA ASP E 156 -58.51 0.87 -17.33
C ASP E 156 -58.32 -0.02 -18.58
N VAL E 157 -57.26 0.22 -19.34
CA VAL E 157 -57.00 -0.57 -20.55
C VAL E 157 -55.72 -1.40 -20.38
N TYR E 158 -55.81 -2.68 -20.69
CA TYR E 158 -54.68 -3.59 -20.56
C TYR E 158 -54.26 -4.11 -21.93
N ILE E 159 -52.97 -4.00 -22.23
CA ILE E 159 -52.42 -4.51 -23.49
C ILE E 159 -51.19 -5.36 -23.22
N THR E 160 -51.16 -6.55 -23.83
CA THR E 160 -50.01 -7.44 -23.71
C THR E 160 -48.94 -7.04 -24.72
N ASP E 161 -47.75 -7.59 -24.52
CA ASP E 161 -46.67 -7.46 -25.49
C ASP E 161 -46.88 -8.48 -26.62
N LYS E 162 -46.21 -8.27 -27.75
CA LYS E 162 -46.34 -9.16 -28.90
C LYS E 162 -45.85 -10.59 -28.61
N CYS E 163 -46.52 -11.56 -29.23
CA CYS E 163 -46.30 -12.97 -28.93
C CYS E 163 -46.29 -13.78 -30.22
N VAL E 164 -45.33 -14.71 -30.33
CA VAL E 164 -45.19 -15.53 -31.53
C VAL E 164 -45.65 -16.97 -31.30
N LEU E 165 -46.74 -17.36 -31.96
CA LEU E 165 -47.13 -18.77 -31.98
C LEU E 165 -46.68 -19.44 -33.26
N ASP E 166 -46.35 -20.72 -33.15
CA ASP E 166 -45.87 -21.50 -34.27
C ASP E 166 -46.85 -22.62 -34.55
N MET E 167 -47.47 -22.57 -35.73
CA MET E 167 -48.29 -23.67 -36.21
C MET E 167 -47.38 -24.59 -37.02
N ARG E 168 -46.79 -25.56 -36.32
CA ARG E 168 -45.76 -26.44 -36.87
C ARG E 168 -46.13 -27.17 -38.16
N SER E 169 -47.26 -27.87 -38.14
CA SER E 169 -47.71 -28.65 -39.30
C SER E 169 -47.92 -27.77 -40.54
N MET E 170 -48.66 -26.67 -40.36
CA MET E 170 -48.88 -25.69 -41.42
C MET E 170 -47.62 -24.92 -41.82
N ASP E 171 -46.59 -24.97 -40.97
CA ASP E 171 -45.36 -24.20 -41.15
C ASP E 171 -45.67 -22.70 -41.29
N PHE E 172 -46.39 -22.18 -40.31
CA PHE E 172 -46.88 -20.80 -40.33
C PHE E 172 -46.63 -20.13 -38.98
N LYS E 173 -46.03 -18.93 -39.02
CA LYS E 173 -45.74 -18.15 -37.81
C LYS E 173 -46.53 -16.85 -37.83
N SER E 174 -47.14 -16.50 -36.70
CA SER E 174 -47.85 -15.22 -36.60
C SER E 174 -47.62 -14.53 -35.25
N ASN E 175 -47.45 -13.22 -35.29
CA ASN E 175 -47.40 -12.40 -34.08
C ASN E 175 -48.80 -12.06 -33.60
N SER E 176 -48.96 -11.94 -32.29
CA SER E 176 -50.24 -11.59 -31.70
C SER E 176 -50.07 -10.73 -30.47
N ALA E 177 -51.01 -9.82 -30.26
CA ALA E 177 -51.04 -8.96 -29.10
C ALA E 177 -52.49 -8.76 -28.72
N VAL E 178 -52.77 -8.91 -27.43
CA VAL E 178 -54.13 -8.90 -26.91
C VAL E 178 -54.35 -7.64 -26.09
N ALA E 179 -55.54 -7.06 -26.24
CA ALA E 179 -55.97 -5.95 -25.40
C ALA E 179 -57.38 -6.17 -24.91
N TRP E 180 -57.64 -5.79 -23.66
CA TRP E 180 -59.00 -5.79 -23.09
C TRP E 180 -59.16 -4.60 -22.16
N SER E 181 -60.36 -4.43 -21.60
CA SER E 181 -60.64 -3.28 -20.76
C SER E 181 -61.71 -3.51 -19.67
N ASN E 182 -61.75 -2.59 -18.70
CA ASN E 182 -62.81 -2.55 -17.71
C ASN E 182 -63.98 -1.68 -18.15
N LYS E 183 -63.82 -0.97 -19.27
CA LYS E 183 -64.91 -0.18 -19.85
C LYS E 183 -65.74 -1.08 -20.76
N SER E 184 -67.04 -1.15 -20.49
CA SER E 184 -67.96 -2.02 -21.24
C SER E 184 -68.09 -1.63 -22.70
N ASP E 185 -68.12 -0.32 -22.95
CA ASP E 185 -68.25 0.23 -24.31
C ASP E 185 -67.06 -0.13 -25.23
N PHE E 186 -65.87 -0.14 -24.64
CA PHE E 186 -64.59 -0.46 -25.30
C PHE E 186 -64.65 -0.96 -26.76
N ALA E 187 -64.11 -0.17 -27.68
CA ALA E 187 -64.08 -0.53 -29.10
C ALA E 187 -62.67 -0.89 -29.59
N CYS E 188 -62.58 -1.99 -30.33
CA CYS E 188 -61.31 -2.54 -30.83
C CYS E 188 -60.62 -1.65 -31.88
N ALA E 189 -61.35 -0.65 -32.36
CA ALA E 189 -60.79 0.33 -33.31
C ALA E 189 -59.88 1.35 -32.61
N ASN E 190 -59.92 1.36 -31.28
CA ASN E 190 -59.17 2.35 -30.50
C ASN E 190 -58.18 1.73 -29.53
N ALA E 191 -58.39 0.46 -29.20
CA ALA E 191 -57.53 -0.27 -28.26
C ALA E 191 -56.04 0.02 -28.44
N PHE E 192 -55.61 0.07 -29.70
CA PHE E 192 -54.20 0.23 -30.03
C PHE E 192 -53.88 1.63 -30.56
N ASN E 193 -54.53 2.63 -29.96
CA ASN E 193 -54.32 4.05 -30.30
C ASN E 193 -52.92 4.53 -29.97
N ASN E 194 -52.50 4.32 -28.73
CA ASN E 194 -51.18 4.74 -28.26
C ASN E 194 -50.03 3.87 -28.78
N SER E 195 -50.35 2.98 -29.72
CA SER E 195 -49.36 2.15 -30.41
C SER E 195 -49.18 2.59 -31.87
N ILE E 196 -47.99 2.32 -32.41
CA ILE E 196 -47.69 2.62 -33.82
C ILE E 196 -48.13 1.44 -34.71
N ILE E 197 -49.29 1.59 -35.34
CA ILE E 197 -49.90 0.53 -36.16
C ILE E 197 -49.72 0.81 -37.66
N PRO E 198 -49.54 -0.25 -38.47
CA PRO E 198 -49.41 -0.09 -39.93
C PRO E 198 -50.64 0.58 -40.58
N GLU E 199 -50.41 1.24 -41.71
CA GLU E 199 -51.44 2.03 -42.40
C GLU E 199 -52.68 1.21 -42.79
N ASP E 200 -52.46 0.06 -43.40
CA ASP E 200 -53.54 -0.77 -43.92
C ASP E 200 -54.06 -1.82 -42.92
N THR E 201 -54.00 -1.49 -41.64
CA THR E 201 -54.50 -2.39 -40.59
C THR E 201 -56.01 -2.58 -40.77
N PHE E 202 -56.43 -3.83 -40.84
CA PHE E 202 -57.82 -4.19 -41.15
C PHE E 202 -58.71 -4.23 -39.89
N PHE E 203 -59.87 -3.60 -39.99
CA PHE E 203 -60.86 -3.54 -38.91
C PHE E 203 -62.24 -3.94 -39.46
N PRO E 204 -62.84 -5.01 -38.91
CA PRO E 204 -64.22 -5.38 -39.25
C PRO E 204 -65.25 -4.74 -38.32
N SER E 205 -66.40 -4.33 -38.89
CA SER E 205 -67.46 -3.69 -38.11
C SER E 205 -68.36 -4.72 -37.43
N ALA F 3 -28.36 -38.34 -10.28
CA ALA F 3 -29.11 -38.34 -11.57
C ALA F 3 -29.43 -36.92 -12.05
N ASP F 4 -29.90 -36.08 -11.13
CA ASP F 4 -30.36 -34.73 -11.45
C ASP F 4 -30.36 -33.82 -10.19
N ILE F 5 -30.53 -32.52 -10.39
CA ILE F 5 -30.60 -31.55 -9.30
C ILE F 5 -32.00 -30.90 -9.22
N TYR F 6 -32.56 -30.86 -8.02
CA TYR F 6 -33.96 -30.48 -7.82
C TYR F 6 -34.13 -29.29 -6.90
N GLN F 7 -35.18 -28.53 -7.14
CA GLN F 7 -35.57 -27.47 -6.22
C GLN F 7 -37.06 -27.48 -5.96
N THR F 8 -37.42 -27.45 -4.68
CA THR F 8 -38.80 -27.41 -4.23
C THR F 8 -38.96 -26.36 -3.09
N PRO F 9 -40.08 -25.61 -3.10
CA PRO F 9 -41.05 -25.63 -4.18
C PRO F 9 -40.61 -24.71 -5.31
N ARG F 10 -41.20 -24.87 -6.50
CA ARG F 10 -40.88 -24.05 -7.66
C ARG F 10 -41.32 -22.60 -7.43
N TYR F 11 -42.37 -22.42 -6.63
CA TYR F 11 -42.93 -21.11 -6.33
C TYR F 11 -43.20 -21.01 -4.86
N LEU F 12 -43.00 -19.83 -4.28
CA LEU F 12 -43.26 -19.64 -2.85
C LEU F 12 -43.74 -18.23 -2.52
N VAL F 13 -44.87 -18.16 -1.82
CA VAL F 13 -45.38 -16.90 -1.28
C VAL F 13 -45.56 -17.00 0.23
N ILE F 14 -45.01 -16.03 0.95
CA ILE F 14 -45.02 -16.02 2.40
C ILE F 14 -45.36 -14.61 2.91
N GLY F 15 -45.94 -14.55 4.11
CA GLY F 15 -46.16 -13.27 4.78
C GLY F 15 -44.85 -12.68 5.25
N THR F 16 -44.77 -11.36 5.29
CA THR F 16 -43.55 -10.67 5.73
C THR F 16 -43.22 -10.94 7.21
N GLY F 17 -41.93 -11.08 7.50
CA GLY F 17 -41.45 -11.41 8.84
C GLY F 17 -41.67 -12.85 9.24
N LYS F 18 -41.47 -13.78 8.30
CA LYS F 18 -41.68 -15.20 8.57
C LYS F 18 -40.48 -16.05 8.18
N LYS F 19 -40.47 -17.30 8.64
CA LYS F 19 -39.39 -18.23 8.36
C LYS F 19 -39.61 -18.91 7.01
N ILE F 20 -38.56 -18.89 6.19
CA ILE F 20 -38.58 -19.52 4.87
C ILE F 20 -37.44 -20.52 4.73
N THR F 21 -37.77 -21.74 4.33
CA THR F 21 -36.75 -22.68 3.88
C THR F 21 -36.96 -23.01 2.42
N LEU F 22 -35.86 -22.99 1.65
CA LEU F 22 -35.87 -23.42 0.26
C LEU F 22 -35.03 -24.69 0.12
N GLU F 23 -35.63 -25.72 -0.45
CA GLU F 23 -34.99 -27.03 -0.54
C GLU F 23 -34.16 -27.19 -1.81
N CYS F 24 -32.93 -27.69 -1.64
CA CYS F 24 -32.09 -28.07 -2.77
C CYS F 24 -31.54 -29.47 -2.61
N SER F 25 -31.82 -30.32 -3.59
CA SER F 25 -31.38 -31.72 -3.54
C SER F 25 -30.71 -32.10 -4.83
N GLN F 26 -29.75 -33.01 -4.73
CA GLN F 26 -28.91 -33.35 -5.85
C GLN F 26 -28.40 -34.78 -5.62
N THR F 27 -28.71 -35.66 -6.56
CA THR F 27 -28.40 -37.08 -6.41
C THR F 27 -27.23 -37.54 -7.29
N MET F 28 -26.43 -36.57 -7.74
CA MET F 28 -25.31 -36.80 -8.66
C MET F 28 -24.02 -37.22 -7.95
N GLY F 29 -23.98 -37.07 -6.63
CA GLY F 29 -22.75 -37.35 -5.87
C GLY F 29 -21.74 -36.22 -6.02
N HIS F 30 -22.24 -34.99 -6.13
CA HIS F 30 -21.38 -33.82 -6.22
C HIS F 30 -21.13 -33.24 -4.84
N ASP F 31 -19.89 -32.86 -4.57
CA ASP F 31 -19.53 -32.27 -3.29
C ASP F 31 -19.77 -30.78 -3.24
N LYS F 32 -19.38 -30.08 -4.29
CA LYS F 32 -19.43 -28.63 -4.30
C LYS F 32 -20.83 -28.16 -4.69
N MET F 33 -21.37 -27.27 -3.88
CA MET F 33 -22.72 -26.76 -4.09
C MET F 33 -22.79 -25.24 -3.89
N TYR F 34 -23.80 -24.62 -4.51
CA TYR F 34 -23.91 -23.17 -4.53
C TYR F 34 -25.35 -22.70 -4.36
N TRP F 35 -25.49 -21.47 -3.84
CA TRP F 35 -26.73 -20.74 -3.93
C TRP F 35 -26.53 -19.38 -4.61
N TYR F 36 -27.42 -19.07 -5.55
CA TYR F 36 -27.41 -17.79 -6.24
C TYR F 36 -28.74 -17.04 -6.05
N GLN F 37 -28.63 -15.72 -6.04
CA GLN F 37 -29.81 -14.86 -6.08
C GLN F 37 -29.81 -14.12 -7.42
N GLN F 38 -30.96 -14.11 -8.07
CA GLN F 38 -31.10 -13.47 -9.39
C GLN F 38 -32.45 -12.78 -9.50
N ASP F 39 -32.41 -11.47 -9.73
CA ASP F 39 -33.61 -10.71 -10.01
C ASP F 39 -33.90 -10.78 -11.52
N PRO F 40 -35.19 -10.78 -11.90
CA PRO F 40 -35.63 -10.66 -13.29
C PRO F 40 -34.69 -9.83 -14.18
N GLY F 41 -34.05 -10.49 -15.14
CA GLY F 41 -33.18 -9.82 -16.12
C GLY F 41 -31.78 -9.46 -15.63
N MET F 42 -31.52 -9.71 -14.35
CA MET F 42 -30.26 -9.32 -13.72
C MET F 42 -29.29 -10.50 -13.62
N GLU F 43 -28.08 -10.23 -13.14
CA GLU F 43 -27.03 -11.26 -13.08
C GLU F 43 -27.23 -12.25 -11.92
N LEU F 44 -26.46 -13.33 -11.97
CA LEU F 44 -26.40 -14.33 -10.90
C LEU F 44 -25.39 -13.87 -9.85
N HIS F 45 -25.86 -13.72 -8.62
CA HIS F 45 -25.00 -13.34 -7.49
C HIS F 45 -24.82 -14.52 -6.56
N LEU F 46 -23.57 -14.83 -6.21
CA LEU F 46 -23.27 -15.88 -5.25
C LEU F 46 -23.61 -15.41 -3.84
N ILE F 47 -24.46 -16.16 -3.14
CA ILE F 47 -24.74 -15.85 -1.74
C ILE F 47 -24.14 -16.86 -0.75
N HIS F 48 -24.14 -18.13 -1.14
CA HIS F 48 -23.55 -19.18 -0.31
C HIS F 48 -22.93 -20.27 -1.19
N TYR F 49 -21.89 -20.92 -0.66
CA TYR F 49 -21.32 -22.11 -1.28
C TYR F 49 -20.83 -23.15 -0.27
N SER F 50 -20.47 -24.34 -0.75
CA SER F 50 -20.14 -25.46 0.12
C SER F 50 -19.20 -26.43 -0.60
N TYR F 51 -18.21 -26.93 0.13
CA TYR F 51 -17.26 -27.92 -0.40
C TYR F 51 -17.63 -29.37 -0.05
N GLY F 52 -18.65 -29.53 0.78
CA GLY F 52 -19.06 -30.85 1.25
C GLY F 52 -19.86 -30.70 2.52
N VAL F 53 -20.11 -31.80 3.23
CA VAL F 53 -20.93 -31.74 4.43
C VAL F 53 -20.30 -30.90 5.54
N ASN F 54 -21.13 -30.03 6.12
CA ASN F 54 -20.76 -29.07 7.17
C ASN F 54 -19.78 -27.97 6.75
N SER F 55 -19.68 -27.77 5.44
CA SER F 55 -19.05 -26.59 4.88
C SER F 55 -20.12 -25.64 4.42
N THR F 56 -20.23 -24.49 5.09
CA THR F 56 -21.16 -23.43 4.69
C THR F 56 -20.40 -22.11 4.58
N GLU F 57 -20.00 -21.75 3.37
CA GLU F 57 -19.26 -20.52 3.16
C GLU F 57 -20.10 -19.43 2.51
N LYS F 58 -19.98 -18.22 3.03
N LYS F 58 -19.99 -18.21 3.04
CA LYS F 58 -20.68 -17.05 2.50
CA LYS F 58 -20.69 -17.06 2.49
C LYS F 58 -20.12 -16.61 1.14
C LYS F 58 -20.14 -16.67 1.11
N GLY F 59 -21.02 -16.19 0.26
CA GLY F 59 -20.65 -15.76 -1.09
C GLY F 59 -20.36 -14.28 -1.10
N ASP F 60 -19.95 -13.76 -2.25
CA ASP F 60 -19.55 -12.36 -2.37
C ASP F 60 -20.66 -11.35 -2.02
N LEU F 61 -21.89 -11.62 -2.47
CA LEU F 61 -23.02 -10.76 -2.14
C LEU F 61 -23.53 -11.05 -0.73
N SER F 62 -23.74 -9.98 0.05
CA SER F 62 -24.23 -10.11 1.41
C SER F 62 -25.71 -10.49 1.42
N SER F 63 -26.06 -11.38 2.35
CA SER F 63 -27.41 -11.90 2.48
C SER F 63 -27.76 -12.21 3.93
N GLU F 64 -29.00 -11.91 4.31
CA GLU F 64 -29.52 -12.27 5.62
C GLU F 64 -29.71 -13.79 5.75
N SER F 65 -29.72 -14.48 4.62
CA SER F 65 -30.01 -15.91 4.57
C SER F 65 -28.88 -16.76 5.11
N THR F 66 -29.22 -17.98 5.52
CA THR F 66 -28.24 -18.96 5.99
C THR F 66 -28.47 -20.30 5.30
N VAL F 67 -27.43 -21.11 5.25
CA VAL F 67 -27.52 -22.45 4.65
C VAL F 67 -27.12 -23.55 5.63
N SER F 68 -27.26 -24.80 5.19
CA SER F 68 -26.88 -25.96 6.00
C SER F 68 -26.50 -27.11 5.08
N ARG F 69 -25.53 -27.91 5.50
CA ARG F 69 -25.06 -29.05 4.71
C ARG F 69 -24.78 -30.22 5.64
N ILE F 70 -25.84 -30.86 6.10
CA ILE F 70 -25.69 -32.03 6.97
C ILE F 70 -25.48 -33.32 6.16
N ARG F 71 -26.18 -33.43 5.03
CA ARG F 71 -25.94 -34.50 4.05
C ARG F 71 -25.43 -33.94 2.73
N THR F 72 -24.69 -34.77 2.00
CA THR F 72 -24.24 -34.45 0.64
C THR F 72 -25.41 -34.10 -0.27
N GLU F 73 -26.45 -34.92 -0.23
CA GLU F 73 -27.62 -34.79 -1.10
C GLU F 73 -28.36 -33.47 -0.95
N HIS F 74 -28.34 -32.88 0.24
CA HIS F 74 -29.16 -31.69 0.52
C HIS F 74 -28.36 -30.43 0.83
N PHE F 75 -28.94 -29.27 0.52
CA PHE F 75 -28.31 -27.98 0.75
C PHE F 75 -29.35 -26.86 0.92
N PRO F 76 -30.14 -26.92 2.00
CA PRO F 76 -31.28 -26.00 2.09
C PRO F 76 -30.87 -24.59 2.51
N LEU F 77 -31.59 -23.61 1.98
CA LEU F 77 -31.35 -22.21 2.32
C LEU F 77 -32.46 -21.72 3.24
N THR F 78 -32.10 -20.84 4.17
CA THR F 78 -33.05 -20.35 5.15
C THR F 78 -33.04 -18.83 5.30
N LEU F 79 -34.23 -18.23 5.24
CA LEU F 79 -34.45 -16.85 5.64
C LEU F 79 -35.26 -16.85 6.93
N GLU F 80 -34.65 -16.42 8.03
CA GLU F 80 -35.33 -16.46 9.33
C GLU F 80 -36.51 -15.48 9.41
N SER F 81 -36.34 -14.31 8.81
CA SER F 81 -37.38 -13.30 8.80
C SER F 81 -37.51 -12.67 7.42
N ALA F 82 -38.62 -12.98 6.75
CA ALA F 82 -38.87 -12.58 5.37
C ALA F 82 -39.14 -11.08 5.24
N ARG F 83 -38.43 -10.44 4.32
CA ARG F 83 -38.63 -9.03 4.00
C ARG F 83 -39.07 -8.92 2.55
N PRO F 84 -39.92 -7.93 2.23
CA PRO F 84 -40.36 -7.73 0.84
C PRO F 84 -39.19 -7.66 -0.14
N SER F 85 -38.03 -7.21 0.33
CA SER F 85 -36.81 -7.16 -0.48
C SER F 85 -36.31 -8.54 -0.92
N HIS F 86 -36.65 -9.58 -0.15
CA HIS F 86 -36.21 -10.95 -0.45
C HIS F 86 -36.88 -11.54 -1.71
N THR F 87 -37.97 -10.91 -2.14
CA THR F 87 -38.63 -11.25 -3.40
C THR F 87 -37.62 -11.26 -4.54
N SER F 88 -37.38 -12.44 -5.11
CA SER F 88 -36.36 -12.65 -6.12
C SER F 88 -36.44 -14.08 -6.62
N GLN F 89 -35.47 -14.51 -7.43
CA GLN F 89 -35.33 -15.90 -7.84
C GLN F 89 -34.06 -16.51 -7.21
N TYR F 90 -34.22 -17.69 -6.62
CA TYR F 90 -33.11 -18.33 -5.92
C TYR F 90 -32.69 -19.63 -6.59
N LEU F 91 -31.50 -19.62 -7.14
CA LEU F 91 -31.01 -20.73 -7.92
C LEU F 91 -29.95 -21.51 -7.18
N CYS F 92 -30.18 -22.82 -7.13
CA CYS F 92 -29.26 -23.76 -6.53
C CYS F 92 -28.38 -24.35 -7.63
N ALA F 93 -27.17 -24.77 -7.26
CA ALA F 93 -26.24 -25.35 -8.20
C ALA F 93 -25.27 -26.30 -7.53
N SER F 94 -24.59 -27.09 -8.35
CA SER F 94 -23.55 -27.99 -7.89
C SER F 94 -22.60 -28.27 -9.05
N SER F 95 -21.36 -28.59 -8.72
CA SER F 95 -20.39 -28.93 -9.75
C SER F 95 -19.67 -30.24 -9.46
N GLY F 96 -19.54 -31.06 -10.50
CA GLY F 96 -18.78 -32.31 -10.47
C GLY F 96 -18.08 -32.46 -11.80
N LEU F 97 -17.21 -33.47 -11.90
CA LEU F 97 -16.44 -33.73 -13.13
C LEU F 97 -17.31 -34.44 -14.18
N ARG F 98 -16.87 -34.40 -15.44
CA ARG F 98 -17.54 -35.15 -16.51
C ARG F 98 -16.90 -36.54 -16.80
N ASP F 99 -15.64 -36.68 -17.24
CA ASP F 99 -14.64 -35.65 -17.61
C ASP F 99 -14.40 -34.53 -16.59
N LEU F 102 -12.38 -31.62 -16.64
CA LEU F 102 -13.09 -30.38 -16.37
C LEU F 102 -14.27 -30.63 -15.44
N TYR F 103 -14.36 -29.79 -14.40
CA TYR F 103 -15.53 -29.78 -13.52
C TYR F 103 -16.62 -28.96 -14.17
N GLU F 104 -17.87 -29.40 -14.03
CA GLU F 104 -19.01 -28.81 -14.71
C GLU F 104 -20.08 -28.44 -13.71
N GLN F 105 -20.61 -27.23 -13.83
CA GLN F 105 -21.69 -26.74 -12.99
C GLN F 105 -23.04 -27.14 -13.59
N TYR F 106 -24.02 -27.45 -12.73
CA TYR F 106 -25.40 -27.73 -13.14
C TYR F 106 -26.36 -26.98 -12.21
N PHE F 107 -27.38 -26.36 -12.77
CA PHE F 107 -28.33 -25.56 -12.00
C PHE F 107 -29.66 -26.25 -11.83
N GLY F 108 -30.32 -26.00 -10.71
CA GLY F 108 -31.66 -26.50 -10.44
C GLY F 108 -32.69 -25.60 -11.11
N PRO F 109 -33.97 -26.00 -11.07
CA PRO F 109 -34.99 -25.22 -11.77
C PRO F 109 -35.15 -23.80 -11.23
N GLY F 110 -35.00 -23.63 -9.92
CA GLY F 110 -35.11 -22.32 -9.28
C GLY F 110 -36.35 -22.20 -8.40
N THR F 111 -36.34 -21.22 -7.50
CA THR F 111 -37.50 -20.95 -6.66
C THR F 111 -37.86 -19.47 -6.79
N ARG F 112 -39.01 -19.21 -7.39
CA ARG F 112 -39.52 -17.85 -7.48
C ARG F 112 -40.18 -17.53 -6.14
N LEU F 113 -39.62 -16.57 -5.40
CA LEU F 113 -40.14 -16.20 -4.08
C LEU F 113 -40.73 -14.79 -4.07
N THR F 114 -41.91 -14.65 -3.48
CA THR F 114 -42.56 -13.36 -3.31
C THR F 114 -42.97 -13.19 -1.86
N VAL F 115 -42.44 -12.16 -1.22
CA VAL F 115 -42.76 -11.86 0.17
C VAL F 115 -43.80 -10.73 0.22
N THR F 116 -45.03 -11.07 0.63
CA THR F 116 -46.13 -10.12 0.62
C THR F 116 -46.32 -9.36 1.93
N GLU F 117 -46.89 -8.16 1.81
CA GLU F 117 -47.22 -7.33 2.97
C GLU F 117 -48.14 -8.09 3.93
N ASP F 118 -49.08 -8.85 3.36
CA ASP F 118 -50.07 -9.61 4.12
C ASP F 118 -50.65 -10.76 3.28
N LEU F 119 -50.95 -11.88 3.93
CA LEU F 119 -51.47 -13.07 3.24
C LEU F 119 -52.84 -12.88 2.60
N LYS F 120 -53.65 -11.96 3.14
CA LYS F 120 -54.97 -11.69 2.59
C LYS F 120 -54.90 -11.07 1.18
N ASN F 121 -53.70 -10.68 0.75
CA ASN F 121 -53.48 -10.18 -0.61
C ASN F 121 -53.50 -11.28 -1.68
N VAL F 122 -53.44 -12.54 -1.27
CA VAL F 122 -53.33 -13.68 -2.17
C VAL F 122 -54.69 -14.10 -2.77
N PHE F 123 -54.74 -14.23 -4.09
CA PHE F 123 -55.96 -14.61 -4.81
C PHE F 123 -55.68 -15.59 -5.94
N PRO F 124 -56.55 -16.60 -6.12
CA PRO F 124 -56.51 -17.45 -7.30
C PRO F 124 -57.02 -16.69 -8.54
N PRO F 125 -56.65 -17.14 -9.75
CA PRO F 125 -57.14 -16.45 -10.96
C PRO F 125 -58.53 -16.86 -11.41
N GLU F 126 -59.21 -15.95 -12.11
CA GLU F 126 -60.37 -16.31 -12.95
C GLU F 126 -59.87 -16.59 -14.35
N VAL F 127 -60.47 -17.59 -14.98
CA VAL F 127 -60.14 -17.92 -16.36
C VAL F 127 -61.40 -17.90 -17.21
N ALA F 128 -61.33 -17.19 -18.33
CA ALA F 128 -62.37 -17.21 -19.34
C ALA F 128 -61.68 -17.43 -20.68
N VAL F 129 -62.34 -18.19 -21.56
CA VAL F 129 -61.87 -18.40 -22.92
C VAL F 129 -62.74 -17.63 -23.89
N PHE F 130 -62.10 -16.93 -24.82
CA PHE F 130 -62.78 -16.10 -25.79
C PHE F 130 -62.78 -16.77 -27.16
N GLU F 131 -63.99 -17.01 -27.68
CA GLU F 131 -64.20 -17.71 -28.94
C GLU F 131 -63.67 -16.93 -30.14
N PRO F 132 -63.13 -17.66 -31.15
CA PRO F 132 -62.58 -17.06 -32.38
C PRO F 132 -63.58 -16.18 -33.11
N SER F 133 -63.10 -15.07 -33.66
CA SER F 133 -63.95 -14.13 -34.40
C SER F 133 -64.28 -14.67 -35.79
N GLU F 134 -65.55 -14.51 -36.17
CA GLU F 134 -66.02 -14.99 -37.47
C GLU F 134 -65.30 -14.28 -38.62
N ALA F 135 -65.00 -13.00 -38.42
CA ALA F 135 -64.27 -12.20 -39.39
C ALA F 135 -62.84 -12.71 -39.64
N GLU F 136 -62.22 -13.30 -38.61
CA GLU F 136 -60.88 -13.86 -38.73
C GLU F 136 -60.87 -15.10 -39.62
N ILE F 137 -61.84 -15.98 -39.40
CA ILE F 137 -62.03 -17.19 -40.22
C ILE F 137 -62.33 -16.84 -41.68
N SER F 138 -63.15 -15.81 -41.89
CA SER F 138 -63.53 -15.38 -43.24
C SER F 138 -62.33 -14.85 -44.04
N HIS F 139 -61.39 -14.22 -43.34
CA HIS F 139 -60.25 -13.57 -43.98
C HIS F 139 -59.02 -14.48 -44.11
N THR F 140 -58.76 -15.29 -43.08
CA THR F 140 -57.53 -16.08 -43.02
C THR F 140 -57.77 -17.59 -43.15
N GLN F 141 -58.99 -18.03 -42.84
CA GLN F 141 -59.31 -19.45 -42.68
C GLN F 141 -58.52 -20.06 -41.52
N LYS F 142 -58.37 -19.26 -40.47
CA LYS F 142 -57.76 -19.67 -39.21
C LYS F 142 -58.54 -19.07 -38.03
N ALA F 143 -58.56 -19.80 -36.93
CA ALA F 143 -59.30 -19.40 -35.73
C ALA F 143 -58.37 -19.29 -34.53
N THR F 144 -58.32 -18.12 -33.90
CA THR F 144 -57.49 -17.91 -32.71
C THR F 144 -58.32 -17.82 -31.44
N LEU F 145 -58.14 -18.79 -30.56
CA LEU F 145 -58.71 -18.73 -29.22
C LEU F 145 -57.79 -17.93 -28.31
N VAL F 146 -58.39 -17.12 -27.43
CA VAL F 146 -57.63 -16.34 -26.46
C VAL F 146 -58.08 -16.67 -25.04
N CYS F 147 -57.12 -17.17 -24.24
CA CYS F 147 -57.35 -17.41 -22.82
C CYS F 147 -56.96 -16.20 -21.99
N LEU F 148 -57.71 -15.96 -20.92
CA LEU F 148 -57.47 -14.81 -20.07
C LEU F 148 -57.60 -15.16 -18.60
N ALA F 149 -56.46 -15.32 -17.94
CA ALA F 149 -56.43 -15.43 -16.49
C ALA F 149 -56.34 -14.02 -15.91
N THR F 150 -57.24 -13.71 -15.00
CA THR F 150 -57.29 -12.38 -14.40
C THR F 150 -57.41 -12.47 -12.90
N GLY F 151 -57.00 -11.40 -12.21
CA GLY F 151 -57.26 -11.25 -10.79
C GLY F 151 -56.50 -12.13 -9.82
N PHE F 152 -55.24 -12.46 -10.17
CA PHE F 152 -54.42 -13.30 -9.30
C PHE F 152 -53.23 -12.59 -8.65
N TYR F 153 -52.97 -12.94 -7.39
CA TYR F 153 -51.75 -12.58 -6.69
C TYR F 153 -51.29 -13.78 -5.87
N PRO F 154 -49.97 -14.05 -5.84
CA PRO F 154 -48.92 -13.38 -6.62
C PRO F 154 -48.83 -13.93 -8.04
N ASP F 155 -47.97 -13.34 -8.87
CA ASP F 155 -47.77 -13.78 -10.25
C ASP F 155 -47.05 -15.13 -10.34
N HIS F 156 -47.62 -16.13 -9.68
CA HIS F 156 -47.07 -17.48 -9.63
C HIS F 156 -48.04 -18.40 -10.34
N VAL F 157 -47.81 -18.61 -11.63
CA VAL F 157 -48.84 -19.22 -12.47
C VAL F 157 -48.27 -19.95 -13.68
N GLU F 158 -48.89 -21.07 -14.05
CA GLU F 158 -48.52 -21.82 -15.24
C GLU F 158 -49.74 -22.14 -16.11
N LEU F 159 -49.70 -21.66 -17.35
CA LEU F 159 -50.81 -21.79 -18.28
C LEU F 159 -50.51 -22.80 -19.38
N SER F 160 -51.44 -23.72 -19.59
CA SER F 160 -51.32 -24.72 -20.65
C SER F 160 -52.65 -24.90 -21.39
N TRP F 161 -52.57 -25.42 -22.61
CA TRP F 161 -53.73 -25.65 -23.44
C TRP F 161 -53.98 -27.14 -23.59
N TRP F 162 -55.25 -27.53 -23.56
CA TRP F 162 -55.64 -28.93 -23.67
C TRP F 162 -56.74 -29.13 -24.71
N VAL F 163 -56.38 -29.73 -25.83
CA VAL F 163 -57.33 -30.00 -26.91
C VAL F 163 -57.64 -31.49 -26.97
N ASN F 164 -58.93 -31.81 -26.84
CA ASN F 164 -59.41 -33.20 -26.74
C ASN F 164 -58.74 -33.99 -25.60
N GLY F 165 -58.38 -33.27 -24.53
CA GLY F 165 -57.78 -33.87 -23.34
C GLY F 165 -56.28 -34.12 -23.38
N LYS F 166 -55.61 -33.61 -24.41
CA LYS F 166 -54.14 -33.70 -24.49
C LYS F 166 -53.52 -32.32 -24.64
N GLU F 167 -52.46 -32.08 -23.87
CA GLU F 167 -51.76 -30.80 -23.87
C GLU F 167 -51.10 -30.55 -25.23
N VAL F 168 -51.43 -29.42 -25.85
CA VAL F 168 -50.83 -29.04 -27.12
C VAL F 168 -49.76 -27.96 -26.94
N HIS F 169 -48.79 -27.95 -27.84
CA HIS F 169 -47.73 -26.96 -27.82
C HIS F 169 -47.69 -26.13 -29.09
N SER F 170 -48.09 -26.75 -30.21
CA SER F 170 -48.21 -26.05 -31.48
C SER F 170 -49.39 -25.07 -31.45
N GLY F 171 -49.21 -23.94 -32.13
CA GLY F 171 -50.22 -22.88 -32.21
C GLY F 171 -50.35 -22.03 -30.96
N VAL F 172 -49.45 -22.23 -30.00
CA VAL F 172 -49.59 -21.64 -28.66
C VAL F 172 -48.59 -20.52 -28.39
N CYS F 173 -49.09 -19.40 -27.84
CA CYS F 173 -48.22 -18.35 -27.33
C CYS F 173 -48.80 -17.78 -26.06
N THR F 174 -48.05 -17.91 -24.98
CA THR F 174 -48.43 -17.29 -23.71
C THR F 174 -47.46 -16.15 -23.42
N ASP F 175 -47.98 -15.06 -22.87
CA ASP F 175 -47.17 -13.93 -22.46
C ASP F 175 -46.03 -14.34 -21.53
N PRO F 176 -44.83 -13.77 -21.74
CA PRO F 176 -43.66 -14.09 -20.92
C PRO F 176 -43.91 -13.80 -19.43
N GLN F 177 -44.48 -12.64 -19.13
CA GLN F 177 -44.80 -12.27 -17.75
C GLN F 177 -46.20 -11.66 -17.70
N PRO F 178 -46.93 -11.88 -16.59
CA PRO F 178 -48.24 -11.26 -16.45
C PRO F 178 -48.10 -9.81 -16.04
N LEU F 179 -49.02 -8.97 -16.50
CA LEU F 179 -49.01 -7.55 -16.18
C LEU F 179 -49.88 -7.19 -14.97
N LYS F 180 -49.59 -6.06 -14.35
CA LYS F 180 -50.28 -5.58 -13.15
C LYS F 180 -51.68 -5.04 -13.46
N GLU F 181 -52.69 -5.56 -12.75
CA GLU F 181 -54.08 -5.12 -12.91
C GLU F 181 -54.34 -3.71 -12.36
N GLN F 182 -53.60 -3.34 -11.31
CA GLN F 182 -53.67 -1.99 -10.76
C GLN F 182 -52.26 -1.52 -10.38
N PRO F 183 -51.49 -1.02 -11.39
CA PRO F 183 -50.08 -0.66 -11.21
C PRO F 183 -49.78 0.31 -10.06
N ALA F 184 -50.82 0.98 -9.56
CA ALA F 184 -50.67 1.90 -8.42
C ALA F 184 -50.54 1.16 -7.08
N LEU F 185 -51.37 0.13 -6.88
CA LEU F 185 -51.34 -0.66 -5.63
C LEU F 185 -50.07 -1.51 -5.56
N ASN F 186 -49.35 -1.38 -4.44
CA ASN F 186 -48.08 -2.08 -4.21
C ASN F 186 -48.20 -3.59 -4.44
N ASP F 187 -49.27 -4.18 -3.90
CA ASP F 187 -49.61 -5.56 -4.18
C ASP F 187 -50.91 -5.64 -4.98
N SER F 188 -50.82 -5.22 -6.24
CA SER F 188 -51.92 -5.32 -7.18
C SER F 188 -51.94 -6.72 -7.78
N ARG F 189 -53.12 -7.16 -8.21
CA ARG F 189 -53.26 -8.45 -8.85
C ARG F 189 -52.71 -8.41 -10.27
N TYR F 190 -52.55 -9.59 -10.87
CA TYR F 190 -51.94 -9.72 -12.17
C TYR F 190 -52.90 -10.33 -13.18
N ALA F 191 -52.62 -10.13 -14.46
CA ALA F 191 -53.36 -10.80 -15.53
C ALA F 191 -52.41 -11.37 -16.58
N LEU F 192 -52.76 -12.55 -17.08
CA LEU F 192 -51.98 -13.25 -18.11
C LEU F 192 -52.90 -13.65 -19.26
N SER F 193 -52.45 -13.40 -20.49
CA SER F 193 -53.18 -13.86 -21.67
C SER F 193 -52.40 -14.90 -22.45
N SER F 194 -53.14 -15.75 -23.17
CA SER F 194 -52.54 -16.73 -24.07
C SER F 194 -53.41 -16.94 -25.28
N ARG F 195 -52.82 -17.53 -26.32
CA ARG F 195 -53.50 -17.78 -27.59
C ARG F 195 -53.27 -19.20 -28.10
N LEU F 196 -54.32 -19.78 -28.68
CA LEU F 196 -54.22 -21.03 -29.41
C LEU F 196 -54.88 -20.86 -30.77
N ARG F 197 -54.13 -21.18 -31.82
CA ARG F 197 -54.62 -21.05 -33.19
C ARG F 197 -54.54 -22.39 -33.92
N VAL F 198 -55.70 -22.83 -34.41
CA VAL F 198 -55.83 -24.04 -35.22
C VAL F 198 -56.61 -23.68 -36.50
N SER F 199 -56.61 -24.56 -37.49
CA SER F 199 -57.30 -24.30 -38.76
C SER F 199 -58.80 -24.04 -38.59
N ALA F 200 -59.37 -23.30 -39.55
CA ALA F 200 -60.80 -22.99 -39.55
C ALA F 200 -61.68 -24.23 -39.51
N THR F 201 -61.20 -25.30 -40.15
CA THR F 201 -61.91 -26.59 -40.18
C THR F 201 -61.90 -27.27 -38.82
N PHE F 202 -60.76 -27.23 -38.12
CA PHE F 202 -60.62 -27.86 -36.82
C PHE F 202 -61.50 -27.22 -35.76
N TRP F 203 -61.60 -25.90 -35.80
CA TRP F 203 -62.51 -25.17 -34.90
C TRP F 203 -63.96 -25.30 -35.35
N GLN F 204 -64.18 -25.45 -36.66
CA GLN F 204 -65.53 -25.60 -37.20
C GLN F 204 -66.18 -26.90 -36.73
N ASN F 205 -65.33 -27.89 -36.43
CA ASN F 205 -65.75 -29.20 -35.96
C ASN F 205 -66.37 -29.17 -34.55
N PRO F 206 -67.63 -29.61 -34.43
CA PRO F 206 -68.37 -29.60 -33.15
C PRO F 206 -67.86 -30.58 -32.09
N ARG F 207 -67.03 -31.55 -32.50
CA ARG F 207 -66.56 -32.61 -31.61
C ARG F 207 -65.25 -32.26 -30.92
N ASN F 208 -64.60 -31.19 -31.37
CA ASN F 208 -63.35 -30.73 -30.79
C ASN F 208 -63.56 -29.91 -29.52
N HIS F 209 -62.77 -30.21 -28.50
CA HIS F 209 -62.88 -29.58 -27.19
C HIS F 209 -61.59 -28.86 -26.81
N PHE F 210 -61.73 -27.58 -26.42
CA PHE F 210 -60.60 -26.72 -26.11
C PHE F 210 -60.67 -26.27 -24.67
N ARG F 211 -59.61 -26.52 -23.92
CA ARG F 211 -59.55 -26.12 -22.51
C ARG F 211 -58.26 -25.40 -22.18
N CYS F 212 -58.41 -24.23 -21.57
CA CYS F 212 -57.29 -23.46 -21.05
C CYS F 212 -57.14 -23.74 -19.57
N GLN F 213 -55.96 -24.21 -19.19
CA GLN F 213 -55.67 -24.58 -17.81
C GLN F 213 -54.64 -23.66 -17.17
N VAL F 214 -54.92 -23.24 -15.94
CA VAL F 214 -54.04 -22.34 -15.24
C VAL F 214 -53.65 -22.94 -13.89
N GLN F 215 -52.39 -23.36 -13.77
CA GLN F 215 -51.87 -23.88 -12.51
C GLN F 215 -51.39 -22.74 -11.63
N PHE F 216 -52.18 -22.45 -10.59
CA PHE F 216 -51.88 -21.38 -9.64
C PHE F 216 -51.16 -21.90 -8.41
N TYR F 217 -50.22 -21.11 -7.93
CA TYR F 217 -49.43 -21.45 -6.75
C TYR F 217 -49.67 -20.42 -5.67
N GLY F 218 -50.34 -20.85 -4.60
CA GLY F 218 -50.68 -19.98 -3.48
C GLY F 218 -50.30 -20.56 -2.14
N LEU F 219 -51.20 -20.40 -1.17
CA LEU F 219 -51.00 -20.86 0.20
C LEU F 219 -51.08 -22.39 0.35
N SER F 220 -50.51 -22.89 1.44
CA SER F 220 -50.36 -24.34 1.69
C SER F 220 -51.01 -24.78 3.01
N GLU F 221 -50.78 -26.04 3.39
CA GLU F 221 -51.28 -26.61 4.65
C GLU F 221 -50.93 -25.74 5.86
N ASN F 222 -49.66 -25.37 5.93
CA ASN F 222 -49.09 -24.73 7.11
C ASN F 222 -49.20 -23.20 7.13
N ASP F 223 -49.96 -22.66 6.19
CA ASP F 223 -50.27 -21.24 6.17
C ASP F 223 -51.56 -20.95 6.95
N GLU F 224 -51.48 -19.96 7.83
CA GLU F 224 -52.60 -19.53 8.67
C GLU F 224 -53.60 -18.74 7.81
N TRP F 225 -54.88 -19.08 7.93
CA TRP F 225 -55.94 -18.38 7.19
C TRP F 225 -57.25 -18.35 7.98
N THR F 226 -57.82 -17.17 8.15
CA THR F 226 -59.05 -17.00 8.93
C THR F 226 -60.03 -16.00 8.29
N GLN F 227 -60.20 -16.12 6.97
CA GLN F 227 -61.14 -15.29 6.22
C GLN F 227 -62.33 -16.12 5.70
N ASP F 228 -63.43 -15.43 5.36
CA ASP F 228 -64.65 -16.12 4.95
C ASP F 228 -64.57 -16.80 3.58
N ARG F 229 -63.92 -16.15 2.62
CA ARG F 229 -63.68 -16.74 1.30
C ARG F 229 -62.69 -17.89 1.41
N ALA F 230 -62.80 -18.85 0.50
CA ALA F 230 -61.95 -20.05 0.51
C ALA F 230 -60.48 -19.69 0.48
N LYS F 231 -59.71 -20.40 1.31
CA LYS F 231 -58.26 -20.25 1.36
C LYS F 231 -57.66 -20.35 -0.05
N PRO F 232 -56.95 -19.28 -0.49
CA PRO F 232 -56.33 -19.22 -1.81
C PRO F 232 -55.16 -20.18 -1.94
N VAL F 233 -55.46 -21.47 -2.00
CA VAL F 233 -54.44 -22.51 -2.07
C VAL F 233 -53.97 -22.79 -3.50
N THR F 234 -52.84 -23.48 -3.61
CA THR F 234 -52.36 -24.03 -4.87
C THR F 234 -53.46 -24.88 -5.51
N GLN F 235 -53.86 -24.50 -6.73
CA GLN F 235 -54.99 -25.14 -7.39
C GLN F 235 -54.93 -24.90 -8.89
N ILE F 236 -55.81 -25.59 -9.62
CA ILE F 236 -55.95 -25.41 -11.06
C ILE F 236 -57.29 -24.76 -11.37
N VAL F 237 -57.25 -23.64 -12.08
CA VAL F 237 -58.46 -22.96 -12.55
C VAL F 237 -58.52 -23.01 -14.08
N SER F 238 -59.69 -23.39 -14.60
CA SER F 238 -59.87 -23.68 -16.03
C SER F 238 -61.05 -22.96 -16.68
N ALA F 239 -60.99 -22.88 -18.00
CA ALA F 239 -62.12 -22.47 -18.82
C ALA F 239 -62.05 -23.27 -20.11
N GLU F 240 -63.21 -23.48 -20.73
CA GLU F 240 -63.29 -24.30 -21.93
C GLU F 240 -64.34 -23.80 -22.92
N ALA F 241 -64.30 -24.37 -24.12
CA ALA F 241 -65.28 -24.11 -25.16
C ALA F 241 -65.29 -25.26 -26.15
N TRP F 242 -66.40 -25.42 -26.85
CA TRP F 242 -66.52 -26.41 -27.90
C TRP F 242 -66.53 -25.74 -29.26
N GLY F 243 -65.98 -26.43 -30.26
CA GLY F 243 -65.98 -25.96 -31.64
C GLY F 243 -67.36 -25.66 -32.18
N ARG F 244 -67.49 -24.53 -32.88
CA ARG F 244 -68.77 -24.09 -33.41
C ARG F 244 -68.87 -24.28 -34.92
N ALA F 245 -70.04 -24.71 -35.38
CA ALA F 245 -70.31 -24.89 -36.82
C ALA F 245 -70.49 -23.55 -37.54
N ASP F 246 -71.19 -22.62 -36.89
CA ASP F 246 -71.42 -21.28 -37.44
C ASP F 246 -71.53 -20.25 -36.32
N ASN G 3 6.28 9.77 17.62
CA ASN G 3 7.42 10.72 17.45
C ASN G 3 8.71 10.00 17.09
N GLN G 4 9.50 10.59 16.21
CA GLN G 4 10.73 9.98 15.71
C GLN G 4 11.94 10.44 16.54
N VAL G 5 11.68 11.30 17.51
CA VAL G 5 12.68 11.69 18.51
C VAL G 5 12.10 11.46 19.89
N GLU G 6 12.81 10.65 20.69
CA GLU G 6 12.43 10.38 22.07
C GLU G 6 13.55 10.77 23.01
N GLN G 7 13.20 11.48 24.07
CA GLN G 7 14.15 11.84 25.11
C GLN G 7 13.86 11.08 26.41
N SER G 8 14.93 10.61 27.04
CA SER G 8 14.85 10.06 28.38
C SER G 8 15.87 10.72 29.31
N PRO G 9 15.45 11.05 30.55
CA PRO G 9 14.13 10.82 31.16
C PRO G 9 13.14 11.95 30.85
N GLN G 10 11.90 11.79 31.28
CA GLN G 10 10.88 12.83 31.13
C GLN G 10 11.23 14.01 32.02
N SER G 11 11.62 13.70 33.26
CA SER G 11 12.07 14.69 34.20
C SER G 11 13.02 14.02 35.19
N LEU G 12 13.90 14.81 35.77
CA LEU G 12 14.77 14.31 36.84
C LEU G 12 15.10 15.45 37.79
N ILE G 13 15.39 15.08 39.03
CA ILE G 13 15.75 16.04 40.07
C ILE G 13 17.12 15.67 40.62
N ILE G 14 18.05 16.62 40.56
CA ILE G 14 19.41 16.40 41.07
C ILE G 14 19.84 17.51 42.03
N LEU G 15 20.86 17.21 42.84
CA LEU G 15 21.50 18.23 43.67
C LEU G 15 22.60 18.91 42.89
N GLU G 16 22.91 20.15 43.26
CA GLU G 16 23.98 20.92 42.63
C GLU G 16 25.36 20.27 42.81
N GLY G 17 26.26 20.55 41.88
CA GLY G 17 27.62 20.06 41.95
C GLY G 17 27.74 18.61 41.52
N LYS G 18 26.68 18.07 40.96
CA LYS G 18 26.67 16.71 40.44
C LYS G 18 26.76 16.72 38.92
N ASN G 19 27.24 15.62 38.35
CA ASN G 19 27.15 15.40 36.91
C ASN G 19 25.93 14.56 36.59
N CYS G 20 25.30 14.87 35.46
CA CYS G 20 24.19 14.07 34.95
C CYS G 20 24.19 13.94 33.42
N THR G 21 23.50 12.90 32.95
CA THR G 21 23.43 12.59 31.51
C THR G 21 21.98 12.47 31.06
N LEU G 22 21.60 13.28 30.07
CA LEU G 22 20.28 13.20 29.47
C LEU G 22 20.41 12.51 28.12
N GLN G 23 19.50 11.57 27.83
CA GLN G 23 19.56 10.78 26.58
C GLN G 23 18.60 11.28 25.49
N CYS G 24 18.91 10.94 24.24
CA CYS G 24 18.06 11.24 23.07
C CYS G 24 18.20 10.14 22.01
N ASN G 25 17.09 9.53 21.64
CA ASN G 25 17.05 8.51 20.58
C ASN G 25 16.16 8.98 19.44
N TYR G 26 16.59 8.75 18.21
CA TYR G 26 15.83 9.14 17.03
C TYR G 26 15.72 8.01 16.01
N THR G 27 14.60 7.98 15.29
CA THR G 27 14.42 7.04 14.19
C THR G 27 14.47 7.77 12.85
N VAL G 28 14.55 9.09 12.90
CA VAL G 28 14.63 9.94 11.71
C VAL G 28 15.67 9.46 10.69
N SER G 29 15.25 9.38 9.43
CA SER G 29 16.16 9.19 8.30
C SER G 29 15.61 9.88 7.04
N PRO G 30 16.49 10.45 6.20
CA PRO G 30 17.96 10.43 6.40
C PRO G 30 18.34 11.37 7.54
N PHE G 31 19.57 11.26 8.01
CA PHE G 31 20.01 12.07 9.14
C PHE G 31 21.07 13.07 8.71
N SER G 32 20.78 14.33 9.00
CA SER G 32 21.71 15.41 8.72
C SER G 32 22.43 15.91 9.99
N ASN G 33 21.65 16.41 10.96
CA ASN G 33 22.23 16.97 12.19
C ASN G 33 21.31 16.96 13.41
N LEU G 34 21.91 16.94 14.59
CA LEU G 34 21.17 16.95 15.86
C LEU G 34 21.58 18.14 16.73
N ARG G 35 20.57 18.79 17.33
CA ARG G 35 20.77 19.98 18.14
C ARG G 35 20.23 19.79 19.56
N TRP G 36 20.94 20.39 20.52
CA TRP G 36 20.48 20.47 21.90
C TRP G 36 20.11 21.90 22.26
N TYR G 37 18.92 22.08 22.82
CA TYR G 37 18.46 23.40 23.28
C TYR G 37 18.16 23.38 24.77
N LYS G 38 18.51 24.48 25.43
CA LYS G 38 18.15 24.72 26.82
C LYS G 38 17.02 25.74 26.77
N GLN G 39 15.91 25.43 27.44
CA GLN G 39 14.81 26.37 27.49
C GLN G 39 14.37 26.61 28.93
N ASP G 40 14.67 27.81 29.42
CA ASP G 40 14.24 28.27 30.73
C ASP G 40 12.78 28.66 30.67
N THR G 41 12.02 28.28 31.70
CA THR G 41 10.57 28.48 31.70
C THR G 41 10.25 29.94 31.44
N GLY G 42 9.53 30.19 30.34
CA GLY G 42 9.10 31.54 29.99
C GLY G 42 10.00 32.22 28.96
N ARG G 43 10.89 31.44 28.36
CA ARG G 43 11.85 31.95 27.40
C ARG G 43 11.98 31.06 26.17
N GLY G 44 12.50 31.63 25.09
CA GLY G 44 12.80 30.87 23.89
C GLY G 44 13.93 29.88 24.13
N PRO G 45 13.93 28.77 23.37
CA PRO G 45 15.05 27.83 23.47
C PRO G 45 16.35 28.52 23.07
N VAL G 46 17.41 28.24 23.81
CA VAL G 46 18.74 28.72 23.48
C VAL G 46 19.58 27.51 23.07
N SER G 47 20.31 27.68 21.97
CA SER G 47 21.06 26.59 21.37
C SER G 47 22.31 26.27 22.17
N LEU G 48 22.44 25.02 22.57
CA LEU G 48 23.65 24.56 23.25
C LEU G 48 24.66 23.97 22.26
N THR G 49 24.24 22.98 21.46
CA THR G 49 25.12 22.33 20.48
C THR G 49 24.43 21.90 19.18
N ILE G 50 25.22 21.76 18.12
CA ILE G 50 24.83 21.12 16.85
C ILE G 50 25.92 20.15 16.35
N MET G 51 25.53 18.94 15.97
CA MET G 51 26.48 17.93 15.50
C MET G 51 25.99 17.24 14.23
N THR G 52 26.93 16.84 13.38
CA THR G 52 26.60 16.05 12.20
C THR G 52 27.12 14.64 12.39
N PHE G 53 26.70 13.72 11.51
CA PHE G 53 26.98 12.29 11.65
C PHE G 53 28.46 11.97 11.86
N SER G 54 29.34 12.79 11.28
CA SER G 54 30.78 12.59 11.36
C SER G 54 31.39 13.02 12.69
N GLU G 55 30.58 13.58 13.57
CA GLU G 55 31.06 14.10 14.85
C GLU G 55 30.55 13.30 16.03
N ASN G 56 31.45 12.86 16.89
CA ASN G 56 31.01 12.11 18.06
C ASN G 56 30.94 12.93 19.35
N THR G 57 31.56 14.12 19.35
CA THR G 57 31.52 14.99 20.54
C THR G 57 31.55 16.49 20.23
N LYS G 58 30.84 17.26 21.05
CA LYS G 58 30.87 18.73 20.99
C LYS G 58 30.68 19.34 22.36
N SER G 59 31.41 20.43 22.62
CA SER G 59 31.37 21.10 23.91
C SER G 59 30.97 22.57 23.84
N ASN G 60 30.25 23.00 24.87
CA ASN G 60 29.86 24.39 25.05
C ASN G 60 29.80 24.64 26.56
N GLY G 61 30.95 25.03 27.13
CA GLY G 61 31.08 25.23 28.57
C GLY G 61 30.94 23.92 29.32
N ARG G 62 29.99 23.89 30.26
CA ARG G 62 29.77 22.68 31.04
C ARG G 62 28.81 21.69 30.35
N TYR G 63 28.47 21.97 29.09
CA TYR G 63 27.64 21.05 28.30
C TYR G 63 28.48 20.29 27.27
N THR G 64 28.49 18.96 27.37
CA THR G 64 29.12 18.11 26.36
C THR G 64 28.12 17.17 25.70
N ALA G 65 27.90 17.38 24.41
CA ALA G 65 27.02 16.52 23.62
C ALA G 65 27.85 15.46 22.94
N THR G 66 27.42 14.22 23.06
CA THR G 66 28.03 13.13 22.32
C THR G 66 27.01 12.57 21.33
N LEU G 67 27.52 11.95 20.26
CA LEU G 67 26.67 11.34 19.26
C LEU G 67 27.24 10.01 18.85
N ASP G 68 26.36 9.02 18.67
CA ASP G 68 26.71 7.77 18.03
C ASP G 68 25.72 7.53 16.89
N ALA G 69 26.22 7.67 15.66
CA ALA G 69 25.37 7.64 14.47
C ALA G 69 24.83 6.25 14.16
N ASP G 70 25.57 5.21 14.57
CA ASP G 70 25.17 3.82 14.39
C ASP G 70 23.90 3.45 15.18
N THR G 71 23.80 3.92 16.43
CA THR G 71 22.67 3.58 17.29
C THR G 71 21.69 4.75 17.39
N LYS G 72 21.83 5.70 16.48
CA LYS G 72 21.00 6.93 16.43
C LYS G 72 20.71 7.42 17.85
N GLN G 73 21.80 7.73 18.53
CA GLN G 73 21.79 7.98 19.96
C GLN G 73 22.68 9.16 20.29
N SER G 74 22.11 10.11 21.04
CA SER G 74 22.90 11.18 21.61
C SER G 74 22.66 11.30 23.10
N SER G 75 23.62 11.91 23.78
CA SER G 75 23.43 12.28 25.17
C SER G 75 24.03 13.65 25.44
N LEU G 76 23.45 14.35 26.41
CA LEU G 76 23.99 15.61 26.89
C LEU G 76 24.48 15.43 28.34
N HIS G 77 25.80 15.50 28.51
CA HIS G 77 26.43 15.40 29.83
C HIS G 77 26.62 16.80 30.40
N ILE G 78 26.01 17.06 31.56
CA ILE G 78 26.16 18.33 32.25
C ILE G 78 27.17 18.17 33.38
N THR G 79 28.26 18.92 33.27
CA THR G 79 29.31 18.90 34.29
C THR G 79 29.01 19.89 35.42
N ALA G 80 29.07 19.38 36.64
CA ALA G 80 29.01 20.18 37.86
C ALA G 80 27.79 21.08 37.86
N SER G 81 26.63 20.44 37.95
CA SER G 81 25.33 21.10 37.86
C SER G 81 25.19 22.26 38.81
N GLN G 82 24.71 23.39 38.31
CA GLN G 82 24.38 24.52 39.18
C GLN G 82 22.89 24.85 39.09
N LEU G 83 22.41 25.76 39.94
CA LEU G 83 20.96 26.05 40.02
C LEU G 83 20.35 26.55 38.70
N SER G 84 21.15 27.30 37.94
CA SER G 84 20.70 27.89 36.68
C SER G 84 20.50 26.85 35.56
N ASP G 85 21.01 25.64 35.77
CA ASP G 85 20.78 24.54 34.83
C ASP G 85 19.35 24.00 34.84
N SER G 86 18.56 24.42 35.83
CA SER G 86 17.15 24.02 35.90
C SER G 86 16.41 24.59 34.71
N ALA G 87 16.09 23.71 33.75
CA ALA G 87 15.43 24.09 32.50
C ALA G 87 14.82 22.87 31.85
N SER G 88 14.22 23.07 30.69
CA SER G 88 13.82 21.99 29.80
C SER G 88 14.91 21.80 28.77
N TYR G 89 15.34 20.55 28.56
CA TYR G 89 16.38 20.29 27.56
C TYR G 89 15.78 19.60 26.34
N ILE G 90 16.00 20.20 25.17
CA ILE G 90 15.30 19.78 23.96
C ILE G 90 16.23 19.18 22.92
N CYS G 91 15.89 17.98 22.48
CA CYS G 91 16.60 17.30 21.43
C CYS G 91 15.85 17.52 20.10
N VAL G 92 16.56 18.03 19.10
CA VAL G 92 15.96 18.27 17.79
C VAL G 92 16.83 17.77 16.65
N VAL G 93 16.24 16.92 15.81
CA VAL G 93 16.93 16.34 14.65
C VAL G 93 16.41 16.93 13.34
N SER G 94 17.30 17.09 12.37
CA SER G 94 16.93 17.58 11.05
C SER G 94 17.28 16.54 9.98
N ASP G 95 16.37 16.35 9.03
CA ASP G 95 16.61 15.42 7.93
C ASP G 95 17.21 16.01 6.65
N ARG G 96 17.40 17.33 6.60
CA ARG G 96 18.11 17.97 5.47
C ARG G 96 19.21 18.91 5.92
N GLY G 97 20.32 18.90 5.19
CA GLY G 97 21.38 19.90 5.38
C GLY G 97 21.00 21.28 4.87
N SER G 98 19.76 21.45 4.43
CA SER G 98 19.23 22.71 3.93
C SER G 98 17.98 23.07 4.73
N THR G 99 17.33 24.16 4.35
CA THR G 99 16.12 24.65 4.99
C THR G 99 14.83 23.97 4.48
N LEU G 100 14.98 23.01 3.56
CA LEU G 100 13.84 22.38 2.91
C LEU G 100 13.27 21.21 3.69
N GLY G 101 13.90 20.88 4.83
CA GLY G 101 13.62 19.66 5.54
C GLY G 101 12.78 19.82 6.78
N ARG G 102 12.45 18.70 7.41
CA ARG G 102 11.70 18.70 8.66
C ARG G 102 12.62 18.84 9.87
N LEU G 103 12.11 19.50 10.91
CA LEU G 103 12.74 19.47 12.23
C LEU G 103 11.84 18.63 13.13
N TYR G 104 12.45 17.64 13.76
CA TYR G 104 11.76 16.76 14.67
C TYR G 104 12.16 17.10 16.10
N PHE G 105 11.19 17.56 16.88
CA PHE G 105 11.43 18.01 18.25
C PHE G 105 11.11 16.92 19.24
N GLY G 106 12.06 16.68 20.15
CA GLY G 106 11.78 15.87 21.33
C GLY G 106 10.79 16.58 22.23
N ARG G 107 10.19 15.81 23.13
CA ARG G 107 9.23 16.30 24.10
C ARG G 107 9.88 17.25 25.11
N GLY G 108 11.18 17.09 25.33
CA GLY G 108 11.89 17.86 26.33
C GLY G 108 12.06 17.11 27.64
N THR G 109 13.19 17.36 28.29
CA THR G 109 13.50 16.75 29.59
C THR G 109 13.59 17.88 30.59
N GLN G 110 12.72 17.85 31.58
CA GLN G 110 12.72 18.88 32.61
C GLN G 110 13.66 18.49 33.74
N LEU G 111 14.77 19.23 33.81
CA LEU G 111 15.76 19.10 34.85
C LEU G 111 15.55 20.14 35.95
N THR G 112 15.42 19.68 37.19
CA THR G 112 15.41 20.56 38.35
C THR G 112 16.70 20.35 39.12
N VAL G 113 17.38 21.44 39.48
CA VAL G 113 18.59 21.38 40.30
C VAL G 113 18.33 22.04 41.66
N TRP G 114 18.29 21.23 42.72
N TRP G 114 18.33 21.21 42.71
CA TRP G 114 18.09 21.76 44.06
CA TRP G 114 18.14 21.64 44.09
C TRP G 114 19.42 21.90 44.81
C TRP G 114 19.47 21.92 44.78
N PRO G 115 19.48 22.82 45.79
CA PRO G 115 20.70 23.04 46.57
C PRO G 115 21.02 21.86 47.49
N ASP G 116 22.29 21.48 47.59
CA ASP G 116 22.70 20.47 48.56
C ASP G 116 23.01 21.15 49.88
N ILE G 117 21.95 21.45 50.64
CA ILE G 117 22.06 22.18 51.91
C ILE G 117 22.87 21.39 52.93
N GLN G 118 24.06 21.91 53.24
CA GLN G 118 24.98 21.26 54.18
C GLN G 118 24.52 21.40 55.62
N ASN G 119 24.31 22.64 56.07
CA ASN G 119 23.88 22.91 57.45
C ASN G 119 22.43 23.41 57.52
N PRO G 120 21.46 22.49 57.69
CA PRO G 120 20.05 22.85 57.77
C PRO G 120 19.62 23.32 59.16
N ASP G 121 19.02 24.51 59.22
CA ASP G 121 18.42 25.02 60.45
C ASP G 121 16.93 25.30 60.22
N PRO G 122 16.13 24.24 59.97
CA PRO G 122 14.73 24.44 59.58
C PRO G 122 13.91 25.17 60.65
N ALA G 123 13.29 26.29 60.24
CA ALA G 123 12.59 27.18 61.15
C ALA G 123 11.48 27.97 60.45
N VAL G 124 10.33 28.05 61.13
CA VAL G 124 9.24 28.90 60.70
C VAL G 124 9.40 30.24 61.41
N TYR G 125 9.15 31.34 60.71
CA TYR G 125 9.25 32.67 61.31
C TYR G 125 8.00 33.50 61.01
N GLN G 126 7.88 34.63 61.68
CA GLN G 126 6.77 35.57 61.46
C GLN G 126 7.30 36.97 61.25
N LEU G 127 7.09 37.50 60.04
CA LEU G 127 7.57 38.83 59.67
C LEU G 127 6.48 39.88 59.88
N ARG G 128 6.85 41.01 60.47
CA ARG G 128 5.95 42.15 60.60
C ARG G 128 5.82 42.88 59.28
N ASP G 129 4.68 43.51 59.06
CA ASP G 129 4.37 44.20 57.81
C ASP G 129 4.91 45.63 57.86
N SER G 130 5.56 46.08 56.80
CA SER G 130 6.35 47.32 56.83
C SER G 130 5.57 48.63 57.06
N LYS G 131 4.46 48.79 56.34
CA LYS G 131 3.65 50.01 56.43
C LYS G 131 2.15 49.68 56.56
N SER G 132 1.86 48.62 57.31
CA SER G 132 0.51 48.07 57.44
C SER G 132 0.44 47.04 58.55
N SER G 133 -0.67 47.02 59.29
CA SER G 133 -0.85 46.07 60.40
C SER G 133 -2.32 45.65 60.57
N ASP G 134 -2.59 44.44 61.06
CA ASP G 134 -1.56 43.47 61.48
C ASP G 134 -1.74 42.14 60.75
N SER G 136 -0.17 39.23 58.13
CA SER G 136 1.25 38.93 58.31
C SER G 136 1.70 37.71 57.50
N VAL G 137 3.03 37.48 57.49
CA VAL G 137 3.66 36.45 56.67
C VAL G 137 4.46 35.46 57.52
N CYS G 138 4.29 34.18 57.25
CA CYS G 138 5.09 33.12 57.88
C CYS G 138 6.15 32.61 56.91
N LEU G 139 7.39 32.58 57.38
CA LEU G 139 8.51 32.15 56.55
C LEU G 139 9.10 30.83 57.03
N PHE G 140 8.77 29.75 56.31
CA PHE G 140 9.42 28.46 56.51
C PHE G 140 10.72 28.53 55.74
N THR G 141 11.83 28.32 56.44
CA THR G 141 13.15 28.50 55.83
C THR G 141 14.23 27.56 56.39
N ASP G 142 15.32 27.46 55.63
CA ASP G 142 16.55 26.76 56.03
C ASP G 142 16.40 25.24 56.14
N PHE G 143 15.36 24.69 55.49
CA PHE G 143 15.22 23.24 55.38
C PHE G 143 16.02 22.72 54.18
N ASP G 144 16.27 21.41 54.15
CA ASP G 144 17.02 20.81 53.05
C ASP G 144 16.08 20.36 51.95
N SER G 145 16.67 19.84 50.87
CA SER G 145 15.92 19.46 49.67
C SER G 145 15.16 18.14 49.82
N GLN G 146 15.27 17.50 50.97
CA GLN G 146 14.47 16.31 51.26
C GLN G 146 13.04 16.71 51.64
N THR G 147 12.89 17.83 52.34
CA THR G 147 11.59 18.35 52.76
C THR G 147 10.81 18.96 51.60
N ASN G 148 9.56 18.54 51.43
CA ASN G 148 8.68 19.10 50.41
C ASN G 148 7.54 19.93 50.99
N VAL G 149 7.11 20.94 50.24
CA VAL G 149 6.07 21.87 50.68
C VAL G 149 4.77 21.60 49.94
N SER G 150 3.79 21.08 50.67
CA SER G 150 2.46 20.84 50.11
C SER G 150 1.62 22.12 50.15
N GLN G 151 0.78 22.30 49.14
CA GLN G 151 -0.08 23.47 49.03
C GLN G 151 -1.26 23.42 50.02
N SER G 152 -2.02 24.51 50.09
CA SER G 152 -3.11 24.63 51.05
C SER G 152 -4.36 23.85 50.64
N LYS G 153 -5.07 23.34 51.64
CA LYS G 153 -6.40 22.81 51.45
C LYS G 153 -7.41 23.96 51.46
N ASP G 154 -7.36 24.75 52.53
CA ASP G 154 -8.26 25.89 52.75
C ASP G 154 -8.05 26.97 51.68
N SER G 155 -9.15 27.55 51.23
CA SER G 155 -9.15 28.55 50.17
C SER G 155 -8.53 29.89 50.61
N ASP G 156 -8.69 30.22 51.89
CA ASP G 156 -8.22 31.51 52.42
C ASP G 156 -6.77 31.49 52.92
N VAL G 157 -6.12 30.34 52.80
CA VAL G 157 -4.72 30.20 53.20
C VAL G 157 -3.86 30.04 51.95
N TYR G 158 -2.74 30.73 51.90
CA TYR G 158 -1.85 30.69 50.73
C TYR G 158 -0.46 30.23 51.09
N ILE G 159 -0.09 29.07 50.56
CA ILE G 159 1.23 28.48 50.76
C ILE G 159 1.93 28.41 49.40
N THR G 160 3.17 28.88 49.37
CA THR G 160 3.96 28.97 48.15
C THR G 160 4.88 27.75 48.04
N ASP G 161 5.38 27.47 46.84
CA ASP G 161 6.39 26.43 46.66
C ASP G 161 7.75 26.88 47.21
N LYS G 162 8.62 25.91 47.50
CA LYS G 162 9.97 26.20 47.96
C LYS G 162 10.83 26.87 46.88
N CYS G 163 11.61 27.86 47.29
CA CYS G 163 12.46 28.64 46.41
C CYS G 163 13.85 28.82 47.04
N VAL G 164 14.89 28.76 46.20
CA VAL G 164 16.29 28.84 46.64
C VAL G 164 16.88 30.22 46.39
N LEU G 165 17.43 30.85 47.43
CA LEU G 165 18.23 32.05 47.21
C LEU G 165 19.73 31.82 47.41
N ASP G 166 20.54 32.44 46.57
CA ASP G 166 21.98 32.28 46.59
C ASP G 166 22.66 33.56 47.07
N MET G 167 23.19 33.51 48.29
CA MET G 167 23.99 34.60 48.84
C MET G 167 25.43 34.43 48.40
N ARG G 168 25.75 34.99 47.23
CA ARG G 168 27.01 34.73 46.54
C ARG G 168 28.26 35.00 47.37
N SER G 169 28.33 36.20 47.94
CA SER G 169 29.50 36.63 48.74
C SER G 169 29.77 35.69 49.93
N MET G 170 28.74 35.45 50.73
CA MET G 170 28.86 34.55 51.88
C MET G 170 28.90 33.07 51.46
N ASP G 171 28.68 32.80 50.16
CA ASP G 171 28.62 31.43 49.63
C ASP G 171 27.67 30.58 50.48
N PHE G 172 26.39 30.90 50.39
CA PHE G 172 25.37 30.31 51.23
C PHE G 172 24.04 30.27 50.49
N LYS G 173 23.46 29.09 50.42
CA LYS G 173 22.18 28.88 49.74
C LYS G 173 21.13 28.42 50.76
N SER G 174 19.88 28.84 50.56
CA SER G 174 18.80 28.39 51.43
C SER G 174 17.44 28.32 50.75
N ASN G 175 16.74 27.22 51.01
CA ASN G 175 15.35 27.08 50.64
C ASN G 175 14.46 27.94 51.53
N SER G 176 13.34 28.37 50.99
CA SER G 176 12.34 29.11 51.75
C SER G 176 10.99 28.94 51.08
N ALA G 177 9.95 28.89 51.91
CA ALA G 177 8.57 28.85 51.45
C ALA G 177 7.77 29.81 52.32
N VAL G 178 6.80 30.47 51.69
CA VAL G 178 6.06 31.57 52.29
C VAL G 178 4.58 31.22 52.40
N ALA G 179 4.05 31.38 53.61
CA ALA G 179 2.63 31.22 53.87
C ALA G 179 2.01 32.51 54.41
N TRP G 180 0.81 32.82 53.95
CA TRP G 180 0.04 33.94 54.46
C TRP G 180 -1.45 33.68 54.36
N SER G 181 -2.24 34.47 55.09
CA SER G 181 -3.70 34.34 55.09
C SER G 181 -4.37 35.65 55.47
N ASN G 182 -5.64 35.78 55.08
CA ASN G 182 -6.45 36.94 55.43
C ASN G 182 -6.97 36.86 56.86
N LYS G 183 -7.43 35.66 57.25
CA LYS G 183 -8.01 35.45 58.59
C LYS G 183 -7.00 35.81 59.70
N SER G 184 -7.43 36.70 60.59
CA SER G 184 -6.56 37.27 61.62
C SER G 184 -6.11 36.22 62.65
N ASP G 185 -6.92 35.17 62.77
CA ASP G 185 -6.63 34.04 63.64
C ASP G 185 -5.41 33.23 63.19
N PHE G 186 -5.17 33.22 61.88
CA PHE G 186 -4.08 32.44 61.26
C PHE G 186 -2.77 32.49 62.04
N ALA G 187 -2.22 31.32 62.33
CA ALA G 187 -1.01 31.18 63.12
C ALA G 187 0.09 30.44 62.37
N CYS G 188 1.33 30.88 62.55
CA CYS G 188 2.49 30.29 61.87
C CYS G 188 2.79 28.86 62.31
N ALA G 189 2.28 28.49 63.48
CA ALA G 189 2.46 27.15 64.03
C ALA G 189 1.67 26.09 63.27
N ASN G 190 0.52 26.50 62.72
CA ASN G 190 -0.35 25.60 61.96
C ASN G 190 -0.22 25.79 60.44
N ALA G 191 0.69 26.68 60.04
CA ALA G 191 0.82 27.13 58.65
C ALA G 191 1.13 26.00 57.67
N PHE G 192 2.21 25.27 57.94
CA PHE G 192 2.66 24.20 57.05
C PHE G 192 2.27 22.83 57.59
N ASN G 193 1.11 22.80 58.24
CA ASN G 193 0.54 21.59 58.84
C ASN G 193 0.32 20.46 57.82
N ASN G 194 -0.08 20.84 56.60
CA ASN G 194 -0.32 19.88 55.52
C ASN G 194 0.95 19.48 54.78
N SER G 195 2.08 20.06 55.17
CA SER G 195 3.37 19.69 54.63
C SER G 195 4.14 18.80 55.61
N ILE G 196 5.04 17.98 55.08
CA ILE G 196 5.92 17.15 55.91
C ILE G 196 7.07 17.98 56.51
N ILE G 197 6.83 18.51 57.70
CA ILE G 197 7.81 19.29 58.45
C ILE G 197 8.81 18.34 59.11
N PRO G 198 10.09 18.75 59.23
CA PRO G 198 10.99 18.02 60.12
C PRO G 198 10.59 18.18 61.60
N GLU G 199 11.04 17.27 62.46
CA GLU G 199 10.69 17.32 63.88
C GLU G 199 11.33 18.51 64.61
N ASP G 200 12.64 18.68 64.40
CA ASP G 200 13.41 19.72 65.07
C ASP G 200 13.25 21.10 64.42
N THR G 201 12.01 21.54 64.25
CA THR G 201 11.72 22.81 63.58
C THR G 201 11.42 23.92 64.58
N PHE G 202 12.18 25.01 64.50
CA PHE G 202 12.04 26.14 65.41
C PHE G 202 10.82 26.99 65.10
N PHE G 203 10.18 27.50 66.15
CA PHE G 203 9.00 28.35 66.01
C PHE G 203 9.13 29.64 66.84
N PRO G 204 8.64 30.77 66.30
CA PRO G 204 8.78 32.06 66.96
C PRO G 204 7.73 32.32 68.06
N SER G 205 7.74 33.51 68.63
CA SER G 205 6.80 33.90 69.67
C SER G 205 6.38 35.36 69.51
N GLU H 2 20.06 34.70 18.58
CA GLU H 2 19.08 35.01 19.66
C GLU H 2 18.74 36.51 19.69
N ALA H 3 19.78 37.35 19.79
CA ALA H 3 19.64 38.80 19.94
C ALA H 3 19.12 39.53 18.69
N ASP H 4 19.11 38.85 17.54
CA ASP H 4 18.72 39.47 16.26
C ASP H 4 17.33 39.09 15.77
N ILE H 5 16.45 38.72 16.70
CA ILE H 5 15.07 38.41 16.38
C ILE H 5 14.18 38.93 17.52
N TYR H 6 13.14 39.66 17.16
CA TYR H 6 12.35 40.42 18.12
C TYR H 6 10.87 40.04 18.09
N GLN H 7 10.22 40.13 19.24
CA GLN H 7 8.78 39.91 19.31
C GLN H 7 8.12 40.98 20.19
N THR H 8 7.11 41.66 19.64
CA THR H 8 6.31 42.61 20.42
C THR H 8 4.80 42.31 20.35
N PRO H 9 4.10 42.51 21.47
CA PRO H 9 4.69 42.88 22.76
C PRO H 9 5.25 41.63 23.45
N ARG H 10 5.95 41.81 24.57
CA ARG H 10 6.48 40.67 25.30
C ARG H 10 5.35 39.99 26.06
N TYR H 11 4.40 40.80 26.49
CA TYR H 11 3.21 40.35 27.21
C TYR H 11 1.98 41.00 26.59
N LEU H 12 0.91 40.22 26.48
CA LEU H 12 -0.33 40.73 25.89
C LEU H 12 -1.56 40.19 26.60
N VAL H 13 -2.44 41.11 27.02
CA VAL H 13 -3.77 40.76 27.50
C VAL H 13 -4.82 41.42 26.62
N ILE H 14 -5.84 40.64 26.23
CA ILE H 14 -6.95 41.17 25.43
C ILE H 14 -8.28 40.43 25.70
N GLY H 15 -9.38 41.14 25.49
CA GLY H 15 -10.72 40.58 25.69
C GLY H 15 -11.13 39.55 24.65
N THR H 16 -12.09 38.71 25.01
CA THR H 16 -12.56 37.64 24.14
C THR H 16 -13.35 38.19 22.94
N GLY H 17 -13.14 37.60 21.77
CA GLY H 17 -13.79 38.03 20.53
C GLY H 17 -12.95 39.00 19.70
N LYS H 18 -12.18 39.84 20.38
CA LYS H 18 -11.39 40.89 19.74
C LYS H 18 -10.22 40.32 18.94
N LYS H 19 -9.72 41.10 17.98
CA LYS H 19 -8.63 40.70 17.09
C LYS H 19 -7.27 40.84 17.78
N ILE H 20 -6.35 39.97 17.42
CA ILE H 20 -5.01 39.92 18.01
C ILE H 20 -3.95 39.80 16.92
N THR H 21 -2.93 40.67 16.99
CA THR H 21 -1.77 40.59 16.12
C THR H 21 -0.46 40.59 16.93
N LEU H 22 0.36 39.55 16.70
CA LEU H 22 1.63 39.42 17.40
C LEU H 22 2.77 39.71 16.44
N GLU H 23 3.63 40.65 16.81
CA GLU H 23 4.69 41.11 15.92
C GLU H 23 5.94 40.26 16.09
N CYS H 24 6.41 39.70 14.97
CA CYS H 24 7.71 39.07 14.95
C CYS H 24 8.55 39.66 13.82
N SER H 25 9.74 40.13 14.18
CA SER H 25 10.66 40.74 13.23
C SER H 25 12.08 40.29 13.47
N GLN H 26 12.94 40.64 12.54
CA GLN H 26 14.31 40.16 12.47
C GLN H 26 15.04 41.19 11.62
N THR H 27 16.26 41.58 12.00
CA THR H 27 17.02 42.53 11.16
C THR H 27 17.88 41.84 10.12
N MET H 28 18.06 40.53 10.28
N MET H 28 18.07 40.53 10.26
CA MET H 28 18.77 39.68 9.32
CA MET H 28 18.79 39.77 9.25
C MET H 28 17.86 39.46 8.09
C MET H 28 17.94 39.67 7.97
N GLY H 29 18.40 38.87 7.02
CA GLY H 29 17.63 38.61 5.80
C GLY H 29 17.40 37.15 5.56
N HIS H 30 17.07 36.42 6.63
CA HIS H 30 16.77 35.01 6.52
C HIS H 30 15.38 34.78 5.97
N ASP H 31 15.30 33.99 4.90
CA ASP H 31 14.02 33.67 4.26
C ASP H 31 13.16 32.78 5.15
N LYS H 32 13.79 31.76 5.73
CA LYS H 32 13.11 30.67 6.43
C LYS H 32 12.71 31.07 7.84
N MET H 33 11.41 31.03 8.12
CA MET H 33 10.89 31.50 9.41
C MET H 33 9.73 30.65 9.94
N TYR H 34 9.57 30.63 11.26
CA TYR H 34 8.66 29.70 11.93
C TYR H 34 7.86 30.38 13.03
N TRP H 35 6.64 29.88 13.27
CA TRP H 35 5.85 30.23 14.44
C TRP H 35 5.53 28.98 15.29
N TYR H 36 5.81 29.04 16.57
CA TYR H 36 5.50 27.93 17.47
C TYR H 36 4.46 28.34 18.52
N GLN H 37 3.73 27.36 19.02
CA GLN H 37 2.81 27.54 20.14
C GLN H 37 3.25 26.63 21.28
N GLN H 38 3.31 27.17 22.48
CA GLN H 38 3.72 26.37 23.63
C GLN H 38 2.92 26.76 24.87
N ASP H 39 2.08 25.83 25.34
CA ASP H 39 1.42 25.94 26.63
C ASP H 39 2.48 25.63 27.71
N PRO H 40 2.41 26.32 28.87
CA PRO H 40 3.38 26.09 29.96
C PRO H 40 3.55 24.61 30.29
N GLY H 41 4.80 24.19 30.47
CA GLY H 41 5.12 22.78 30.67
C GLY H 41 5.21 21.94 29.40
N MET H 42 4.34 22.23 28.43
CA MET H 42 4.20 21.39 27.24
C MET H 42 5.25 21.64 26.17
N GLU H 43 5.21 20.82 25.12
CA GLU H 43 6.18 20.91 24.04
C GLU H 43 5.91 22.05 23.06
N LEU H 44 6.87 22.22 22.15
CA LEU H 44 6.78 23.20 21.08
C LEU H 44 6.03 22.63 19.88
N HIS H 45 4.86 23.20 19.61
CA HIS H 45 4.07 22.86 18.44
C HIS H 45 4.21 23.89 17.31
N LEU H 46 4.82 23.45 16.20
CA LEU H 46 4.90 24.20 14.94
C LEU H 46 3.51 24.52 14.37
N ILE H 47 3.17 25.80 14.32
CA ILE H 47 1.85 26.17 13.79
C ILE H 47 1.89 26.80 12.38
N HIS H 48 3.00 27.45 12.05
CA HIS H 48 3.18 28.04 10.72
C HIS H 48 4.67 28.09 10.35
N TYR H 49 4.95 28.01 9.05
CA TYR H 49 6.31 28.27 8.56
C TYR H 49 6.32 28.96 7.20
N SER H 50 7.50 29.45 6.79
CA SER H 50 7.64 30.26 5.58
C SER H 50 9.01 30.14 4.93
N TYR H 51 9.04 30.16 3.60
CA TYR H 51 10.30 30.14 2.86
C TYR H 51 10.72 31.50 2.31
N GLY H 52 9.93 32.53 2.60
CA GLY H 52 10.18 33.85 2.04
C GLY H 52 8.87 34.56 1.81
N VAL H 53 8.87 35.67 1.08
CA VAL H 53 7.66 36.48 0.99
C VAL H 53 6.54 35.81 0.19
N ASN H 54 5.32 35.95 0.71
CA ASN H 54 4.09 35.34 0.14
C ASN H 54 4.04 33.81 0.31
N SER H 55 5.01 33.28 1.05
CA SER H 55 5.00 31.90 1.51
C SER H 55 4.43 31.84 2.93
N THR H 56 3.30 31.15 3.09
CA THR H 56 2.71 30.94 4.40
C THR H 56 2.17 29.53 4.48
N GLU H 57 3.03 28.59 4.87
CA GLU H 57 2.64 27.20 5.02
C GLU H 57 2.13 26.87 6.42
N LYS H 58 1.26 25.86 6.50
CA LYS H 58 0.69 25.42 7.77
C LYS H 58 1.61 24.41 8.45
N GLY H 59 1.68 24.49 9.78
CA GLY H 59 2.56 23.61 10.56
C GLY H 59 1.93 22.29 10.99
N ASP H 60 2.63 21.59 11.87
CA ASP H 60 2.17 20.30 12.42
C ASP H 60 0.86 20.44 13.20
N LEU H 61 0.81 21.40 14.12
CA LEU H 61 -0.41 21.62 14.91
C LEU H 61 -1.42 22.44 14.13
N SER H 62 -2.68 22.03 14.23
CA SER H 62 -3.80 22.78 13.67
C SER H 62 -3.97 24.07 14.48
N SER H 63 -4.30 25.15 13.79
CA SER H 63 -4.45 26.46 14.43
C SER H 63 -5.41 27.35 13.64
N GLU H 64 -6.20 28.14 14.35
CA GLU H 64 -7.01 29.18 13.70
C GLU H 64 -6.29 30.53 13.58
N SER H 65 -5.01 30.56 13.94
CA SER H 65 -4.19 31.72 13.67
C SER H 65 -3.86 31.79 12.20
N THR H 66 -3.61 33.00 11.70
CA THR H 66 -3.10 33.18 10.35
C THR H 66 -1.78 33.95 10.40
N VAL H 67 -0.93 33.75 9.41
CA VAL H 67 0.30 34.53 9.29
C VAL H 67 0.33 35.28 7.97
N SER H 68 1.21 36.27 7.90
CA SER H 68 1.45 37.04 6.67
C SER H 68 2.94 37.32 6.50
N ARG H 69 3.43 37.11 5.27
CA ARG H 69 4.82 37.34 4.91
C ARG H 69 4.90 38.27 3.69
N ILE H 70 4.81 39.55 3.99
CA ILE H 70 4.73 40.59 2.99
C ILE H 70 6.08 41.32 2.85
N ARG H 71 6.95 41.08 3.84
CA ARG H 71 8.32 41.60 3.92
C ARG H 71 9.22 40.48 4.39
N THR H 72 10.46 40.46 3.92
CA THR H 72 11.43 39.47 4.41
C THR H 72 11.53 39.48 5.94
N GLU H 73 11.58 40.68 6.52
CA GLU H 73 11.97 40.84 7.91
C GLU H 73 10.83 40.83 8.93
N HIS H 74 9.59 40.71 8.45
CA HIS H 74 8.42 40.74 9.32
C HIS H 74 7.51 39.52 9.10
N PHE H 75 7.07 38.91 10.19
CA PHE H 75 6.25 37.69 10.13
C PHE H 75 5.08 37.78 11.11
N PRO H 76 4.20 38.77 10.92
CA PRO H 76 3.12 39.00 11.87
C PRO H 76 2.16 37.81 11.95
N LEU H 77 1.79 37.42 13.17
CA LEU H 77 0.76 36.42 13.37
C LEU H 77 -0.53 37.08 13.84
N THR H 78 -1.65 36.62 13.29
CA THR H 78 -2.96 37.15 13.63
C THR H 78 -3.90 36.06 14.11
N LEU H 79 -4.69 36.40 15.12
CA LEU H 79 -5.90 35.68 15.50
C LEU H 79 -7.06 36.67 15.30
N GLU H 80 -7.99 36.34 14.39
CA GLU H 80 -9.07 37.26 14.03
C GLU H 80 -10.11 37.42 15.14
N SER H 81 -10.25 36.38 15.96
CA SER H 81 -11.17 36.42 17.10
C SER H 81 -10.61 35.71 18.33
N ALA H 82 -10.11 36.50 19.26
CA ALA H 82 -9.55 36.02 20.51
C ALA H 82 -10.54 35.18 21.30
N ARG H 83 -10.09 34.01 21.72
CA ARG H 83 -10.84 33.20 22.67
C ARG H 83 -9.92 32.58 23.72
N PRO H 84 -10.42 32.38 24.95
CA PRO H 84 -9.63 31.92 26.09
C PRO H 84 -8.64 30.78 25.81
N SER H 85 -9.01 29.87 24.90
CA SER H 85 -8.14 28.73 24.58
C SER H 85 -6.85 29.13 23.84
N HIS H 86 -6.79 30.37 23.35
CA HIS H 86 -5.58 30.87 22.70
C HIS H 86 -4.51 31.30 23.71
N THR H 87 -4.88 31.26 25.00
CA THR H 87 -3.96 31.59 26.08
C THR H 87 -2.81 30.58 26.07
N SER H 88 -1.60 31.09 25.85
CA SER H 88 -0.42 30.26 25.57
C SER H 88 0.82 31.16 25.41
N GLN H 89 1.95 30.53 25.15
CA GLN H 89 3.16 31.24 24.72
C GLN H 89 3.38 30.99 23.22
N TYR H 90 3.71 32.07 22.50
CA TYR H 90 3.91 32.02 21.07
C TYR H 90 5.35 32.39 20.70
N LEU H 91 6.06 31.46 20.09
CA LEU H 91 7.48 31.64 19.77
C LEU H 91 7.80 31.70 18.28
N CYS H 92 8.42 32.80 17.88
CA CYS H 92 8.88 33.05 16.53
C CYS H 92 10.30 32.51 16.34
N ALA H 93 10.62 32.10 15.11
CA ALA H 93 11.95 31.56 14.81
C ALA H 93 12.39 31.81 13.37
N SER H 94 13.70 31.89 13.18
CA SER H 94 14.25 32.05 11.84
C SER H 94 15.30 30.98 11.66
N SER H 95 15.62 30.66 10.40
CA SER H 95 16.73 29.76 10.08
C SER H 95 17.64 30.41 9.10
N GLY H 96 18.93 30.28 9.35
CA GLY H 96 19.96 30.74 8.45
C GLY H 96 21.30 30.24 8.92
N LEU H 97 22.34 30.57 8.15
CA LEU H 97 23.70 30.15 8.43
C LEU H 97 24.20 30.72 9.75
N ARG H 98 25.20 30.06 10.33
CA ARG H 98 25.75 30.49 11.60
C ARG H 98 27.27 30.36 11.62
N ASP H 99 27.83 29.90 12.74
CA ASP H 99 29.29 29.76 12.92
C ASP H 99 29.95 28.72 12.02
N ARG H 100 29.18 27.72 11.57
CA ARG H 100 29.65 26.73 10.60
C ARG H 100 28.76 26.67 9.36
N GLY H 101 28.96 25.64 8.54
CA GLY H 101 28.21 25.44 7.30
C GLY H 101 26.84 24.79 7.49
N LEU H 102 26.23 25.00 8.66
CA LEU H 102 24.92 24.44 8.95
C LEU H 102 23.90 25.54 9.13
N TYR H 103 22.66 25.27 8.71
CA TYR H 103 21.56 26.20 8.92
C TYR H 103 20.92 25.88 10.26
N GLU H 104 20.87 26.89 11.11
CA GLU H 104 20.46 26.73 12.50
C GLU H 104 19.31 27.65 12.83
N GLN H 105 18.58 27.30 13.88
CA GLN H 105 17.46 28.11 14.34
C GLN H 105 17.87 29.23 15.26
N TYR H 106 17.15 30.34 15.14
CA TYR H 106 17.27 31.49 15.99
C TYR H 106 15.86 31.75 16.53
N PHE H 107 15.69 31.62 17.84
CA PHE H 107 14.39 31.82 18.44
C PHE H 107 14.26 33.22 19.01
N GLY H 108 13.11 33.83 18.77
CA GLY H 108 12.74 35.09 19.39
C GLY H 108 12.36 34.88 20.85
N PRO H 109 12.20 35.96 21.61
CA PRO H 109 12.04 35.85 23.06
C PRO H 109 10.69 35.24 23.45
N GLY H 110 9.71 35.32 22.56
CA GLY H 110 8.37 34.80 22.81
C GLY H 110 7.38 35.86 23.26
N THR H 111 6.10 35.59 23.01
CA THR H 111 5.02 36.43 23.50
C THR H 111 4.07 35.61 24.37
N ARG H 112 3.79 36.12 25.56
CA ARG H 112 2.81 35.56 26.48
C ARG H 112 1.46 36.23 26.27
N LEU H 113 0.48 35.42 25.89
CA LEU H 113 -0.87 35.92 25.61
C LEU H 113 -1.88 35.33 26.58
N THR H 114 -2.69 36.22 27.15
CA THR H 114 -3.79 35.81 27.98
C THR H 114 -5.05 36.44 27.43
N VAL H 115 -5.99 35.58 26.99
CA VAL H 115 -7.28 36.05 26.53
C VAL H 115 -8.28 35.98 27.66
N THR H 116 -8.78 37.14 28.08
CA THR H 116 -9.72 37.24 29.18
C THR H 116 -11.14 37.43 28.66
N GLU H 117 -12.14 37.20 29.50
CA GLU H 117 -13.53 37.39 29.08
C GLU H 117 -13.87 38.87 28.96
N ASP H 118 -13.40 39.65 29.92
CA ASP H 118 -13.67 41.08 29.97
C ASP H 118 -12.41 41.80 30.45
N LEU H 119 -12.24 43.06 30.02
CA LEU H 119 -11.10 43.85 30.45
C LEU H 119 -11.25 44.41 31.87
N LYS H 120 -12.48 44.41 32.40
CA LYS H 120 -12.72 44.81 33.79
C LYS H 120 -12.10 43.82 34.79
N ASN H 121 -11.74 42.63 34.31
CA ASN H 121 -11.03 41.64 35.12
C ASN H 121 -9.55 41.99 35.34
N VAL H 122 -9.01 42.89 34.53
CA VAL H 122 -7.61 43.30 34.62
C VAL H 122 -7.38 44.20 35.83
N PHE H 123 -6.45 43.79 36.70
CA PHE H 123 -6.11 44.56 37.90
C PHE H 123 -4.60 44.64 38.10
N PRO H 124 -4.10 45.82 38.56
CA PRO H 124 -2.70 45.96 38.91
C PRO H 124 -2.41 45.34 40.30
N PRO H 125 -1.17 44.86 40.52
CA PRO H 125 -0.85 44.28 41.81
C PRO H 125 -0.74 45.32 42.93
N GLU H 126 -1.19 44.94 44.12
CA GLU H 126 -0.83 45.65 45.35
C GLU H 126 0.43 45.00 45.89
N VAL H 127 1.35 45.81 46.43
CA VAL H 127 2.65 45.32 46.86
C VAL H 127 2.96 45.73 48.30
N ALA H 128 3.44 44.76 49.09
CA ALA H 128 3.84 45.01 50.48
C ALA H 128 5.17 44.33 50.78
N VAL H 129 6.00 44.99 51.59
CA VAL H 129 7.25 44.39 52.08
C VAL H 129 7.09 44.06 53.56
N PHE H 130 7.46 42.83 53.91
CA PHE H 130 7.37 42.37 55.28
C PHE H 130 8.77 42.29 55.85
N GLU H 131 8.95 42.91 57.02
CA GLU H 131 10.27 43.10 57.62
C GLU H 131 10.66 41.92 58.50
N PRO H 132 11.97 41.56 58.49
CA PRO H 132 12.50 40.32 59.09
C PRO H 132 12.02 40.03 60.51
N SER H 133 11.89 38.74 60.81
CA SER H 133 11.54 38.27 62.14
C SER H 133 12.75 38.43 63.06
N GLU H 134 12.53 39.03 64.23
CA GLU H 134 13.58 39.22 65.22
C GLU H 134 14.23 37.89 65.61
N ALA H 135 13.39 36.87 65.77
CA ALA H 135 13.85 35.50 66.05
C ALA H 135 14.85 34.97 65.03
N GLU H 136 14.70 35.37 63.76
CA GLU H 136 15.64 34.98 62.69
C GLU H 136 17.03 35.59 62.91
N ILE H 137 17.05 36.86 63.27
CA ILE H 137 18.30 37.62 63.45
C ILE H 137 19.16 37.11 64.62
N SER H 138 18.51 36.77 65.73
CA SER H 138 19.23 36.23 66.89
C SER H 138 19.52 34.73 66.79
N HIS H 139 18.99 34.08 65.75
CA HIS H 139 19.16 32.64 65.57
C HIS H 139 20.13 32.30 64.45
N THR H 140 19.91 32.90 63.28
CA THR H 140 20.73 32.63 62.08
C THR H 140 21.80 33.69 61.86
N GLN H 141 21.61 34.86 62.45
CA GLN H 141 22.43 36.05 62.19
C GLN H 141 22.23 36.55 60.76
N LYS H 142 21.12 36.14 60.16
CA LYS H 142 20.70 36.58 58.83
C LYS H 142 19.27 37.12 58.88
N ALA H 143 18.94 38.00 57.94
CA ALA H 143 17.62 38.63 57.89
C ALA H 143 16.95 38.43 56.53
N THR H 144 15.70 37.95 56.55
CA THR H 144 14.94 37.73 55.33
C THR H 144 13.82 38.77 55.18
N LEU H 145 13.85 39.48 54.05
CA LEU H 145 12.79 40.40 53.67
C LEU H 145 11.85 39.67 52.71
N VAL H 146 10.55 39.71 53.01
CA VAL H 146 9.55 39.06 52.16
C VAL H 146 8.64 40.07 51.49
N CYS H 147 8.50 39.92 50.17
CA CYS H 147 7.66 40.78 49.36
C CYS H 147 6.46 40.03 48.80
N LEU H 148 5.31 40.69 48.81
CA LEU H 148 4.05 40.10 48.36
C LEU H 148 3.35 40.96 47.32
N ALA H 149 3.09 40.37 46.16
CA ALA H 149 2.29 41.02 45.13
C ALA H 149 0.93 40.33 45.07
N THR H 150 -0.13 41.07 45.35
CA THR H 150 -1.46 40.46 45.47
C THR H 150 -2.48 41.11 44.54
N GLY H 151 -3.51 40.34 44.20
CA GLY H 151 -4.66 40.86 43.45
C GLY H 151 -4.43 41.30 42.01
N PHE H 152 -3.45 40.72 41.33
CA PHE H 152 -3.23 41.08 39.93
C PHE H 152 -3.77 40.06 38.92
N TYR H 153 -4.19 40.60 37.77
CA TYR H 153 -4.60 39.80 36.62
C TYR H 153 -4.35 40.65 35.39
N PRO H 154 -3.73 40.08 34.34
CA PRO H 154 -3.28 38.68 34.24
C PRO H 154 -1.93 38.49 34.95
N ASP H 155 -1.46 37.25 35.05
CA ASP H 155 -0.18 37.00 35.68
C ASP H 155 0.98 37.36 34.74
N HIS H 156 1.05 38.65 34.40
CA HIS H 156 2.08 39.19 33.53
C HIS H 156 2.90 40.19 34.35
N VAL H 157 3.92 39.67 35.02
CA VAL H 157 4.56 40.37 36.12
C VAL H 157 6.07 40.13 36.15
N GLU H 158 6.82 41.19 36.47
CA GLU H 158 8.25 41.09 36.66
C GLU H 158 8.65 41.75 37.97
N LEU H 159 9.26 40.95 38.85
CA LEU H 159 9.62 41.38 40.18
C LEU H 159 11.13 41.51 40.33
N SER H 160 11.55 42.56 41.03
CA SER H 160 12.96 42.79 41.33
C SER H 160 13.15 43.49 42.68
N TRP H 161 14.30 43.26 43.29
CA TRP H 161 14.67 43.95 44.51
C TRP H 161 15.74 45.01 44.18
N TRP H 162 15.56 46.20 44.73
CA TRP H 162 16.52 47.28 44.54
C TRP H 162 17.03 47.74 45.91
N VAL H 163 18.32 47.50 46.16
CA VAL H 163 18.98 47.90 47.39
C VAL H 163 19.74 49.22 47.18
N ASN H 164 19.28 50.26 47.88
CA ASN H 164 19.89 51.60 47.81
C ASN H 164 19.88 52.20 46.39
N GLY H 165 18.84 51.89 45.62
CA GLY H 165 18.69 52.42 44.27
C GLY H 165 19.38 51.61 43.19
N LYS H 166 19.98 50.48 43.56
CA LYS H 166 20.62 49.58 42.61
C LYS H 166 19.99 48.19 42.69
N GLU H 167 19.69 47.62 41.53
CA GLU H 167 19.05 46.30 41.48
C GLU H 167 20.00 45.18 41.92
N VAL H 168 19.51 44.34 42.81
CA VAL H 168 20.31 43.21 43.29
C VAL H 168 19.71 41.87 42.86
N HIS H 169 20.57 40.86 42.72
CA HIS H 169 20.16 39.50 42.41
C HIS H 169 20.59 38.51 43.50
N SER H 170 21.65 38.86 44.22
CA SER H 170 22.17 38.00 45.29
C SER H 170 21.17 37.81 46.42
N GLY H 171 21.17 36.62 47.01
CA GLY H 171 20.28 36.27 48.11
C GLY H 171 18.82 36.57 47.82
N VAL H 172 18.48 36.60 46.54
CA VAL H 172 17.11 36.90 46.10
C VAL H 172 16.55 35.66 45.43
N CYS H 173 15.25 35.43 45.59
CA CYS H 173 14.55 34.48 44.74
C CYS H 173 13.04 34.67 44.75
N THR H 174 12.45 34.46 43.58
CA THR H 174 11.03 34.70 43.36
C THR H 174 10.38 33.41 42.86
N ASP H 175 9.15 33.17 43.31
CA ASP H 175 8.37 32.02 42.85
C ASP H 175 8.38 31.99 41.33
N PRO H 176 8.68 30.81 40.74
CA PRO H 176 8.50 30.71 39.30
C PRO H 176 7.04 30.98 38.90
N GLN H 177 6.08 30.37 39.60
CA GLN H 177 4.66 30.51 39.27
C GLN H 177 3.90 31.33 40.32
N PRO H 178 3.18 32.37 39.86
CA PRO H 178 2.23 33.04 40.74
C PRO H 178 1.02 32.13 40.93
N LEU H 179 0.52 32.05 42.15
CA LEU H 179 -0.64 31.22 42.43
C LEU H 179 -1.94 32.01 42.34
N LYS H 180 -3.06 31.30 42.21
CA LYS H 180 -4.39 31.92 42.14
C LYS H 180 -4.93 32.22 43.52
N GLU H 181 -5.48 33.43 43.68
CA GLU H 181 -6.08 33.82 44.95
C GLU H 181 -7.40 33.09 45.17
N GLN H 182 -8.10 32.80 44.09
CA GLN H 182 -9.36 32.07 44.12
C GLN H 182 -9.34 31.01 43.02
N PRO H 183 -8.78 29.82 43.33
CA PRO H 183 -8.50 28.81 42.29
C PRO H 183 -9.74 28.25 41.57
N ALA H 184 -10.92 28.76 41.91
CA ALA H 184 -12.18 28.28 41.33
C ALA H 184 -12.76 29.21 40.25
N LEU H 185 -12.51 30.52 40.38
CA LEU H 185 -12.96 31.50 39.39
C LEU H 185 -12.05 31.46 38.15
N ASN H 186 -12.63 31.64 36.96
CA ASN H 186 -11.92 31.46 35.68
C ASN H 186 -10.82 32.49 35.43
N ASP H 187 -11.15 33.77 35.65
CA ASP H 187 -10.16 34.84 35.56
C ASP H 187 -9.72 35.26 36.97
N SER H 188 -9.30 34.26 37.75
CA SER H 188 -8.84 34.49 39.11
C SER H 188 -7.66 35.43 39.12
N ARG H 189 -7.62 36.26 40.16
CA ARG H 189 -6.47 37.11 40.41
C ARG H 189 -5.31 36.28 40.92
N TYR H 190 -4.10 36.82 40.85
CA TYR H 190 -2.91 36.09 41.24
C TYR H 190 -2.13 36.77 42.35
N ALA H 191 -1.30 35.97 43.01
CA ALA H 191 -0.39 36.44 44.03
C ALA H 191 1.01 35.87 43.78
N LEU H 192 2.03 36.63 44.14
CA LEU H 192 3.42 36.24 43.97
C LEU H 192 4.26 36.73 45.16
N SER H 193 5.20 35.90 45.59
CA SER H 193 6.10 36.28 46.66
C SER H 193 7.56 36.19 46.25
N SER H 194 8.39 37.04 46.87
CA SER H 194 9.83 36.99 46.70
C SER H 194 10.54 37.16 48.04
N ARG H 195 11.73 36.57 48.15
CA ARG H 195 12.58 36.71 49.33
C ARG H 195 13.90 37.35 48.97
N LEU H 196 14.29 38.38 49.73
CA LEU H 196 15.65 38.91 49.69
C LEU H 196 16.30 38.73 51.05
N ARG H 197 17.42 38.03 51.07
CA ARG H 197 18.12 37.73 52.31
C ARG H 197 19.48 38.40 52.39
N VAL H 198 19.61 39.32 53.35
CA VAL H 198 20.87 40.00 53.65
C VAL H 198 21.29 39.73 55.09
N SER H 199 22.58 39.90 55.37
CA SER H 199 23.13 39.66 56.72
C SER H 199 22.45 40.55 57.78
N ALA H 200 22.41 40.05 59.01
CA ALA H 200 21.85 40.79 60.15
C ALA H 200 22.44 42.19 60.29
N THR H 201 23.73 42.31 59.96
CA THR H 201 24.45 43.58 60.00
C THR H 201 23.89 44.58 58.99
N PHE H 202 23.73 44.12 57.76
CA PHE H 202 23.29 44.97 56.65
C PHE H 202 21.84 45.44 56.83
N TRP H 203 21.04 44.64 57.53
CA TRP H 203 19.66 44.99 57.80
C TRP H 203 19.53 46.08 58.86
N GLN H 204 20.35 45.97 59.91
CA GLN H 204 20.25 46.83 61.08
C GLN H 204 20.76 48.27 60.88
N ASN H 205 21.45 48.51 59.76
CA ASN H 205 21.87 49.86 59.39
C ASN H 205 20.68 50.72 58.94
N PRO H 206 20.43 51.85 59.62
CA PRO H 206 19.29 52.71 59.28
C PRO H 206 19.38 53.38 57.90
N ARG H 207 20.60 53.47 57.36
CA ARG H 207 20.83 54.13 56.07
C ARG H 207 20.36 53.32 54.88
N ASN H 208 20.34 52.00 55.02
CA ASN H 208 19.99 51.10 53.92
C ASN H 208 18.51 51.15 53.50
N HIS H 209 18.30 51.18 52.19
CA HIS H 209 16.97 51.27 51.61
C HIS H 209 16.67 50.06 50.72
N PHE H 210 15.54 49.40 50.99
CA PHE H 210 15.13 48.21 50.25
C PHE H 210 13.81 48.46 49.53
N ARG H 211 13.79 48.24 48.21
CA ARG H 211 12.56 48.37 47.44
C ARG H 211 12.22 47.11 46.64
N CYS H 212 10.99 46.63 46.83
CA CYS H 212 10.47 45.54 46.02
C CYS H 212 9.65 46.14 44.90
N GLN H 213 10.05 45.83 43.66
CA GLN H 213 9.44 46.40 42.47
C GLN H 213 8.72 45.33 41.65
N VAL H 214 7.48 45.63 41.28
CA VAL H 214 6.69 44.74 40.43
C VAL H 214 6.30 45.47 39.14
N GLN H 215 6.91 45.07 38.03
CA GLN H 215 6.53 45.57 36.71
C GLN H 215 5.31 44.79 36.22
N PHE H 216 4.18 45.47 36.16
CA PHE H 216 2.92 44.86 35.71
C PHE H 216 2.66 45.23 34.25
N TYR H 217 2.25 44.24 33.47
CA TYR H 217 1.88 44.43 32.08
C TYR H 217 0.38 44.31 31.95
N GLY H 218 -0.25 45.36 31.42
CA GLY H 218 -1.71 45.38 31.29
C GLY H 218 -2.21 46.02 30.01
N LEU H 219 -2.95 47.11 30.16
CA LEU H 219 -3.66 47.73 29.06
C LEU H 219 -2.82 48.83 28.41
N SER H 220 -3.22 49.25 27.21
CA SER H 220 -2.54 50.33 26.50
C SER H 220 -3.50 51.46 26.11
N GLU H 221 -3.00 52.41 25.33
CA GLU H 221 -3.78 53.56 24.86
C GLU H 221 -4.93 53.14 23.93
N ASN H 222 -4.75 52.07 23.17
CA ASN H 222 -5.78 51.64 22.22
C ASN H 222 -6.92 50.81 22.82
N ASP H 223 -6.70 50.26 24.01
CA ASP H 223 -7.74 49.58 24.77
C ASP H 223 -8.77 50.58 25.28
N GLU H 224 -10.04 50.20 25.23
CA GLU H 224 -11.10 51.04 25.76
C GLU H 224 -11.34 50.75 27.24
N TRP H 225 -11.64 51.80 27.99
CA TRP H 225 -11.91 51.69 29.43
C TRP H 225 -13.10 52.56 29.80
N THR H 226 -14.08 51.97 30.48
CA THR H 226 -15.35 52.64 30.80
C THR H 226 -15.71 52.63 32.28
N GLN H 227 -14.83 52.06 33.10
CA GLN H 227 -15.08 51.93 34.54
C GLN H 227 -14.45 53.06 35.38
N ASP H 228 -15.07 53.36 36.53
CA ASP H 228 -14.63 54.48 37.39
C ASP H 228 -13.19 54.37 37.93
N ARG H 229 -12.77 53.15 38.26
CA ARG H 229 -11.41 52.92 38.74
C ARG H 229 -10.37 53.17 37.64
N ALA H 230 -9.19 53.63 38.03
CA ALA H 230 -8.10 53.92 37.11
C ALA H 230 -7.87 52.78 36.12
N LYS H 231 -7.63 53.13 34.87
CA LYS H 231 -7.32 52.19 33.82
C LYS H 231 -6.05 51.42 34.19
N PRO H 232 -6.16 50.07 34.27
CA PRO H 232 -5.04 49.24 34.70
C PRO H 232 -4.00 49.07 33.59
N VAL H 233 -3.36 50.17 33.24
CA VAL H 233 -2.28 50.16 32.24
C VAL H 233 -1.04 49.51 32.80
N THR H 234 -0.14 49.11 31.90
CA THR H 234 1.20 48.64 32.23
C THR H 234 1.89 49.61 33.18
N GLN H 235 2.25 49.11 34.37
CA GLN H 235 2.77 49.99 35.43
C GLN H 235 3.65 49.30 36.46
N ILE H 236 4.44 50.10 37.17
CA ILE H 236 5.29 49.64 38.29
C ILE H 236 4.61 49.97 39.61
N VAL H 237 4.56 48.97 40.49
CA VAL H 237 4.05 49.13 41.85
C VAL H 237 5.14 48.71 42.82
N SER H 238 5.44 49.57 43.79
CA SER H 238 6.54 49.33 44.72
C SER H 238 6.10 49.23 46.17
N ALA H 239 6.92 48.55 46.97
CA ALA H 239 6.83 48.64 48.42
C ALA H 239 8.24 48.78 48.96
N GLU H 240 8.39 49.57 50.01
CA GLU H 240 9.71 49.86 50.58
C GLU H 240 9.80 49.71 52.10
N ALA H 241 11.00 49.38 52.56
CA ALA H 241 11.31 49.30 53.97
C ALA H 241 12.73 49.81 54.21
N TRP H 242 12.90 50.60 55.27
CA TRP H 242 14.21 51.06 55.69
C TRP H 242 14.78 50.11 56.71
N GLY H 243 16.11 50.01 56.75
CA GLY H 243 16.80 49.25 57.79
C GLY H 243 16.52 49.75 59.19
N ARG H 244 16.40 48.84 60.13
CA ARG H 244 16.01 49.17 61.50
C ARG H 244 16.88 48.42 62.52
N ALA H 245 17.45 49.19 63.45
CA ALA H 245 18.37 48.65 64.46
C ALA H 245 17.64 48.03 65.66
N ASP H 246 16.55 48.68 66.07
CA ASP H 246 15.75 48.23 67.23
C ASP H 246 14.32 47.92 66.84
C1 NAG I . 6.15 3.45 -6.12
C2 NAG I . 4.66 3.47 -5.74
C3 NAG I . 4.38 4.32 -4.51
C4 NAG I . 5.32 3.93 -3.38
C5 NAG I . 6.76 4.12 -3.88
C6 NAG I . 7.82 3.90 -2.79
C7 NAG I . 3.06 3.17 -7.56
C8 NAG I . 2.98 3.51 -9.01
N2 NAG I . 3.83 3.97 -6.82
O3 NAG I . 3.04 4.14 -4.11
O4 NAG I . 5.04 4.78 -2.29
O5 NAG I . 7.02 3.29 -5.01
O6 NAG I . 7.85 2.55 -2.35
O7 NAG I . 2.45 2.20 -7.11
C1 BMA I . 4.66 4.02 -1.13
C2 BMA I . 5.22 4.72 0.11
C3 BMA I . 4.81 3.95 1.37
C4 BMA I . 3.28 3.76 1.41
C5 BMA I . 2.85 3.07 0.10
C6 BMA I . 1.33 2.90 0.05
O2 BMA I . 4.76 6.07 0.16
O3 BMA I . 5.23 4.63 2.53
O4 BMA I . 2.91 3.02 2.55
O5 BMA I . 3.26 3.84 -1.02
O6 BMA I . 1.04 1.53 -0.13
C1 NAG J . 2.94 -9.70 0.25
C2 NAG J . 2.61 -8.57 1.20
C3 NAG J . 1.13 -8.17 1.10
C4 NAG J . 0.68 -7.91 -0.34
C5 NAG J . 1.19 -9.03 -1.28
C6 NAG J . 1.03 -8.65 -2.74
C7 NAG J . 3.19 -8.01 3.47
C8 NAG J . 2.90 -8.38 4.90
N2 NAG J . 2.90 -8.94 2.57
O3 NAG J . 0.89 -7.01 1.89
O4 NAG J . -0.73 -7.79 -0.24
O5 NAG J . 2.57 -9.29 -1.07
O6 NAG J . 1.67 -9.59 -3.55
O7 NAG J . 3.66 -6.91 3.20
C1 NDG J . -1.41 -7.34 -1.44
C2 NDG J . -2.07 -5.95 -1.29
C3 NDG J . -3.56 -5.83 -1.65
C4 NDG J . -4.34 -7.16 -1.78
C5 NDG J . -3.53 -8.30 -1.16
C6 NDG J . -4.22 -9.66 -1.19
C7 NDG J . -1.42 -4.22 0.34
C8 NDG J . -0.92 -4.01 1.73
O5 NDG J . -2.32 -8.34 -1.88
O3 NDG J . -3.72 -5.04 -2.82
O4 NDG J . -5.59 -7.03 -1.13
O6 NDG J . -3.86 -10.38 -2.35
O7 NDG J . -1.39 -3.30 -0.48
N2 NDG J . -1.89 -5.44 0.06
C1 BMA J . -4.75 -4.06 -2.60
C2 BMA J . -4.31 -2.66 -3.04
C3 BMA J . -5.44 -1.63 -2.88
C4 BMA J . -6.82 -2.15 -3.30
C5 BMA J . -7.07 -3.61 -2.89
C6 BMA J . -8.32 -4.17 -3.56
O2 BMA J . -3.86 -2.68 -4.38
O3 BMA J . -5.14 -0.47 -3.63
O4 BMA J . -7.80 -1.32 -2.71
O5 BMA J . -5.97 -4.42 -3.25
O6 BMA J . -8.40 -5.55 -3.35
C1 NAG K . -4.09 11.02 -6.82
C2 NAG K . -5.58 10.90 -6.44
C3 NAG K . -5.98 9.43 -6.37
C4 NAG K . -5.98 8.92 -7.79
C5 NAG K . -4.55 9.04 -8.34
C6 NAG K . -4.57 9.49 -9.81
C7 NAG K . -5.39 11.66 -4.05
C8 NAG K . -4.86 10.38 -3.45
N2 NAG K . -5.97 11.65 -5.26
O3 NAG K . -7.25 9.27 -5.77
O4 NAG K . -6.48 7.61 -7.87
O5 NAG K . -3.66 9.88 -7.57
O6 NAG K . -3.42 9.02 -10.47
O7 NAG K . -5.31 12.71 -3.41
C1 AGH L . 19.34 13.56 1.01
C2 AGH L . 19.21 13.99 -0.45
C3 AGH L . 18.66 15.41 -0.67
C4 AGH L . 18.67 15.82 -2.14
C5 AGH L . 17.84 14.87 -3.03
C6 AGH L . 17.78 15.35 -4.47
O3 AGH L . 17.31 15.48 -0.18
C18 AGH L . 9.45 21.18 -8.33
C17 AGH L . 10.80 21.46 -8.97
C16 AGH L . 11.89 21.06 -8.00
C15 AGH L . 13.25 21.12 -8.66
C14 AGH L . 13.94 19.77 -8.54
C13 AGH L . 15.44 19.98 -8.52
C12 AGH L . 16.11 18.80 -7.86
C11 AGH L . 17.03 18.10 -8.85
C10 AGH L . 18.34 17.71 -8.20
C9 AGH L . 18.12 17.07 -6.83
C8 AGH L . 19.09 15.92 -6.59
C7 AGH L . 19.16 15.57 -5.10
O4 AGH L . 18.18 17.16 -2.26
O1A AGH L . 20.18 14.47 1.72
C1A AGH L . 19.98 14.46 3.15
O6A AGH L . 20.61 13.32 3.77
C5M AGH L . 22.04 13.27 3.60
C6A AGH L . 22.60 12.01 4.26
O5A AGH L . 21.82 10.90 3.79
C4A AGH L . 22.70 14.54 4.16
O4A AGH L . 22.46 14.57 5.56
C3A AGH L . 22.07 15.75 3.50
O3A AGH L . 22.65 17.00 3.91
C2A AGH L . 20.56 15.74 3.73
O2A AGH L . 19.99 16.88 3.09
N2 AGH L . 20.57 14.00 -1.00
CAA AGH L . 21.11 12.91 -1.54
OAA AGH L . 20.53 11.84 -1.61
CAB AGH L . 22.52 13.06 -2.06
CAC AGH L . 22.83 11.94 -3.04
CAD AGH L . 22.42 12.28 -4.46
CAE AGH L . 22.56 11.05 -5.35
CAF AGH L . 22.13 11.30 -6.79
CAG AGH L . 21.92 10.00 -7.56
CAH AGH L . 22.03 10.18 -9.07
CAI AGH L . 20.66 10.19 -9.75
CAJ AGH L . 20.59 9.24 -10.95
CAK AGH L . 19.43 8.26 -10.80
CAL AGH L . 19.45 7.22 -11.92
CAM AGH L . 19.54 5.81 -11.37
CAN AGH L . 19.60 4.78 -12.48
CAO AGH L . 20.40 3.54 -12.03
CAP AGH L . 21.89 3.75 -12.21
CAQ AGH L . 22.68 2.45 -12.09
CAR AGH L . 24.07 2.66 -12.68
CAS AGH L . 25.17 2.22 -11.73
CAT AGH L . 25.77 3.38 -10.94
CAU AGH L . 26.87 4.09 -11.73
CAV AGH L . 27.29 5.39 -11.08
CAW AGH L . 26.21 6.46 -11.22
CAX AGH L . 26.74 7.81 -10.77
CAY AGH L . 26.16 8.92 -11.65
CAZ AGH L . 25.18 9.77 -10.87
C1 NAG M . -3.94 -9.83 10.89
C2 NAG M . -2.76 -8.92 11.26
C3 NAG M . -3.22 -7.75 12.13
C4 NAG M . -4.52 -7.14 11.59
C5 NAG M . -5.63 -8.18 11.48
C6 NAG M . -6.40 -8.00 10.17
C7 NAG M . -0.48 -9.20 12.19
C8 NAG M . 0.69 -9.77 11.45
N2 NAG M . -1.70 -9.68 11.91
O3 NAG M . -2.23 -6.75 12.17
O4 NAG M . -4.90 -6.07 12.41
O5 NAG M . -5.13 -9.51 11.61
O6 NAG M . -7.17 -9.15 9.89
O7 NAG M . -0.27 -8.34 13.04
C1 AGH N . -2.56 -21.96 -10.52
C2 AGH N . -1.71 -22.67 -9.45
C3 AGH N . -2.58 -23.49 -8.48
C4 AGH N . -1.79 -24.41 -7.53
C5 AGH N . -0.68 -23.71 -6.73
C6 AGH N . -0.21 -24.50 -5.51
O3 AGH N . -3.41 -22.62 -7.71
C18 AGH N . -4.03 -24.72 4.79
C17 AGH N . -3.17 -25.94 4.52
C16 AGH N . -3.49 -26.53 3.15
C15 AGH N . -2.29 -27.28 2.56
C14 AGH N . -1.78 -26.58 1.31
C13 AGH N . -1.02 -27.55 0.43
C12 AGH N . 0.27 -26.90 -0.07
C11 AGH N . 0.76 -27.54 -1.36
C10 AGH N . 0.86 -26.49 -2.47
C9 AGH N . 1.14 -27.15 -3.82
C8 AGH N . 1.63 -26.13 -4.87
C7 AGH N . 0.54 -25.78 -5.87
O4 AGH N . -2.75 -25.00 -6.64
O1A AGH N . -3.28 -22.92 -11.31
C1A AGH N . -4.34 -22.35 -12.08
O6A AGH N . -3.82 -21.66 -13.23
C5M AGH N . -3.16 -22.48 -14.22
C6A AGH N . -2.71 -21.59 -15.38
O5A AGH N . -1.55 -20.88 -14.95
C4A AGH N . -4.02 -23.66 -14.70
O4A AGH N . -5.10 -23.20 -15.52
C3A AGH N . -4.56 -24.41 -13.48
O3A AGH N . -5.41 -25.47 -13.88
C2A AGH N . -5.28 -23.46 -12.52
O2A AGH N . -5.72 -24.17 -11.37
N2 AGH N . -0.94 -23.66 -10.16
CAA AGH N . 0.33 -23.49 -10.52
OAA AGH N . 1.00 -22.49 -10.27
CAB AGH N . 0.88 -24.68 -11.26
CAC AGH N . 2.40 -24.78 -11.29
CAD AGH N . 3.02 -24.98 -9.92
CAE AGH N . 4.22 -24.06 -9.84
CAF AGH N . 5.25 -24.66 -8.89
CAG AGH N . 6.35 -23.66 -8.57
CAH AGH N . 7.51 -24.38 -7.87
CAI AGH N . 7.44 -24.20 -6.36
CAJ AGH N . 8.81 -23.90 -5.75
CAK AGH N . 8.75 -22.65 -4.87
CAL AGH N . 10.15 -22.18 -4.49
CAM AGH N . 10.52 -20.89 -5.21
CAN AGH N . 11.90 -20.40 -4.78
CAO AGH N . 12.42 -19.29 -5.70
CAP AGH N . 13.81 -19.61 -6.23
CAQ AGH N . 13.93 -19.27 -7.72
CAR AGH N . 15.14 -19.95 -8.38
CAS AGH N . 14.76 -21.31 -8.95
CAT AGH N . 15.37 -21.55 -10.33
CAU AGH N . 14.48 -22.45 -11.16
CAV AGH N . 14.90 -23.91 -11.10
CAW AGH N . 13.73 -24.86 -11.32
CAX AGH N . 13.00 -25.13 -9.99
CAY AGH N . 11.68 -25.87 -10.21
CAZ AGH N . 10.86 -25.91 -8.93
MG MG O . 17.44 36.02 1.42
#